data_7FV2
# 
_entry.id   7FV2 
# 
_audit_conform.dict_name       mmcif_pdbx.dic 
_audit_conform.dict_version    5.392 
_audit_conform.dict_location   http://mmcif.pdb.org/dictionaries/ascii/mmcif_pdbx.dic 
# 
loop_
_database_2.database_id 
_database_2.database_code 
_database_2.pdbx_database_accession 
_database_2.pdbx_DOI 
PDB   7FV2         pdb_00007fv2 10.2210/pdb7fv2/pdb 
WWPDB D_1001405383 ?            ?                   
# 
loop_
_pdbx_audit_revision_history.ordinal 
_pdbx_audit_revision_history.data_content_type 
_pdbx_audit_revision_history.major_revision 
_pdbx_audit_revision_history.minor_revision 
_pdbx_audit_revision_history.revision_date 
1 'Structure model' 1 0 2023-03-29 
2 'Structure model' 1 1 2024-05-22 
# 
_pdbx_audit_revision_details.ordinal             1 
_pdbx_audit_revision_details.revision_ordinal    1 
_pdbx_audit_revision_details.data_content_type   'Structure model' 
_pdbx_audit_revision_details.provider            repository 
_pdbx_audit_revision_details.type                'Initial release' 
_pdbx_audit_revision_details.description         ? 
_pdbx_audit_revision_details.details             ? 
# 
_pdbx_audit_revision_group.ordinal             1 
_pdbx_audit_revision_group.revision_ordinal    2 
_pdbx_audit_revision_group.data_content_type   'Structure model' 
_pdbx_audit_revision_group.group               'Data collection' 
# 
loop_
_pdbx_audit_revision_category.ordinal 
_pdbx_audit_revision_category.revision_ordinal 
_pdbx_audit_revision_category.data_content_type 
_pdbx_audit_revision_category.category 
1 2 'Structure model' chem_comp_atom 
2 2 'Structure model' chem_comp_bond 
# 
_pdbx_database_status.entry_id                        7FV2 
_pdbx_database_status.status_code                     REL 
_pdbx_database_status.status_code_sf                  REL 
_pdbx_database_status.status_code_mr                  ? 
_pdbx_database_status.status_code_cs                  ? 
_pdbx_database_status.recvd_initial_deposition_date   2023-03-09 
_pdbx_database_status.status_code_nmr_data            ? 
_pdbx_database_status.deposit_site                    RCSB 
_pdbx_database_status.process_site                    RCSB 
_pdbx_database_status.SG_entry                        ? 
_pdbx_database_status.pdb_format_compatible           Y 
_pdbx_database_status.methods_development_category    ? 
# 
_pdbx_contact_author.id                 1 
_pdbx_contact_author.email              frank.von-delft@diamond.ac.uk 
_pdbx_contact_author.name_first         Frank 
_pdbx_contact_author.name_last          'von Delft' 
_pdbx_contact_author.role               'principal investigator/group leader' 
_pdbx_contact_author.identifier_ORCID   0000-0003-0378-0017 
_pdbx_contact_author.name_mi            ? 
# 
loop_
_audit_author.name 
_audit_author.pdbx_ordinal 
'Grosjean, H.'   1 
'Tomlinson, C.'  2 
'Bradshaw, W.J.' 3 
'Koekemoer, L.'  4 
'Krojer, T.'     5 
'Fearon, D.'     6 
'Biggin, P.C.'   7 
'von Delft, F.'  8 
# 
_citation.id                        primary 
_citation.title                     'PanDDA analysis group deposition' 
_citation.journal_abbrev            'To Be Published' 
_citation.journal_volume            ? 
_citation.page_first                ? 
_citation.page_last                 ? 
_citation.year                      ? 
_citation.journal_id_ASTM           ? 
_citation.country                   ? 
_citation.journal_id_ISSN           ? 
_citation.journal_id_CSD            0353 
_citation.book_publisher            ? 
_citation.pdbx_database_id_PubMed   ? 
_citation.pdbx_database_id_DOI      ? 
# 
loop_
_citation_author.citation_id 
_citation_author.name 
_citation_author.identifier_ORCID 
_citation_author.ordinal 
primary 'Grosjean, H.'   ? 1 
primary 'Tomlinson, C.'  ? 2 
primary 'Bradshaw, W.J.' ? 3 
primary 'Koekemoer, L.'  ? 4 
primary 'Krojer, T.'     ? 5 
primary 'Fearon, D.'     ? 6 
primary 'Biggin, P.C.'   ? 7 
primary 'von Delft, F.'  ? 8 
# 
loop_
_entity.id 
_entity.type 
_entity.src_method 
_entity.pdbx_description 
_entity.formula_weight 
_entity.pdbx_number_of_molecules 
_entity.pdbx_ec 
_entity.pdbx_mutation 
_entity.pdbx_fragment 
_entity.details 
1 polymer     man 'PH-interacting protein'                                              17627.859 1   ? ? ? ? 
2 non-polymer syn 'N-(2-methoxyethyl)-4-(thiophene-2-carbonyl)piperazine-1-carboxamide' 297.373   1   ? ? ? ? 
3 water       nat water                                                                 18.015    218 ? ? ? ? 
# 
_entity_name_com.entity_id   1 
_entity_name_com.name        
'PHIP,DDB1- and CUL4-associated factor 14,IRS-1 PH domain-binding protein,WD repeat-containing protein 11' 
# 
_entity_poly.entity_id                      1 
_entity_poly.type                           'polypeptide(L)' 
_entity_poly.nstd_linkage                   no 
_entity_poly.nstd_monomer                   no 
_entity_poly.pdbx_seq_one_letter_code       
;MHHHHHHSSGVDLGTENLYFQSMSYDIQAWKKQCEELLNLIFQCEDSEPFRQPVDLLEYPDYRDIIDTPMDFATVRETLE
AGNYESPMELCKDVRLIFSNSKAYTPSKRSRIYSMSLRLSAFFEEHISSVLSDYKSALRFHKRNTITKR
;
_entity_poly.pdbx_seq_one_letter_code_can   
;MHHHHHHSSGVDLGTENLYFQSMSYDIQAWKKQCEELLNLIFQCEDSEPFRQPVDLLEYPDYRDIIDTPMDFATVRETLE
AGNYESPMELCKDVRLIFSNSKAYTPSKRSRIYSMSLRLSAFFEEHISSVLSDYKSALRFHKRNTITKR
;
_entity_poly.pdbx_strand_id                 A 
_entity_poly.pdbx_target_identifier         ? 
# 
loop_
_pdbx_entity_nonpoly.entity_id 
_pdbx_entity_nonpoly.name 
_pdbx_entity_nonpoly.comp_id 
2 'N-(2-methoxyethyl)-4-(thiophene-2-carbonyl)piperazine-1-carboxamide' ZKH 
3 water                                                                 HOH 
# 
loop_
_entity_poly_seq.entity_id 
_entity_poly_seq.num 
_entity_poly_seq.mon_id 
_entity_poly_seq.hetero 
1 1   MET n 
1 2   HIS n 
1 3   HIS n 
1 4   HIS n 
1 5   HIS n 
1 6   HIS n 
1 7   HIS n 
1 8   SER n 
1 9   SER n 
1 10  GLY n 
1 11  VAL n 
1 12  ASP n 
1 13  LEU n 
1 14  GLY n 
1 15  THR n 
1 16  GLU n 
1 17  ASN n 
1 18  LEU n 
1 19  TYR n 
1 20  PHE n 
1 21  GLN n 
1 22  SER n 
1 23  MET n 
1 24  SER n 
1 25  TYR n 
1 26  ASP n 
1 27  ILE n 
1 28  GLN n 
1 29  ALA n 
1 30  TRP n 
1 31  LYS n 
1 32  LYS n 
1 33  GLN n 
1 34  CYS n 
1 35  GLU n 
1 36  GLU n 
1 37  LEU n 
1 38  LEU n 
1 39  ASN n 
1 40  LEU n 
1 41  ILE n 
1 42  PHE n 
1 43  GLN n 
1 44  CYS n 
1 45  GLU n 
1 46  ASP n 
1 47  SER n 
1 48  GLU n 
1 49  PRO n 
1 50  PHE n 
1 51  ARG n 
1 52  GLN n 
1 53  PRO n 
1 54  VAL n 
1 55  ASP n 
1 56  LEU n 
1 57  LEU n 
1 58  GLU n 
1 59  TYR n 
1 60  PRO n 
1 61  ASP n 
1 62  TYR n 
1 63  ARG n 
1 64  ASP n 
1 65  ILE n 
1 66  ILE n 
1 67  ASP n 
1 68  THR n 
1 69  PRO n 
1 70  MET n 
1 71  ASP n 
1 72  PHE n 
1 73  ALA n 
1 74  THR n 
1 75  VAL n 
1 76  ARG n 
1 77  GLU n 
1 78  THR n 
1 79  LEU n 
1 80  GLU n 
1 81  ALA n 
1 82  GLY n 
1 83  ASN n 
1 84  TYR n 
1 85  GLU n 
1 86  SER n 
1 87  PRO n 
1 88  MET n 
1 89  GLU n 
1 90  LEU n 
1 91  CYS n 
1 92  LYS n 
1 93  ASP n 
1 94  VAL n 
1 95  ARG n 
1 96  LEU n 
1 97  ILE n 
1 98  PHE n 
1 99  SER n 
1 100 ASN n 
1 101 SER n 
1 102 LYS n 
1 103 ALA n 
1 104 TYR n 
1 105 THR n 
1 106 PRO n 
1 107 SER n 
1 108 LYS n 
1 109 ARG n 
1 110 SER n 
1 111 ARG n 
1 112 ILE n 
1 113 TYR n 
1 114 SER n 
1 115 MET n 
1 116 SER n 
1 117 LEU n 
1 118 ARG n 
1 119 LEU n 
1 120 SER n 
1 121 ALA n 
1 122 PHE n 
1 123 PHE n 
1 124 GLU n 
1 125 GLU n 
1 126 HIS n 
1 127 ILE n 
1 128 SER n 
1 129 SER n 
1 130 VAL n 
1 131 LEU n 
1 132 SER n 
1 133 ASP n 
1 134 TYR n 
1 135 LYS n 
1 136 SER n 
1 137 ALA n 
1 138 LEU n 
1 139 ARG n 
1 140 PHE n 
1 141 HIS n 
1 142 LYS n 
1 143 ARG n 
1 144 ASN n 
1 145 THR n 
1 146 ILE n 
1 147 THR n 
1 148 LYS n 
1 149 ARG n 
# 
_entity_src_gen.entity_id                          1 
_entity_src_gen.pdbx_src_id                        1 
_entity_src_gen.pdbx_alt_source_flag               sample 
_entity_src_gen.pdbx_seq_type                      'Biological sequence' 
_entity_src_gen.pdbx_beg_seq_num                   1 
_entity_src_gen.pdbx_end_seq_num                   149 
_entity_src_gen.gene_src_common_name               human 
_entity_src_gen.gene_src_genus                     ? 
_entity_src_gen.pdbx_gene_src_gene                 'PHIP, DCAF14, WDR11' 
_entity_src_gen.gene_src_species                   ? 
_entity_src_gen.gene_src_strain                    ? 
_entity_src_gen.gene_src_tissue                    ? 
_entity_src_gen.gene_src_tissue_fraction           ? 
_entity_src_gen.gene_src_details                   ? 
_entity_src_gen.pdbx_gene_src_fragment             ? 
_entity_src_gen.pdbx_gene_src_scientific_name      'Homo sapiens' 
_entity_src_gen.pdbx_gene_src_ncbi_taxonomy_id     9606 
_entity_src_gen.pdbx_gene_src_variant              ? 
_entity_src_gen.pdbx_gene_src_cell_line            ? 
_entity_src_gen.pdbx_gene_src_atcc                 ? 
_entity_src_gen.pdbx_gene_src_organ                ? 
_entity_src_gen.pdbx_gene_src_organelle            ? 
_entity_src_gen.pdbx_gene_src_cell                 ? 
_entity_src_gen.pdbx_gene_src_cellular_location    ? 
_entity_src_gen.host_org_common_name               ? 
_entity_src_gen.pdbx_host_org_scientific_name      'Escherichia coli' 
_entity_src_gen.pdbx_host_org_ncbi_taxonomy_id     562 
_entity_src_gen.host_org_genus                     ? 
_entity_src_gen.pdbx_host_org_gene                 ? 
_entity_src_gen.pdbx_host_org_organ                ? 
_entity_src_gen.host_org_species                   ? 
_entity_src_gen.pdbx_host_org_tissue               ? 
_entity_src_gen.pdbx_host_org_tissue_fraction      ? 
_entity_src_gen.pdbx_host_org_strain               ? 
_entity_src_gen.pdbx_host_org_variant              ? 
_entity_src_gen.pdbx_host_org_cell_line            ? 
_entity_src_gen.pdbx_host_org_atcc                 ? 
_entity_src_gen.pdbx_host_org_culture_collection   ? 
_entity_src_gen.pdbx_host_org_cell                 ? 
_entity_src_gen.pdbx_host_org_organelle            ? 
_entity_src_gen.pdbx_host_org_cellular_location    ? 
_entity_src_gen.pdbx_host_org_vector_type          ? 
_entity_src_gen.pdbx_host_org_vector               ? 
_entity_src_gen.host_org_details                   ? 
_entity_src_gen.expression_system_id               ? 
_entity_src_gen.plasmid_name                       ? 
_entity_src_gen.plasmid_details                    ? 
_entity_src_gen.pdbx_description                   ? 
# 
loop_
_chem_comp.id 
_chem_comp.type 
_chem_comp.mon_nstd_flag 
_chem_comp.name 
_chem_comp.pdbx_synonyms 
_chem_comp.formula 
_chem_comp.formula_weight 
ALA 'L-peptide linking' y ALANINE                                                               ? 'C3 H7 N O2'      89.093  
ARG 'L-peptide linking' y ARGININE                                                              ? 'C6 H15 N4 O2 1'  175.209 
ASN 'L-peptide linking' y ASPARAGINE                                                            ? 'C4 H8 N2 O3'     132.118 
ASP 'L-peptide linking' y 'ASPARTIC ACID'                                                       ? 'C4 H7 N O4'      133.103 
CYS 'L-peptide linking' y CYSTEINE                                                              ? 'C3 H7 N O2 S'    121.158 
GLN 'L-peptide linking' y GLUTAMINE                                                             ? 'C5 H10 N2 O3'    146.144 
GLU 'L-peptide linking' y 'GLUTAMIC ACID'                                                       ? 'C5 H9 N O4'      147.129 
GLY 'peptide linking'   y GLYCINE                                                               ? 'C2 H5 N O2'      75.067  
HIS 'L-peptide linking' y HISTIDINE                                                             ? 'C6 H10 N3 O2 1'  156.162 
HOH non-polymer         . WATER                                                                 ? 'H2 O'            18.015  
ILE 'L-peptide linking' y ISOLEUCINE                                                            ? 'C6 H13 N O2'     131.173 
LEU 'L-peptide linking' y LEUCINE                                                               ? 'C6 H13 N O2'     131.173 
LYS 'L-peptide linking' y LYSINE                                                                ? 'C6 H15 N2 O2 1'  147.195 
MET 'L-peptide linking' y METHIONINE                                                            ? 'C5 H11 N O2 S'   149.211 
PHE 'L-peptide linking' y PHENYLALANINE                                                         ? 'C9 H11 N O2'     165.189 
PRO 'L-peptide linking' y PROLINE                                                               ? 'C5 H9 N O2'      115.130 
SER 'L-peptide linking' y SERINE                                                                ? 'C3 H7 N O3'      105.093 
THR 'L-peptide linking' y THREONINE                                                             ? 'C4 H9 N O3'      119.119 
TRP 'L-peptide linking' y TRYPTOPHAN                                                            ? 'C11 H12 N2 O2'   204.225 
TYR 'L-peptide linking' y TYROSINE                                                              ? 'C9 H11 N O3'     181.189 
VAL 'L-peptide linking' y VALINE                                                                ? 'C5 H11 N O2'     117.146 
ZKH non-polymer         . 'N-(2-methoxyethyl)-4-(thiophene-2-carbonyl)piperazine-1-carboxamide' ? 'C13 H19 N3 O3 S' 297.373 
# 
loop_
_pdbx_poly_seq_scheme.asym_id 
_pdbx_poly_seq_scheme.entity_id 
_pdbx_poly_seq_scheme.seq_id 
_pdbx_poly_seq_scheme.mon_id 
_pdbx_poly_seq_scheme.ndb_seq_num 
_pdbx_poly_seq_scheme.pdb_seq_num 
_pdbx_poly_seq_scheme.auth_seq_num 
_pdbx_poly_seq_scheme.pdb_mon_id 
_pdbx_poly_seq_scheme.auth_mon_id 
_pdbx_poly_seq_scheme.pdb_strand_id 
_pdbx_poly_seq_scheme.pdb_ins_code 
_pdbx_poly_seq_scheme.hetero 
A 1 1   MET 1   1292 ?    ?   ?   A . n 
A 1 2   HIS 2   1293 ?    ?   ?   A . n 
A 1 3   HIS 3   1294 ?    ?   ?   A . n 
A 1 4   HIS 4   1295 ?    ?   ?   A . n 
A 1 5   HIS 5   1296 ?    ?   ?   A . n 
A 1 6   HIS 6   1297 ?    ?   ?   A . n 
A 1 7   HIS 7   1298 ?    ?   ?   A . n 
A 1 8   SER 8   1299 ?    ?   ?   A . n 
A 1 9   SER 9   1300 ?    ?   ?   A . n 
A 1 10  GLY 10  1301 ?    ?   ?   A . n 
A 1 11  VAL 11  1302 ?    ?   ?   A . n 
A 1 12  ASP 12  1303 ?    ?   ?   A . n 
A 1 13  LEU 13  1304 ?    ?   ?   A . n 
A 1 14  GLY 14  1305 ?    ?   ?   A . n 
A 1 15  THR 15  1306 ?    ?   ?   A . n 
A 1 16  GLU 16  1307 ?    ?   ?   A . n 
A 1 17  ASN 17  1308 ?    ?   ?   A . n 
A 1 18  LEU 18  1309 ?    ?   ?   A . n 
A 1 19  TYR 19  1310 ?    ?   ?   A . n 
A 1 20  PHE 20  1311 ?    ?   ?   A . n 
A 1 21  GLN 21  1312 ?    ?   ?   A . n 
A 1 22  SER 22  1313 ?    ?   ?   A . n 
A 1 23  MET 23  1314 ?    ?   ?   A . n 
A 1 24  SER 24  1315 1315 SER SER A . n 
A 1 25  TYR 25  1316 1316 TYR TYR A . n 
A 1 26  ASP 26  1317 1317 ASP ASP A . n 
A 1 27  ILE 27  1318 1318 ILE ILE A . n 
A 1 28  GLN 28  1319 1319 GLN GLN A . n 
A 1 29  ALA 29  1320 1320 ALA ALA A . n 
A 1 30  TRP 30  1321 1321 TRP TRP A . n 
A 1 31  LYS 31  1322 1322 LYS LYS A . n 
A 1 32  LYS 32  1323 1323 LYS LYS A . n 
A 1 33  GLN 33  1324 1324 GLN GLN A . n 
A 1 34  CYS 34  1325 1325 CYS CYS A . n 
A 1 35  GLU 35  1326 1326 GLU GLU A . n 
A 1 36  GLU 36  1327 1327 GLU GLU A . n 
A 1 37  LEU 37  1328 1328 LEU LEU A . n 
A 1 38  LEU 38  1329 1329 LEU LEU A . n 
A 1 39  ASN 39  1330 1330 ASN ASN A . n 
A 1 40  LEU 40  1331 1331 LEU LEU A . n 
A 1 41  ILE 41  1332 1332 ILE ILE A . n 
A 1 42  PHE 42  1333 1333 PHE PHE A . n 
A 1 43  GLN 43  1334 1334 GLN GLN A . n 
A 1 44  CYS 44  1335 1335 CYS CYS A . n 
A 1 45  GLU 45  1336 1336 GLU GLU A . n 
A 1 46  ASP 46  1337 1337 ASP ASP A . n 
A 1 47  SER 47  1338 1338 SER SER A . n 
A 1 48  GLU 48  1339 1339 GLU GLU A . n 
A 1 49  PRO 49  1340 1340 PRO PRO A . n 
A 1 50  PHE 50  1341 1341 PHE PHE A . n 
A 1 51  ARG 51  1342 1342 ARG ARG A . n 
A 1 52  GLN 52  1343 1343 GLN GLN A . n 
A 1 53  PRO 53  1344 1344 PRO PRO A . n 
A 1 54  VAL 54  1345 1345 VAL VAL A . n 
A 1 55  ASP 55  1346 1346 ASP ASP A . n 
A 1 56  LEU 56  1347 1347 LEU LEU A . n 
A 1 57  LEU 57  1348 1348 LEU LEU A . n 
A 1 58  GLU 58  1349 1349 GLU GLU A . n 
A 1 59  TYR 59  1350 1350 TYR TYR A . n 
A 1 60  PRO 60  1351 1351 PRO PRO A . n 
A 1 61  ASP 61  1352 1352 ASP ASP A . n 
A 1 62  TYR 62  1353 1353 TYR TYR A . n 
A 1 63  ARG 63  1354 1354 ARG ARG A . n 
A 1 64  ASP 64  1355 1355 ASP ASP A . n 
A 1 65  ILE 65  1356 1356 ILE ILE A . n 
A 1 66  ILE 66  1357 1357 ILE ILE A . n 
A 1 67  ASP 67  1358 1358 ASP ASP A . n 
A 1 68  THR 68  1359 1359 THR THR A . n 
A 1 69  PRO 69  1360 1360 PRO PRO A . n 
A 1 70  MET 70  1361 1361 MET MET A . n 
A 1 71  ASP 71  1362 1362 ASP ASP A . n 
A 1 72  PHE 72  1363 1363 PHE PHE A . n 
A 1 73  ALA 73  1364 1364 ALA ALA A . n 
A 1 74  THR 74  1365 1365 THR THR A . n 
A 1 75  VAL 75  1366 1366 VAL VAL A . n 
A 1 76  ARG 76  1367 1367 ARG ARG A . n 
A 1 77  GLU 77  1368 1368 GLU GLU A . n 
A 1 78  THR 78  1369 1369 THR THR A . n 
A 1 79  LEU 79  1370 1370 LEU LEU A . n 
A 1 80  GLU 80  1371 1371 GLU GLU A . n 
A 1 81  ALA 81  1372 1372 ALA ALA A . n 
A 1 82  GLY 82  1373 1373 GLY GLY A . n 
A 1 83  ASN 83  1374 1374 ASN ASN A . n 
A 1 84  TYR 84  1375 1375 TYR TYR A . n 
A 1 85  GLU 85  1376 1376 GLU GLU A . n 
A 1 86  SER 86  1377 1377 SER SER A . n 
A 1 87  PRO 87  1378 1378 PRO PRO A . n 
A 1 88  MET 88  1379 1379 MET MET A . n 
A 1 89  GLU 89  1380 1380 GLU GLU A . n 
A 1 90  LEU 90  1381 1381 LEU LEU A . n 
A 1 91  CYS 91  1382 1382 CYS CYS A . n 
A 1 92  LYS 92  1383 1383 LYS LYS A . n 
A 1 93  ASP 93  1384 1384 ASP ASP A . n 
A 1 94  VAL 94  1385 1385 VAL VAL A . n 
A 1 95  ARG 95  1386 1386 ARG ARG A . n 
A 1 96  LEU 96  1387 1387 LEU LEU A . n 
A 1 97  ILE 97  1388 1388 ILE ILE A . n 
A 1 98  PHE 98  1389 1389 PHE PHE A . n 
A 1 99  SER 99  1390 1390 SER SER A . n 
A 1 100 ASN 100 1391 1391 ASN ASN A . n 
A 1 101 SER 101 1392 1392 SER SER A . n 
A 1 102 LYS 102 1393 1393 LYS LYS A . n 
A 1 103 ALA 103 1394 1394 ALA ALA A . n 
A 1 104 TYR 104 1395 1395 TYR TYR A . n 
A 1 105 THR 105 1396 1396 THR THR A . n 
A 1 106 PRO 106 1397 1397 PRO PRO A . n 
A 1 107 SER 107 1398 1398 SER SER A . n 
A 1 108 LYS 108 1399 1399 LYS LYS A . n 
A 1 109 ARG 109 1400 1400 ARG ARG A . n 
A 1 110 SER 110 1401 1401 SER SER A . n 
A 1 111 ARG 111 1402 1402 ARG ARG A . n 
A 1 112 ILE 112 1403 1403 ILE ILE A . n 
A 1 113 TYR 113 1404 1404 TYR TYR A . n 
A 1 114 SER 114 1405 1405 SER SER A . n 
A 1 115 MET 115 1406 1406 MET MET A . n 
A 1 116 SER 116 1407 1407 SER SER A . n 
A 1 117 LEU 117 1408 1408 LEU LEU A . n 
A 1 118 ARG 118 1409 1409 ARG ARG A . n 
A 1 119 LEU 119 1410 1410 LEU LEU A . n 
A 1 120 SER 120 1411 1411 SER SER A . n 
A 1 121 ALA 121 1412 1412 ALA ALA A . n 
A 1 122 PHE 122 1413 1413 PHE PHE A . n 
A 1 123 PHE 123 1414 1414 PHE PHE A . n 
A 1 124 GLU 124 1415 1415 GLU GLU A . n 
A 1 125 GLU 125 1416 1416 GLU GLU A . n 
A 1 126 HIS 126 1417 1417 HIS HIS A . n 
A 1 127 ILE 127 1418 1418 ILE ILE A . n 
A 1 128 SER 128 1419 1419 SER SER A . n 
A 1 129 SER 129 1420 1420 SER SER A . n 
A 1 130 VAL 130 1421 1421 VAL VAL A . n 
A 1 131 LEU 131 1422 1422 LEU LEU A . n 
A 1 132 SER 132 1423 1423 SER SER A . n 
A 1 133 ASP 133 1424 1424 ASP ASP A . n 
A 1 134 TYR 134 1425 1425 TYR TYR A . n 
A 1 135 LYS 135 1426 1426 LYS LYS A . n 
A 1 136 SER 136 1427 1427 SER SER A . n 
A 1 137 ALA 137 1428 1428 ALA ALA A . n 
A 1 138 LEU 138 1429 1429 LEU LEU A . n 
A 1 139 ARG 139 1430 1430 ARG ARG A . n 
A 1 140 PHE 140 1431 1431 PHE PHE A . n 
A 1 141 HIS 141 1432 1432 HIS HIS A . n 
A 1 142 LYS 142 1433 1433 LYS LYS A . n 
A 1 143 ARG 143 1434 1434 ARG ARG A . n 
A 1 144 ASN 144 1435 1435 ASN ASN A . n 
A 1 145 THR 145 1436 ?    ?   ?   A . n 
A 1 146 ILE 146 1437 ?    ?   ?   A . n 
A 1 147 THR 147 1438 ?    ?   ?   A . n 
A 1 148 LYS 148 1439 ?    ?   ?   A . n 
A 1 149 ARG 149 1440 ?    ?   ?   A . n 
# 
loop_
_pdbx_nonpoly_scheme.asym_id 
_pdbx_nonpoly_scheme.entity_id 
_pdbx_nonpoly_scheme.mon_id 
_pdbx_nonpoly_scheme.ndb_seq_num 
_pdbx_nonpoly_scheme.pdb_seq_num 
_pdbx_nonpoly_scheme.auth_seq_num 
_pdbx_nonpoly_scheme.pdb_mon_id 
_pdbx_nonpoly_scheme.auth_mon_id 
_pdbx_nonpoly_scheme.pdb_strand_id 
_pdbx_nonpoly_scheme.pdb_ins_code 
B 2 ZKH 1   1901 1901 ZKH LIG A . 
C 3 HOH 1   2001 1662 HOH HOH A . 
C 3 HOH 2   2002 10   HOH HOH A . 
C 3 HOH 3   2003 1607 HOH HOH A . 
C 3 HOH 4   2004 32   HOH HOH A . 
C 3 HOH 5   2005 1739 HOH HOH A . 
C 3 HOH 6   2006 1628 HOH HOH A . 
C 3 HOH 7   2007 37   HOH HOH A . 
C 3 HOH 8   2008 1602 HOH HOH A . 
C 3 HOH 9   2009 1654 HOH HOH A . 
C 3 HOH 10  2010 1670 HOH HOH A . 
C 3 HOH 11  2011 1622 HOH HOH A . 
C 3 HOH 12  2012 1767 HOH HOH A . 
C 3 HOH 13  2013 25   HOH HOH A . 
C 3 HOH 14  2014 36   HOH HOH A . 
C 3 HOH 15  2015 5    HOH HOH A . 
C 3 HOH 16  2016 1745 HOH HOH A . 
C 3 HOH 17  2017 1757 HOH HOH A . 
C 3 HOH 18  2018 1712 HOH HOH A . 
C 3 HOH 19  2019 1603 HOH HOH A . 
C 3 HOH 20  2020 1748 HOH HOH A . 
C 3 HOH 21  2021 1733 HOH HOH A . 
C 3 HOH 22  2022 1732 HOH HOH A . 
C 3 HOH 23  2023 1614 HOH HOH A . 
C 3 HOH 24  2024 12   HOH HOH A . 
C 3 HOH 25  2025 24   HOH HOH A . 
C 3 HOH 26  2026 1609 HOH HOH A . 
C 3 HOH 27  2027 1620 HOH HOH A . 
C 3 HOH 28  2028 1608 HOH HOH A . 
C 3 HOH 29  2029 1621 HOH HOH A . 
C 3 HOH 30  2030 17   HOH HOH A . 
C 3 HOH 31  2031 1615 HOH HOH A . 
C 3 HOH 32  2032 1692 HOH HOH A . 
C 3 HOH 33  2033 1624 HOH HOH A . 
C 3 HOH 34  2034 1684 HOH HOH A . 
C 3 HOH 35  2035 1702 HOH HOH A . 
C 3 HOH 36  2036 1660 HOH HOH A . 
C 3 HOH 37  2037 1616 HOH HOH A . 
C 3 HOH 38  2038 18   HOH HOH A . 
C 3 HOH 39  2039 1612 HOH HOH A . 
C 3 HOH 40  2040 1629 HOH HOH A . 
C 3 HOH 41  2041 23   HOH HOH A . 
C 3 HOH 42  2042 1633 HOH HOH A . 
C 3 HOH 43  2043 1668 HOH HOH A . 
C 3 HOH 44  2044 1617 HOH HOH A . 
C 3 HOH 45  2045 1645 HOH HOH A . 
C 3 HOH 46  2046 1750 HOH HOH A . 
C 3 HOH 47  2047 1728 HOH HOH A . 
C 3 HOH 48  2048 1630 HOH HOH A . 
C 3 HOH 49  2049 20   HOH HOH A . 
C 3 HOH 50  2050 1741 HOH HOH A . 
C 3 HOH 51  2051 1708 HOH HOH A . 
C 3 HOH 52  2052 1738 HOH HOH A . 
C 3 HOH 53  2053 1650 HOH HOH A . 
C 3 HOH 54  2054 1663 HOH HOH A . 
C 3 HOH 55  2055 1747 HOH HOH A . 
C 3 HOH 56  2056 1658 HOH HOH A . 
C 3 HOH 57  2057 1626 HOH HOH A . 
C 3 HOH 58  2058 1625 HOH HOH A . 
C 3 HOH 59  2059 1644 HOH HOH A . 
C 3 HOH 60  2060 1638 HOH HOH A . 
C 3 HOH 61  2061 1642 HOH HOH A . 
C 3 HOH 62  2062 1675 HOH HOH A . 
C 3 HOH 63  2063 1714 HOH HOH A . 
C 3 HOH 64  2064 1677 HOH HOH A . 
C 3 HOH 65  2065 1674 HOH HOH A . 
C 3 HOH 66  2066 1676 HOH HOH A . 
C 3 HOH 67  2067 1759 HOH HOH A . 
C 3 HOH 68  2068 1666 HOH HOH A . 
C 3 HOH 69  2069 2    HOH HOH A . 
C 3 HOH 70  2070 1634 HOH HOH A . 
C 3 HOH 71  2071 3    HOH HOH A . 
C 3 HOH 72  2072 1672 HOH HOH A . 
C 3 HOH 73  2073 1673 HOH HOH A . 
C 3 HOH 74  2074 1652 HOH HOH A . 
C 3 HOH 75  2075 1687 HOH HOH A . 
C 3 HOH 76  2076 1693 HOH HOH A . 
C 3 HOH 77  2077 1655 HOH HOH A . 
C 3 HOH 78  2078 1613 HOH HOH A . 
C 3 HOH 79  2079 1709 HOH HOH A . 
C 3 HOH 80  2080 11   HOH HOH A . 
C 3 HOH 81  2081 1683 HOH HOH A . 
C 3 HOH 82  2082 1632 HOH HOH A . 
C 3 HOH 83  2083 1643 HOH HOH A . 
C 3 HOH 84  2084 1648 HOH HOH A . 
C 3 HOH 85  2085 1653 HOH HOH A . 
C 3 HOH 86  2086 1700 HOH HOH A . 
C 3 HOH 87  2087 1604 HOH HOH A . 
C 3 HOH 88  2088 1699 HOH HOH A . 
C 3 HOH 89  2089 1694 HOH HOH A . 
C 3 HOH 90  2090 1610 HOH HOH A . 
C 3 HOH 91  2091 38   HOH HOH A . 
C 3 HOH 92  2092 29   HOH HOH A . 
C 3 HOH 93  2093 1680 HOH HOH A . 
C 3 HOH 94  2094 1637 HOH HOH A . 
C 3 HOH 95  2095 1682 HOH HOH A . 
C 3 HOH 96  2096 1665 HOH HOH A . 
C 3 HOH 97  2097 1685 HOH HOH A . 
C 3 HOH 98  2098 1689 HOH HOH A . 
C 3 HOH 99  2099 1721 HOH HOH A . 
C 3 HOH 100 2100 1619 HOH HOH A . 
C 3 HOH 101 2101 1671 HOH HOH A . 
C 3 HOH 102 2102 1723 HOH HOH A . 
C 3 HOH 103 2103 1690 HOH HOH A . 
C 3 HOH 104 2104 1734 HOH HOH A . 
C 3 HOH 105 2105 1688 HOH HOH A . 
C 3 HOH 106 2106 1664 HOH HOH A . 
C 3 HOH 107 2107 33   HOH HOH A . 
C 3 HOH 108 2108 1801 HOH HOH A . 
C 3 HOH 109 2109 1681 HOH HOH A . 
C 3 HOH 110 2110 1686 HOH HOH A . 
C 3 HOH 111 2111 1701 HOH HOH A . 
C 3 HOH 112 2112 1627 HOH HOH A . 
C 3 HOH 113 2113 1713 HOH HOH A . 
C 3 HOH 114 2114 1601 HOH HOH A . 
C 3 HOH 115 2115 1611 HOH HOH A . 
C 3 HOH 116 2116 1640 HOH HOH A . 
C 3 HOH 117 2117 1656 HOH HOH A . 
C 3 HOH 118 2118 1736 HOH HOH A . 
C 3 HOH 119 2119 9    HOH HOH A . 
C 3 HOH 120 2120 1719 HOH HOH A . 
C 3 HOH 121 2121 1725 HOH HOH A . 
C 3 HOH 122 2122 1744 HOH HOH A . 
C 3 HOH 123 2123 1605 HOH HOH A . 
C 3 HOH 124 2124 1678 HOH HOH A . 
C 3 HOH 125 2125 1623 HOH HOH A . 
C 3 HOH 126 2126 13   HOH HOH A . 
C 3 HOH 127 2127 1706 HOH HOH A . 
C 3 HOH 128 2128 16   HOH HOH A . 
C 3 HOH 129 2129 14   HOH HOH A . 
C 3 HOH 130 2130 1715 HOH HOH A . 
C 3 HOH 131 2131 1646 HOH HOH A . 
C 3 HOH 132 2132 1651 HOH HOH A . 
C 3 HOH 133 2133 1710 HOH HOH A . 
C 3 HOH 134 2134 1729 HOH HOH A . 
C 3 HOH 135 2135 1716 HOH HOH A . 
C 3 HOH 136 2136 1724 HOH HOH A . 
C 3 HOH 137 2137 1667 HOH HOH A . 
C 3 HOH 138 2138 1731 HOH HOH A . 
C 3 HOH 139 2139 19   HOH HOH A . 
C 3 HOH 140 2140 1697 HOH HOH A . 
C 3 HOH 141 2141 1661 HOH HOH A . 
C 3 HOH 142 2142 1649 HOH HOH A . 
C 3 HOH 143 2143 1679 HOH HOH A . 
C 3 HOH 144 2144 1727 HOH HOH A . 
C 3 HOH 145 2145 1669 HOH HOH A . 
C 3 HOH 146 2146 1735 HOH HOH A . 
C 3 HOH 147 2147 1737 HOH HOH A . 
C 3 HOH 148 2148 1726 HOH HOH A . 
C 3 HOH 149 2149 1657 HOH HOH A . 
C 3 HOH 150 2150 31   HOH HOH A . 
C 3 HOH 151 2151 1695 HOH HOH A . 
C 3 HOH 152 2152 1718 HOH HOH A . 
C 3 HOH 153 2153 1711 HOH HOH A . 
C 3 HOH 154 2154 1740 HOH HOH A . 
C 3 HOH 155 2155 1720 HOH HOH A . 
C 3 HOH 156 2156 1722 HOH HOH A . 
C 3 HOH 157 2157 1635 HOH HOH A . 
C 3 HOH 158 2158 1795 HOH HOH A . 
C 3 HOH 159 2159 1703 HOH HOH A . 
C 3 HOH 160 2160 1752 HOH HOH A . 
C 3 HOH 161 2161 1704 HOH HOH A . 
C 3 HOH 162 2162 4    HOH HOH A . 
C 3 HOH 163 2163 1755 HOH HOH A . 
C 3 HOH 164 2164 21   HOH HOH A . 
C 3 HOH 165 2165 1751 HOH HOH A . 
C 3 HOH 166 2166 1756 HOH HOH A . 
C 3 HOH 167 2167 1730 HOH HOH A . 
C 3 HOH 168 2168 1753 HOH HOH A . 
C 3 HOH 169 2169 1776 HOH HOH A . 
C 3 HOH 170 2170 1773 HOH HOH A . 
C 3 HOH 171 2171 1770 HOH HOH A . 
C 3 HOH 172 2172 1754 HOH HOH A . 
C 3 HOH 173 2173 1758 HOH HOH A . 
C 3 HOH 174 2174 1742 HOH HOH A . 
C 3 HOH 175 2175 1762 HOH HOH A . 
C 3 HOH 176 2176 1769 HOH HOH A . 
C 3 HOH 177 2177 1766 HOH HOH A . 
C 3 HOH 178 2178 1796 HOH HOH A . 
C 3 HOH 179 2179 1765 HOH HOH A . 
C 3 HOH 180 2180 22   HOH HOH A . 
C 3 HOH 181 2181 1784 HOH HOH A . 
C 3 HOH 182 2182 26   HOH HOH A . 
C 3 HOH 183 2183 1743 HOH HOH A . 
C 3 HOH 184 2184 1786 HOH HOH A . 
C 3 HOH 185 2185 1779 HOH HOH A . 
C 3 HOH 186 2186 1777 HOH HOH A . 
C 3 HOH 187 2187 27   HOH HOH A . 
C 3 HOH 188 2188 1783 HOH HOH A . 
C 3 HOH 189 2189 35   HOH HOH A . 
C 3 HOH 190 2190 1774 HOH HOH A . 
C 3 HOH 191 2191 28   HOH HOH A . 
C 3 HOH 192 2192 1764 HOH HOH A . 
C 3 HOH 193 2193 1785 HOH HOH A . 
C 3 HOH 194 2194 1775 HOH HOH A . 
C 3 HOH 195 2195 1    HOH HOH A . 
C 3 HOH 196 2196 1763 HOH HOH A . 
C 3 HOH 197 2197 1782 HOH HOH A . 
C 3 HOH 198 2198 1781 HOH HOH A . 
C 3 HOH 199 2199 1794 HOH HOH A . 
C 3 HOH 200 2200 1778 HOH HOH A . 
C 3 HOH 201 2201 15   HOH HOH A . 
C 3 HOH 202 2202 1789 HOH HOH A . 
C 3 HOH 203 2203 1760 HOH HOH A . 
C 3 HOH 204 2204 1761 HOH HOH A . 
C 3 HOH 205 2205 1791 HOH HOH A . 
C 3 HOH 206 2206 1787 HOH HOH A . 
C 3 HOH 207 2207 1772 HOH HOH A . 
C 3 HOH 208 2208 1768 HOH HOH A . 
C 3 HOH 209 2209 39   HOH HOH A . 
C 3 HOH 210 2210 1790 HOH HOH A . 
C 3 HOH 211 2211 1793 HOH HOH A . 
C 3 HOH 212 2212 1792 HOH HOH A . 
C 3 HOH 213 2213 1797 HOH HOH A . 
C 3 HOH 214 2214 1798 HOH HOH A . 
C 3 HOH 215 2215 1780 HOH HOH A . 
C 3 HOH 216 2216 1799 HOH HOH A . 
C 3 HOH 217 2217 1800 HOH HOH A . 
C 3 HOH 218 2218 34   HOH HOH A . 
# 
loop_
_pdbx_unobs_or_zero_occ_atoms.id 
_pdbx_unobs_or_zero_occ_atoms.PDB_model_num 
_pdbx_unobs_or_zero_occ_atoms.polymer_flag 
_pdbx_unobs_or_zero_occ_atoms.occupancy_flag 
_pdbx_unobs_or_zero_occ_atoms.auth_asym_id 
_pdbx_unobs_or_zero_occ_atoms.auth_comp_id 
_pdbx_unobs_or_zero_occ_atoms.auth_seq_id 
_pdbx_unobs_or_zero_occ_atoms.PDB_ins_code 
_pdbx_unobs_or_zero_occ_atoms.auth_atom_id 
_pdbx_unobs_or_zero_occ_atoms.label_alt_id 
_pdbx_unobs_or_zero_occ_atoms.label_asym_id 
_pdbx_unobs_or_zero_occ_atoms.label_comp_id 
_pdbx_unobs_or_zero_occ_atoms.label_seq_id 
_pdbx_unobs_or_zero_occ_atoms.label_atom_id 
1 1 Y 1 A GLN 1334 ? CD  ? A GLN 43 CD  
2 1 Y 1 A GLN 1334 ? OE1 ? A GLN 43 OE1 
3 1 Y 1 A GLN 1334 ? NE2 ? A GLN 43 NE2 
# 
loop_
_software.pdbx_ordinal 
_software.name 
_software.version 
_software.date 
_software.type 
_software.contact_author 
_software.contact_author_email 
_software.classification 
_software.location 
_software.language 
_software.citation_id 
1 REFMAC      5.8.0403 ?               program 'Garib N. Murshudov' garib@ysbl.york.ac.uk    refinement        
http://www.ccp4.ac.uk/dist/html/refmac5.html        Fortran_77 ? 
2 Aimless     0.7.7    23/04/21        program 'Phil Evans'         ?                        'data scaling'    
http://www.mrc-lmb.cam.ac.uk/harry/pre/aimless.html ?          ? 
3 PDB_EXTRACT 3.23     'SEP. 23, 2016' package PDB                  deposit@deposit.rcsb.org 'data extraction' 
http://sw-tools.pdb.org/apps/PDB_EXTRACT/           C++        ? 
4 XDS         .        ?               program ?                    ?                        'data reduction'  ? ?          ? 
5 REFMAC      .        ?               program ?                    ?                        phasing           ? ?          ? 
# 
_cell.entry_id           7FV2 
_cell.length_a           81.961 
_cell.length_b           27.434 
_cell.length_c           56.421 
_cell.angle_alpha        90.000 
_cell.angle_beta         99.800 
_cell.angle_gamma        90.000 
_cell.Z_PDB              4 
_cell.pdbx_unique_axis   ? 
# 
_symmetry.entry_id                         7FV2 
_symmetry.space_group_name_H-M             'C 1 2 1' 
_symmetry.pdbx_full_space_group_name_H-M   ? 
_symmetry.cell_setting                     ? 
_symmetry.Int_Tables_number                5 
# 
_exptl.crystals_number   1 
_exptl.entry_id          7FV2 
_exptl.method            'X-RAY DIFFRACTION' 
# 
_exptl_crystal.id                    1 
_exptl_crystal.pdbx_mosaicity        0.000 
_exptl_crystal.pdbx_mosaicity_esd    ? 
_exptl_crystal.density_Matthews      1.77 
_exptl_crystal.density_diffrn        ? 
_exptl_crystal.density_meas          ? 
_exptl_crystal.density_meas_temp     ? 
_exptl_crystal.density_percent_sol   30.62 
_exptl_crystal.size_max              ? 
_exptl_crystal.size_mid              ? 
_exptl_crystal.size_min              ? 
_exptl_crystal.size_rad              ? 
_exptl_crystal.description           ? 
# 
_exptl_crystal_grow.crystal_id      1 
_exptl_crystal_grow.method          'VAPOR DIFFUSION, SITTING DROP' 
_exptl_crystal_grow.pH              5.6 
_exptl_crystal_grow.temp            277 
_exptl_crystal_grow.pdbx_details    '20% PEG 8000, 0.04M potassium phosphate' 
_exptl_crystal_grow.temp_details    ? 
_exptl_crystal_grow.pdbx_pH_range   ? 
# 
_diffrn.id                     1 
_diffrn.ambient_temp           100 
_diffrn.crystal_id             1 
_diffrn.ambient_temp_details   ? 
# 
_diffrn_detector.detector               PIXEL 
_diffrn_detector.type                   'DECTRIS PILATUS 6M' 
_diffrn_detector.pdbx_collection_date   2022-09-24 
_diffrn_detector.diffrn_id              1 
_diffrn_detector.details                ? 
# 
_diffrn_radiation.diffrn_id                        1 
_diffrn_radiation.wavelength_id                    1 
_diffrn_radiation.pdbx_diffrn_protocol             'SINGLE WAVELENGTH' 
_diffrn_radiation.pdbx_monochromatic_or_laue_m_l   ? 
_diffrn_radiation.monochromator                    ? 
_diffrn_radiation.pdbx_scattering_type             x-ray 
# 
_diffrn_radiation_wavelength.id           1 
_diffrn_radiation_wavelength.wavelength   0.92124 
_diffrn_radiation_wavelength.wt           1.0 
# 
_diffrn_source.diffrn_id                   1 
_diffrn_source.source                      SYNCHROTRON 
_diffrn_source.type                        'DIAMOND BEAMLINE I04-1' 
_diffrn_source.pdbx_wavelength_list        0.92124 
_diffrn_source.pdbx_synchrotron_site       Diamond 
_diffrn_source.pdbx_synchrotron_beamline   I04-1 
_diffrn_source.pdbx_wavelength             ? 
# 
_reflns.entry_id                     7FV2 
_reflns.pdbx_diffrn_id               1 
_reflns.pdbx_ordinal                 1 
_reflns.observed_criterion_sigma_I   ? 
_reflns.observed_criterion_sigma_F   ? 
_reflns.d_resolution_low             55.620 
_reflns.d_resolution_high            1.150 
_reflns.number_obs                   33135 
_reflns.number_all                   ? 
_reflns.percent_possible_obs         74.700 
_reflns.pdbx_Rmerge_I_obs            0.042 
_reflns.pdbx_Rsym_value              ? 
_reflns.pdbx_netI_over_sigmaI        28.100 
_reflns.B_iso_Wilson_estimate        ? 
_reflns.pdbx_redundancy              5.300 
_reflns.pdbx_Rrim_I_all              0.047 
_reflns.pdbx_Rpim_I_all              0.019 
_reflns.pdbx_CC_half                 0.995 
_reflns.pdbx_netI_over_av_sigmaI     ? 
_reflns.pdbx_number_measured_all     174779 
_reflns.pdbx_scaling_rejects         0 
_reflns.pdbx_chi_squared             ? 
_reflns.Rmerge_F_all                 ? 
_reflns.Rmerge_F_obs                 ? 
_reflns.observed_criterion_F_max     ? 
_reflns.observed_criterion_F_min     ? 
_reflns.observed_criterion_I_max     ? 
_reflns.observed_criterion_I_min     ? 
_reflns.pdbx_d_res_high_opt          ? 
_reflns.pdbx_d_res_low_opt           ? 
_reflns.details                      ? 
# 
loop_
_reflns_shell.pdbx_diffrn_id 
_reflns_shell.pdbx_ordinal 
_reflns_shell.d_res_high 
_reflns_shell.d_res_low 
_reflns_shell.number_measured_obs 
_reflns_shell.number_measured_all 
_reflns_shell.number_unique_obs 
_reflns_shell.pdbx_rejects 
_reflns_shell.Rmerge_I_obs 
_reflns_shell.meanI_over_sigI_obs 
_reflns_shell.pdbx_Rsym_value 
_reflns_shell.pdbx_chi_squared 
_reflns_shell.pdbx_redundancy 
_reflns_shell.percent_possible_obs 
_reflns_shell.pdbx_netI_over_sigmaI_obs 
_reflns_shell.number_possible 
_reflns_shell.number_unique_all 
_reflns_shell.Rmerge_F_all 
_reflns_shell.Rmerge_F_obs 
_reflns_shell.Rmerge_I_all 
_reflns_shell.meanI_over_sigI_all 
_reflns_shell.percent_possible_all 
_reflns_shell.pdbx_Rrim_I_all 
_reflns_shell.pdbx_Rpim_I_all 
_reflns_shell.pdbx_CC_half 
1 1 1.150 1.170  ? 134  ? ? ?     ? ? ? 1.000 ? 1.100  ? 133 ? ? ? ? 5.900  ?     ?     ?     
1 2 6.190 55.620 ? 1868 ? ? 0.069 ? ? ? 5.700 ? 86.000 ? 325 ? ? ? ? 99.800 0.079 0.037 0.980 
# 
_refine.entry_id                                 7FV2 
_refine.pdbx_refine_id                           'X-RAY DIFFRACTION' 
_refine.ls_d_res_high                            1.1500 
_refine.ls_d_res_low                             55.6000 
_refine.pdbx_ls_sigma_F                          0.000 
_refine.pdbx_data_cutoff_high_absF               ? 
_refine.pdbx_data_cutoff_low_absF                ? 
_refine.ls_percent_reflns_obs                    74.5100 
_refine.ls_number_reflns_obs                     31480 
_refine.ls_number_reflns_all                     ? 
_refine.pdbx_ls_cross_valid_method               THROUGHOUT 
_refine.ls_matrix_type                           ? 
_refine.pdbx_R_Free_selection_details            RANDOM 
_refine.details                                  
'HYDROGENS HAVE BEEN ADDED IN THE RIDING POSITIONS U VALUES      : REFINED INDIVIDUALLY' 
_refine.ls_R_factor_all                          ? 
_refine.ls_R_factor_obs                          0.2314 
_refine.ls_R_factor_R_work                       0.2305 
_refine.ls_wR_factor_R_work                      ? 
_refine.ls_R_factor_R_free                       0.2489 
_refine.ls_wR_factor_R_free                      ? 
_refine.ls_percent_reflns_R_free                 5.0000 
_refine.ls_number_reflns_R_free                  1655 
_refine.ls_number_reflns_R_work                  ? 
_refine.ls_R_factor_R_free_error                 ? 
_refine.B_iso_mean                               13.1670 
_refine.solvent_model_param_bsol                 ? 
_refine.solvent_model_param_ksol                 ? 
_refine.pdbx_isotropic_thermal_model             ? 
_refine.aniso_B[1][1]                            -0.1500 
_refine.aniso_B[2][2]                            1.0200 
_refine.aniso_B[3][3]                            -0.9000 
_refine.aniso_B[1][2]                            -0.0000 
_refine.aniso_B[1][3]                            0.2600 
_refine.aniso_B[2][3]                            0.0000 
_refine.correlation_coeff_Fo_to_Fc               0.9450 
_refine.correlation_coeff_Fo_to_Fc_free          0.9300 
_refine.overall_SU_R_Cruickshank_DPI             ? 
_refine.pdbx_overall_SU_R_free_Cruickshank_DPI   ? 
_refine.pdbx_overall_SU_R_Blow_DPI               ? 
_refine.pdbx_overall_SU_R_free_Blow_DPI          ? 
_refine.overall_SU_R_free                        ? 
_refine.pdbx_overall_ESU_R                       0.0650 
_refine.pdbx_overall_ESU_R_Free                  0.0650 
_refine.overall_SU_ML                            ? 
_refine.overall_SU_B                             ? 
_refine.solvent_model_details                    MASK 
_refine.pdbx_solvent_vdw_probe_radii             1.2000 
_refine.pdbx_solvent_ion_probe_radii             0.8000 
_refine.pdbx_solvent_shrinkage_radii             0.8000 
_refine.ls_number_parameters                     ? 
_refine.ls_number_restraints                     ? 
_refine.pdbx_starting_model                      7av9 
_refine.pdbx_method_to_determine_struct          'FOURIER SYNTHESIS' 
_refine.pdbx_stereochemistry_target_values       'MAXIMUM LIKELIHOOD' 
_refine.pdbx_stereochem_target_val_spec_case     ? 
_refine.overall_FOM_work_R_set                   ? 
_refine.B_iso_max                                121.990 
_refine.B_iso_min                                8.210 
_refine.pdbx_overall_phase_error                 ? 
_refine.occupancy_max                            ? 
_refine.occupancy_min                            ? 
_refine.pdbx_diffrn_id                           1 
_refine.pdbx_TLS_residual_ADP_flag               ? 
_refine.pdbx_ls_sigma_I                          ? 
_refine.pdbx_data_cutoff_high_rms_absF           ? 
_refine.ls_R_factor_R_free_error_details         ? 
# 
_refine_hist.cycle_id                         final 
_refine_hist.pdbx_refine_id                   'X-RAY DIFFRACTION' 
_refine_hist.d_res_high                       1.1500 
_refine_hist.d_res_low                        55.6000 
_refine_hist.pdbx_number_atoms_ligand         20 
_refine_hist.number_atoms_solvent             218 
_refine_hist.number_atoms_total               1241 
_refine_hist.pdbx_number_residues_total       121 
_refine_hist.pdbx_B_iso_mean_ligand           15.93 
_refine_hist.pdbx_B_iso_mean_solvent          27.12 
_refine_hist.pdbx_number_atoms_protein        1003 
_refine_hist.pdbx_number_atoms_nucleic_acid   0 
# 
loop_
_refine_ls_restr.pdbx_refine_id 
_refine_ls_restr.type 
_refine_ls_restr.number 
_refine_ls_restr.dev_ideal 
_refine_ls_restr.dev_ideal_target 
_refine_ls_restr.weight 
_refine_ls_restr.pdbx_restraint_function 
'X-RAY DIFFRACTION' r_bond_refined_d       1082 0.017  0.012  ? ? 
'X-RAY DIFFRACTION' r_bond_other_d         985  0.002  0.016  ? ? 
'X-RAY DIFFRACTION' r_angle_refined_deg    1466 1.759  1.675  ? ? 
'X-RAY DIFFRACTION' r_angle_other_deg      2287 0.873  1.599  ? ? 
'X-RAY DIFFRACTION' r_dihedral_angle_1_deg 130  5.821  5.000  ? ? 
'X-RAY DIFFRACTION' r_dihedral_angle_2_deg 9    3.256  5.000  ? ? 
'X-RAY DIFFRACTION' r_dihedral_angle_3_deg 190  14.378 10.000 ? ? 
'X-RAY DIFFRACTION' r_chiral_restr         152  0.078  0.200  ? ? 
'X-RAY DIFFRACTION' r_gen_planes_refined   1283 0.011  0.020  ? ? 
'X-RAY DIFFRACTION' r_gen_planes_other     261  0.016  0.020  ? ? 
'X-RAY DIFFRACTION' r_mcbond_it            508  1.079  1.319  ? ? 
'X-RAY DIFFRACTION' r_mcbond_other         508  1.067  1.318  ? ? 
'X-RAY DIFFRACTION' r_mcangle_it           642  1.578  2.378  ? ? 
# 
_refine_ls_shell.d_res_high                       1.1500 
_refine_ls_shell.d_res_low                        1.1790 
_refine_ls_shell.pdbx_total_number_of_bins_used   20 
_refine_ls_shell.percent_reflns_obs               7.6500 
_refine_ls_shell.number_reflns_R_work             234 
_refine_ls_shell.R_factor_all                     ? 
_refine_ls_shell.R_factor_R_work                  0.3450 
_refine_ls_shell.R_factor_R_free                  0.2550 
_refine_ls_shell.percent_reflns_R_free            ? 
_refine_ls_shell.number_reflns_R_free             14 
_refine_ls_shell.R_factor_R_free_error            ? 
_refine_ls_shell.number_reflns_all                248 
_refine_ls_shell.number_reflns_obs                ? 
_refine_ls_shell.pdbx_refine_id                   'X-RAY DIFFRACTION' 
# 
_struct.entry_id                  7FV2 
_struct.title                     'PanDDA analysis group deposition -- PHIP in complex with Z445899798' 
_struct.pdbx_model_details        ? 
_struct.pdbx_CASP_flag            ? 
_struct.pdbx_model_type_details   ? 
# 
_struct_keywords.entry_id        7FV2 
_struct_keywords.text            
'False negatives, ligand features, rescreening, catalogue, fragment follow-ups, automated chemistry, SIGNALING PROTEIN' 
_struct_keywords.pdbx_keywords   'SIGNALING PROTEIN' 
# 
loop_
_struct_asym.id 
_struct_asym.pdbx_blank_PDB_chainid_flag 
_struct_asym.pdbx_modified 
_struct_asym.entity_id 
_struct_asym.details 
A N N 1 ? 
B N N 2 ? 
C N N 3 ? 
# 
_struct_ref.id                         1 
_struct_ref.db_name                    UNP 
_struct_ref.db_code                    PHIP_HUMAN 
_struct_ref.pdbx_db_accession          Q8WWQ0 
_struct_ref.pdbx_db_isoform            ? 
_struct_ref.entity_id                  1 
_struct_ref.pdbx_seq_one_letter_code   
;SYDIQAWKKQCEELLNLIFQCEDSEPFRQPVDLLEYPDYRDIIDTPMDFATVRETLEAGNYESPMELCKDVRLIFSNSKA
YTPSKRSRIYSMSLRLSAFFEEHISSVLSDYKSALRFHKRNTITKR
;
_struct_ref.pdbx_align_begin           1315 
# 
_struct_ref_seq.align_id                      1 
_struct_ref_seq.ref_id                        1 
_struct_ref_seq.pdbx_PDB_id_code              7FV2 
_struct_ref_seq.pdbx_strand_id                A 
_struct_ref_seq.seq_align_beg                 24 
_struct_ref_seq.pdbx_seq_align_beg_ins_code   ? 
_struct_ref_seq.seq_align_end                 149 
_struct_ref_seq.pdbx_seq_align_end_ins_code   ? 
_struct_ref_seq.pdbx_db_accession             Q8WWQ0 
_struct_ref_seq.db_align_beg                  1315 
_struct_ref_seq.pdbx_db_align_beg_ins_code    ? 
_struct_ref_seq.db_align_end                  1440 
_struct_ref_seq.pdbx_db_align_end_ins_code    ? 
_struct_ref_seq.pdbx_auth_seq_align_beg       1315 
_struct_ref_seq.pdbx_auth_seq_align_end       1440 
# 
loop_
_struct_ref_seq_dif.align_id 
_struct_ref_seq_dif.pdbx_pdb_id_code 
_struct_ref_seq_dif.mon_id 
_struct_ref_seq_dif.pdbx_pdb_strand_id 
_struct_ref_seq_dif.seq_num 
_struct_ref_seq_dif.pdbx_pdb_ins_code 
_struct_ref_seq_dif.pdbx_seq_db_name 
_struct_ref_seq_dif.pdbx_seq_db_accession_code 
_struct_ref_seq_dif.db_mon_id 
_struct_ref_seq_dif.pdbx_seq_db_seq_num 
_struct_ref_seq_dif.details 
_struct_ref_seq_dif.pdbx_auth_seq_num 
_struct_ref_seq_dif.pdbx_ordinal 
1 7FV2 MET A 1  ? UNP Q8WWQ0 ? ? 'initiating methionine' 1292 1  
1 7FV2 HIS A 2  ? UNP Q8WWQ0 ? ? 'expression tag'        1293 2  
1 7FV2 HIS A 3  ? UNP Q8WWQ0 ? ? 'expression tag'        1294 3  
1 7FV2 HIS A 4  ? UNP Q8WWQ0 ? ? 'expression tag'        1295 4  
1 7FV2 HIS A 5  ? UNP Q8WWQ0 ? ? 'expression tag'        1296 5  
1 7FV2 HIS A 6  ? UNP Q8WWQ0 ? ? 'expression tag'        1297 6  
1 7FV2 HIS A 7  ? UNP Q8WWQ0 ? ? 'expression tag'        1298 7  
1 7FV2 SER A 8  ? UNP Q8WWQ0 ? ? 'expression tag'        1299 8  
1 7FV2 SER A 9  ? UNP Q8WWQ0 ? ? 'expression tag'        1300 9  
1 7FV2 GLY A 10 ? UNP Q8WWQ0 ? ? 'expression tag'        1301 10 
1 7FV2 VAL A 11 ? UNP Q8WWQ0 ? ? 'expression tag'        1302 11 
1 7FV2 ASP A 12 ? UNP Q8WWQ0 ? ? 'expression tag'        1303 12 
1 7FV2 LEU A 13 ? UNP Q8WWQ0 ? ? 'expression tag'        1304 13 
1 7FV2 GLY A 14 ? UNP Q8WWQ0 ? ? 'expression tag'        1305 14 
1 7FV2 THR A 15 ? UNP Q8WWQ0 ? ? 'expression tag'        1306 15 
1 7FV2 GLU A 16 ? UNP Q8WWQ0 ? ? 'expression tag'        1307 16 
1 7FV2 ASN A 17 ? UNP Q8WWQ0 ? ? 'expression tag'        1308 17 
1 7FV2 LEU A 18 ? UNP Q8WWQ0 ? ? 'expression tag'        1309 18 
1 7FV2 TYR A 19 ? UNP Q8WWQ0 ? ? 'expression tag'        1310 19 
1 7FV2 PHE A 20 ? UNP Q8WWQ0 ? ? 'expression tag'        1311 20 
1 7FV2 GLN A 21 ? UNP Q8WWQ0 ? ? 'expression tag'        1312 21 
1 7FV2 SER A 22 ? UNP Q8WWQ0 ? ? 'expression tag'        1313 22 
1 7FV2 MET A 23 ? UNP Q8WWQ0 ? ? 'expression tag'        1314 23 
# 
_pdbx_struct_assembly.id                   1 
_pdbx_struct_assembly.details              author_and_software_defined_assembly 
_pdbx_struct_assembly.method_details       PISA 
_pdbx_struct_assembly.oligomeric_details   monomeric 
_pdbx_struct_assembly.oligomeric_count     1 
# 
_pdbx_struct_assembly_gen.assembly_id       1 
_pdbx_struct_assembly_gen.oper_expression   1 
_pdbx_struct_assembly_gen.asym_id_list      A,B,C 
# 
_pdbx_struct_oper_list.id                   1 
_pdbx_struct_oper_list.type                 'identity operation' 
_pdbx_struct_oper_list.name                 1_555 
_pdbx_struct_oper_list.symmetry_operation   x,y,z 
_pdbx_struct_oper_list.matrix[1][1]         1.0000000000 
_pdbx_struct_oper_list.matrix[1][2]         0.0000000000 
_pdbx_struct_oper_list.matrix[1][3]         0.0000000000 
_pdbx_struct_oper_list.vector[1]            0.0000000000 
_pdbx_struct_oper_list.matrix[2][1]         0.0000000000 
_pdbx_struct_oper_list.matrix[2][2]         1.0000000000 
_pdbx_struct_oper_list.matrix[2][3]         0.0000000000 
_pdbx_struct_oper_list.vector[2]            0.0000000000 
_pdbx_struct_oper_list.matrix[3][1]         0.0000000000 
_pdbx_struct_oper_list.matrix[3][2]         0.0000000000 
_pdbx_struct_oper_list.matrix[3][3]         1.0000000000 
_pdbx_struct_oper_list.vector[3]            0.0000000000 
# 
loop_
_struct_conf.conf_type_id 
_struct_conf.id 
_struct_conf.pdbx_PDB_helix_id 
_struct_conf.beg_label_comp_id 
_struct_conf.beg_label_asym_id 
_struct_conf.beg_label_seq_id 
_struct_conf.pdbx_beg_PDB_ins_code 
_struct_conf.end_label_comp_id 
_struct_conf.end_label_asym_id 
_struct_conf.end_label_seq_id 
_struct_conf.pdbx_end_PDB_ins_code 
_struct_conf.beg_auth_comp_id 
_struct_conf.beg_auth_asym_id 
_struct_conf.beg_auth_seq_id 
_struct_conf.end_auth_comp_id 
_struct_conf.end_auth_asym_id 
_struct_conf.end_auth_seq_id 
_struct_conf.pdbx_PDB_helix_class 
_struct_conf.details 
_struct_conf.pdbx_PDB_helix_length 
HELX_P HELX_P1 AA1 ALA A 29  ? GLN A 43  ? ALA A 1320 GLN A 1334 1 ? 15 
HELX_P HELX_P2 AA2 CYS A 44  ? ARG A 51  ? CYS A 1335 ARG A 1342 5 ? 8  
HELX_P HELX_P3 AA3 ASP A 61  ? ILE A 66  ? ASP A 1352 ILE A 1357 1 ? 6  
HELX_P HELX_P4 AA4 ASP A 71  ? GLY A 82  ? ASP A 1362 GLY A 1373 1 ? 12 
HELX_P HELX_P5 AA5 SER A 86  ? THR A 105 ? SER A 1377 THR A 1396 1 ? 20 
HELX_P HELX_P6 AA6 SER A 110 ? ARG A 143 ? SER A 1401 ARG A 1434 1 ? 34 
# 
_struct_conf_type.id          HELX_P 
_struct_conf_type.criteria    ? 
_struct_conf_type.reference   ? 
# 
loop_
_pdbx_validate_close_contact.id 
_pdbx_validate_close_contact.PDB_model_num 
_pdbx_validate_close_contact.auth_atom_id_1 
_pdbx_validate_close_contact.auth_asym_id_1 
_pdbx_validate_close_contact.auth_comp_id_1 
_pdbx_validate_close_contact.auth_seq_id_1 
_pdbx_validate_close_contact.PDB_ins_code_1 
_pdbx_validate_close_contact.label_alt_id_1 
_pdbx_validate_close_contact.auth_atom_id_2 
_pdbx_validate_close_contact.auth_asym_id_2 
_pdbx_validate_close_contact.auth_comp_id_2 
_pdbx_validate_close_contact.auth_seq_id_2 
_pdbx_validate_close_contact.PDB_ins_code_2 
_pdbx_validate_close_contact.label_alt_id_2 
_pdbx_validate_close_contact.dist 
1 1 O   A HOH 2016 ? ? O A HOH 2085 ? ? 1.08 
2 1 O   A HOH 2052 ? ? O A HOH 2086 ? ? 1.85 
3 1 O   A HOH 2057 ? ? O A HOH 2117 ? ? 2.01 
4 1 OD1 A ASP 1355 ? ? O A HOH 2001 ? ? 2.17 
# 
_pdbx_validate_symm_contact.id                1 
_pdbx_validate_symm_contact.PDB_model_num     1 
_pdbx_validate_symm_contact.auth_atom_id_1    O 
_pdbx_validate_symm_contact.auth_asym_id_1    A 
_pdbx_validate_symm_contact.auth_comp_id_1    HOH 
_pdbx_validate_symm_contact.auth_seq_id_1     2177 
_pdbx_validate_symm_contact.PDB_ins_code_1    ? 
_pdbx_validate_symm_contact.label_alt_id_1    ? 
_pdbx_validate_symm_contact.site_symmetry_1   1_555 
_pdbx_validate_symm_contact.auth_atom_id_2    O 
_pdbx_validate_symm_contact.auth_asym_id_2    A 
_pdbx_validate_symm_contact.auth_comp_id_2    HOH 
_pdbx_validate_symm_contact.auth_seq_id_2     2190 
_pdbx_validate_symm_contact.PDB_ins_code_2    ? 
_pdbx_validate_symm_contact.label_alt_id_2    ? 
_pdbx_validate_symm_contact.site_symmetry_2   4_445 
_pdbx_validate_symm_contact.dist              2.13 
# 
loop_
_pdbx_struct_special_symmetry.id 
_pdbx_struct_special_symmetry.PDB_model_num 
_pdbx_struct_special_symmetry.auth_asym_id 
_pdbx_struct_special_symmetry.auth_comp_id 
_pdbx_struct_special_symmetry.auth_seq_id 
_pdbx_struct_special_symmetry.PDB_ins_code 
_pdbx_struct_special_symmetry.label_asym_id 
_pdbx_struct_special_symmetry.label_comp_id 
_pdbx_struct_special_symmetry.label_seq_id 
1 1 A HOH 2146 ? C HOH . 
2 1 A HOH 2210 ? C HOH . 
# 
_phasing.method   MR 
# 
_pdbx_entry_details.entry_id                 7FV2 
_pdbx_entry_details.compound_details         ? 
_pdbx_entry_details.source_details           ? 
_pdbx_entry_details.nonpolymer_details       ? 
_pdbx_entry_details.sequence_details         ? 
_pdbx_entry_details.has_ligand_of_interest   Y 
# 
loop_
_pdbx_unobs_or_zero_occ_residues.id 
_pdbx_unobs_or_zero_occ_residues.PDB_model_num 
_pdbx_unobs_or_zero_occ_residues.polymer_flag 
_pdbx_unobs_or_zero_occ_residues.occupancy_flag 
_pdbx_unobs_or_zero_occ_residues.auth_asym_id 
_pdbx_unobs_or_zero_occ_residues.auth_comp_id 
_pdbx_unobs_or_zero_occ_residues.auth_seq_id 
_pdbx_unobs_or_zero_occ_residues.PDB_ins_code 
_pdbx_unobs_or_zero_occ_residues.label_asym_id 
_pdbx_unobs_or_zero_occ_residues.label_comp_id 
_pdbx_unobs_or_zero_occ_residues.label_seq_id 
1  1 Y 1 A MET 1292 ? A MET 1   
2  1 Y 1 A HIS 1293 ? A HIS 2   
3  1 Y 1 A HIS 1294 ? A HIS 3   
4  1 Y 1 A HIS 1295 ? A HIS 4   
5  1 Y 1 A HIS 1296 ? A HIS 5   
6  1 Y 1 A HIS 1297 ? A HIS 6   
7  1 Y 1 A HIS 1298 ? A HIS 7   
8  1 Y 1 A SER 1299 ? A SER 8   
9  1 Y 1 A SER 1300 ? A SER 9   
10 1 Y 1 A GLY 1301 ? A GLY 10  
11 1 Y 1 A VAL 1302 ? A VAL 11  
12 1 Y 1 A ASP 1303 ? A ASP 12  
13 1 Y 1 A LEU 1304 ? A LEU 13  
14 1 Y 1 A GLY 1305 ? A GLY 14  
15 1 Y 1 A THR 1306 ? A THR 15  
16 1 Y 1 A GLU 1307 ? A GLU 16  
17 1 Y 1 A ASN 1308 ? A ASN 17  
18 1 Y 1 A LEU 1309 ? A LEU 18  
19 1 Y 1 A TYR 1310 ? A TYR 19  
20 1 Y 1 A PHE 1311 ? A PHE 20  
21 1 Y 1 A GLN 1312 ? A GLN 21  
22 1 Y 1 A SER 1313 ? A SER 22  
23 1 Y 1 A MET 1314 ? A MET 23  
24 1 Y 1 A THR 1436 ? A THR 145 
25 1 Y 1 A ILE 1437 ? A ILE 146 
26 1 Y 1 A THR 1438 ? A THR 147 
27 1 Y 1 A LYS 1439 ? A LYS 148 
28 1 Y 1 A ARG 1440 ? A ARG 149 
# 
loop_
_chem_comp_atom.comp_id 
_chem_comp_atom.atom_id 
_chem_comp_atom.type_symbol 
_chem_comp_atom.pdbx_aromatic_flag 
_chem_comp_atom.pdbx_stereo_config 
_chem_comp_atom.pdbx_ordinal 
ALA N    N N N 1   
ALA CA   C N S 2   
ALA C    C N N 3   
ALA O    O N N 4   
ALA CB   C N N 5   
ALA OXT  O N N 6   
ALA H    H N N 7   
ALA H2   H N N 8   
ALA HA   H N N 9   
ALA HB1  H N N 10  
ALA HB2  H N N 11  
ALA HB3  H N N 12  
ALA HXT  H N N 13  
ARG N    N N N 14  
ARG CA   C N S 15  
ARG C    C N N 16  
ARG O    O N N 17  
ARG CB   C N N 18  
ARG CG   C N N 19  
ARG CD   C N N 20  
ARG NE   N N N 21  
ARG CZ   C N N 22  
ARG NH1  N N N 23  
ARG NH2  N N N 24  
ARG OXT  O N N 25  
ARG H    H N N 26  
ARG H2   H N N 27  
ARG HA   H N N 28  
ARG HB2  H N N 29  
ARG HB3  H N N 30  
ARG HG2  H N N 31  
ARG HG3  H N N 32  
ARG HD2  H N N 33  
ARG HD3  H N N 34  
ARG HE   H N N 35  
ARG HH11 H N N 36  
ARG HH12 H N N 37  
ARG HH21 H N N 38  
ARG HH22 H N N 39  
ARG HXT  H N N 40  
ASN N    N N N 41  
ASN CA   C N S 42  
ASN C    C N N 43  
ASN O    O N N 44  
ASN CB   C N N 45  
ASN CG   C N N 46  
ASN OD1  O N N 47  
ASN ND2  N N N 48  
ASN OXT  O N N 49  
ASN H    H N N 50  
ASN H2   H N N 51  
ASN HA   H N N 52  
ASN HB2  H N N 53  
ASN HB3  H N N 54  
ASN HD21 H N N 55  
ASN HD22 H N N 56  
ASN HXT  H N N 57  
ASP N    N N N 58  
ASP CA   C N S 59  
ASP C    C N N 60  
ASP O    O N N 61  
ASP CB   C N N 62  
ASP CG   C N N 63  
ASP OD1  O N N 64  
ASP OD2  O N N 65  
ASP OXT  O N N 66  
ASP H    H N N 67  
ASP H2   H N N 68  
ASP HA   H N N 69  
ASP HB2  H N N 70  
ASP HB3  H N N 71  
ASP HD2  H N N 72  
ASP HXT  H N N 73  
CYS N    N N N 74  
CYS CA   C N R 75  
CYS C    C N N 76  
CYS O    O N N 77  
CYS CB   C N N 78  
CYS SG   S N N 79  
CYS OXT  O N N 80  
CYS H    H N N 81  
CYS H2   H N N 82  
CYS HA   H N N 83  
CYS HB2  H N N 84  
CYS HB3  H N N 85  
CYS HG   H N N 86  
CYS HXT  H N N 87  
GLN N    N N N 88  
GLN CA   C N S 89  
GLN C    C N N 90  
GLN O    O N N 91  
GLN CB   C N N 92  
GLN CG   C N N 93  
GLN CD   C N N 94  
GLN OE1  O N N 95  
GLN NE2  N N N 96  
GLN OXT  O N N 97  
GLN H    H N N 98  
GLN H2   H N N 99  
GLN HA   H N N 100 
GLN HB2  H N N 101 
GLN HB3  H N N 102 
GLN HG2  H N N 103 
GLN HG3  H N N 104 
GLN HE21 H N N 105 
GLN HE22 H N N 106 
GLN HXT  H N N 107 
GLU N    N N N 108 
GLU CA   C N S 109 
GLU C    C N N 110 
GLU O    O N N 111 
GLU CB   C N N 112 
GLU CG   C N N 113 
GLU CD   C N N 114 
GLU OE1  O N N 115 
GLU OE2  O N N 116 
GLU OXT  O N N 117 
GLU H    H N N 118 
GLU H2   H N N 119 
GLU HA   H N N 120 
GLU HB2  H N N 121 
GLU HB3  H N N 122 
GLU HG2  H N N 123 
GLU HG3  H N N 124 
GLU HE2  H N N 125 
GLU HXT  H N N 126 
GLY N    N N N 127 
GLY CA   C N N 128 
GLY C    C N N 129 
GLY O    O N N 130 
GLY OXT  O N N 131 
GLY H    H N N 132 
GLY H2   H N N 133 
GLY HA2  H N N 134 
GLY HA3  H N N 135 
GLY HXT  H N N 136 
HIS N    N N N 137 
HIS CA   C N S 138 
HIS C    C N N 139 
HIS O    O N N 140 
HIS CB   C N N 141 
HIS CG   C Y N 142 
HIS ND1  N Y N 143 
HIS CD2  C Y N 144 
HIS CE1  C Y N 145 
HIS NE2  N Y N 146 
HIS OXT  O N N 147 
HIS H    H N N 148 
HIS H2   H N N 149 
HIS HA   H N N 150 
HIS HB2  H N N 151 
HIS HB3  H N N 152 
HIS HD1  H N N 153 
HIS HD2  H N N 154 
HIS HE1  H N N 155 
HIS HE2  H N N 156 
HIS HXT  H N N 157 
HOH O    O N N 158 
HOH H1   H N N 159 
HOH H2   H N N 160 
ILE N    N N N 161 
ILE CA   C N S 162 
ILE C    C N N 163 
ILE O    O N N 164 
ILE CB   C N S 165 
ILE CG1  C N N 166 
ILE CG2  C N N 167 
ILE CD1  C N N 168 
ILE OXT  O N N 169 
ILE H    H N N 170 
ILE H2   H N N 171 
ILE HA   H N N 172 
ILE HB   H N N 173 
ILE HG12 H N N 174 
ILE HG13 H N N 175 
ILE HG21 H N N 176 
ILE HG22 H N N 177 
ILE HG23 H N N 178 
ILE HD11 H N N 179 
ILE HD12 H N N 180 
ILE HD13 H N N 181 
ILE HXT  H N N 182 
LEU N    N N N 183 
LEU CA   C N S 184 
LEU C    C N N 185 
LEU O    O N N 186 
LEU CB   C N N 187 
LEU CG   C N N 188 
LEU CD1  C N N 189 
LEU CD2  C N N 190 
LEU OXT  O N N 191 
LEU H    H N N 192 
LEU H2   H N N 193 
LEU HA   H N N 194 
LEU HB2  H N N 195 
LEU HB3  H N N 196 
LEU HG   H N N 197 
LEU HD11 H N N 198 
LEU HD12 H N N 199 
LEU HD13 H N N 200 
LEU HD21 H N N 201 
LEU HD22 H N N 202 
LEU HD23 H N N 203 
LEU HXT  H N N 204 
LYS N    N N N 205 
LYS CA   C N S 206 
LYS C    C N N 207 
LYS O    O N N 208 
LYS CB   C N N 209 
LYS CG   C N N 210 
LYS CD   C N N 211 
LYS CE   C N N 212 
LYS NZ   N N N 213 
LYS OXT  O N N 214 
LYS H    H N N 215 
LYS H2   H N N 216 
LYS HA   H N N 217 
LYS HB2  H N N 218 
LYS HB3  H N N 219 
LYS HG2  H N N 220 
LYS HG3  H N N 221 
LYS HD2  H N N 222 
LYS HD3  H N N 223 
LYS HE2  H N N 224 
LYS HE3  H N N 225 
LYS HZ1  H N N 226 
LYS HZ2  H N N 227 
LYS HZ3  H N N 228 
LYS HXT  H N N 229 
MET N    N N N 230 
MET CA   C N S 231 
MET C    C N N 232 
MET O    O N N 233 
MET CB   C N N 234 
MET CG   C N N 235 
MET SD   S N N 236 
MET CE   C N N 237 
MET OXT  O N N 238 
MET H    H N N 239 
MET H2   H N N 240 
MET HA   H N N 241 
MET HB2  H N N 242 
MET HB3  H N N 243 
MET HG2  H N N 244 
MET HG3  H N N 245 
MET HE1  H N N 246 
MET HE2  H N N 247 
MET HE3  H N N 248 
MET HXT  H N N 249 
PHE N    N N N 250 
PHE CA   C N S 251 
PHE C    C N N 252 
PHE O    O N N 253 
PHE CB   C N N 254 
PHE CG   C Y N 255 
PHE CD1  C Y N 256 
PHE CD2  C Y N 257 
PHE CE1  C Y N 258 
PHE CE2  C Y N 259 
PHE CZ   C Y N 260 
PHE OXT  O N N 261 
PHE H    H N N 262 
PHE H2   H N N 263 
PHE HA   H N N 264 
PHE HB2  H N N 265 
PHE HB3  H N N 266 
PHE HD1  H N N 267 
PHE HD2  H N N 268 
PHE HE1  H N N 269 
PHE HE2  H N N 270 
PHE HZ   H N N 271 
PHE HXT  H N N 272 
PRO N    N N N 273 
PRO CA   C N S 274 
PRO C    C N N 275 
PRO O    O N N 276 
PRO CB   C N N 277 
PRO CG   C N N 278 
PRO CD   C N N 279 
PRO OXT  O N N 280 
PRO H    H N N 281 
PRO HA   H N N 282 
PRO HB2  H N N 283 
PRO HB3  H N N 284 
PRO HG2  H N N 285 
PRO HG3  H N N 286 
PRO HD2  H N N 287 
PRO HD3  H N N 288 
PRO HXT  H N N 289 
SER N    N N N 290 
SER CA   C N S 291 
SER C    C N N 292 
SER O    O N N 293 
SER CB   C N N 294 
SER OG   O N N 295 
SER OXT  O N N 296 
SER H    H N N 297 
SER H2   H N N 298 
SER HA   H N N 299 
SER HB2  H N N 300 
SER HB3  H N N 301 
SER HG   H N N 302 
SER HXT  H N N 303 
THR N    N N N 304 
THR CA   C N S 305 
THR C    C N N 306 
THR O    O N N 307 
THR CB   C N R 308 
THR OG1  O N N 309 
THR CG2  C N N 310 
THR OXT  O N N 311 
THR H    H N N 312 
THR H2   H N N 313 
THR HA   H N N 314 
THR HB   H N N 315 
THR HG1  H N N 316 
THR HG21 H N N 317 
THR HG22 H N N 318 
THR HG23 H N N 319 
THR HXT  H N N 320 
TRP N    N N N 321 
TRP CA   C N S 322 
TRP C    C N N 323 
TRP O    O N N 324 
TRP CB   C N N 325 
TRP CG   C Y N 326 
TRP CD1  C Y N 327 
TRP CD2  C Y N 328 
TRP NE1  N Y N 329 
TRP CE2  C Y N 330 
TRP CE3  C Y N 331 
TRP CZ2  C Y N 332 
TRP CZ3  C Y N 333 
TRP CH2  C Y N 334 
TRP OXT  O N N 335 
TRP H    H N N 336 
TRP H2   H N N 337 
TRP HA   H N N 338 
TRP HB2  H N N 339 
TRP HB3  H N N 340 
TRP HD1  H N N 341 
TRP HE1  H N N 342 
TRP HE3  H N N 343 
TRP HZ2  H N N 344 
TRP HZ3  H N N 345 
TRP HH2  H N N 346 
TRP HXT  H N N 347 
TYR N    N N N 348 
TYR CA   C N S 349 
TYR C    C N N 350 
TYR O    O N N 351 
TYR CB   C N N 352 
TYR CG   C Y N 353 
TYR CD1  C Y N 354 
TYR CD2  C Y N 355 
TYR CE1  C Y N 356 
TYR CE2  C Y N 357 
TYR CZ   C Y N 358 
TYR OH   O N N 359 
TYR OXT  O N N 360 
TYR H    H N N 361 
TYR H2   H N N 362 
TYR HA   H N N 363 
TYR HB2  H N N 364 
TYR HB3  H N N 365 
TYR HD1  H N N 366 
TYR HD2  H N N 367 
TYR HE1  H N N 368 
TYR HE2  H N N 369 
TYR HH   H N N 370 
TYR HXT  H N N 371 
VAL N    N N N 372 
VAL CA   C N S 373 
VAL C    C N N 374 
VAL O    O N N 375 
VAL CB   C N N 376 
VAL CG1  C N N 377 
VAL CG2  C N N 378 
VAL OXT  O N N 379 
VAL H    H N N 380 
VAL H2   H N N 381 
VAL HA   H N N 382 
VAL HB   H N N 383 
VAL HG11 H N N 384 
VAL HG12 H N N 385 
VAL HG13 H N N 386 
VAL HG21 H N N 387 
VAL HG22 H N N 388 
VAL HG23 H N N 389 
VAL HXT  H N N 390 
ZKH C10  C N N 391 
ZKH C13  C N N 392 
ZKH C17  C Y N 393 
ZKH C01  C N N 394 
ZKH O02  O N N 395 
ZKH C03  C N N 396 
ZKH C04  C N N 397 
ZKH N05  N N N 398 
ZKH C06  C N N 399 
ZKH O07  O N N 400 
ZKH N08  N N N 401 
ZKH C09  C N N 402 
ZKH N11  N N N 403 
ZKH C12  C N N 404 
ZKH C14  C N N 405 
ZKH O15  O N N 406 
ZKH C16  C Y N 407 
ZKH C18  C Y N 408 
ZKH C19  C Y N 409 
ZKH S20  S Y N 410 
ZKH H102 H N N 411 
ZKH H101 H N N 412 
ZKH H131 H N N 413 
ZKH H132 H N N 414 
ZKH H171 H N N 415 
ZKH H011 H N N 416 
ZKH H012 H N N 417 
ZKH H013 H N N 418 
ZKH H032 H N N 419 
ZKH H031 H N N 420 
ZKH H042 H N N 421 
ZKH H041 H N N 422 
ZKH H051 H N N 423 
ZKH H091 H N N 424 
ZKH H092 H N N 425 
ZKH H122 H N N 426 
ZKH H121 H N N 427 
ZKH H181 H N N 428 
ZKH H191 H N N 429 
# 
loop_
_chem_comp_bond.comp_id 
_chem_comp_bond.atom_id_1 
_chem_comp_bond.atom_id_2 
_chem_comp_bond.value_order 
_chem_comp_bond.pdbx_aromatic_flag 
_chem_comp_bond.pdbx_stereo_config 
_chem_comp_bond.pdbx_ordinal 
ALA N   CA   sing N N 1   
ALA N   H    sing N N 2   
ALA N   H2   sing N N 3   
ALA CA  C    sing N N 4   
ALA CA  CB   sing N N 5   
ALA CA  HA   sing N N 6   
ALA C   O    doub N N 7   
ALA C   OXT  sing N N 8   
ALA CB  HB1  sing N N 9   
ALA CB  HB2  sing N N 10  
ALA CB  HB3  sing N N 11  
ALA OXT HXT  sing N N 12  
ARG N   CA   sing N N 13  
ARG N   H    sing N N 14  
ARG N   H2   sing N N 15  
ARG CA  C    sing N N 16  
ARG CA  CB   sing N N 17  
ARG CA  HA   sing N N 18  
ARG C   O    doub N N 19  
ARG C   OXT  sing N N 20  
ARG CB  CG   sing N N 21  
ARG CB  HB2  sing N N 22  
ARG CB  HB3  sing N N 23  
ARG CG  CD   sing N N 24  
ARG CG  HG2  sing N N 25  
ARG CG  HG3  sing N N 26  
ARG CD  NE   sing N N 27  
ARG CD  HD2  sing N N 28  
ARG CD  HD3  sing N N 29  
ARG NE  CZ   sing N N 30  
ARG NE  HE   sing N N 31  
ARG CZ  NH1  sing N N 32  
ARG CZ  NH2  doub N N 33  
ARG NH1 HH11 sing N N 34  
ARG NH1 HH12 sing N N 35  
ARG NH2 HH21 sing N N 36  
ARG NH2 HH22 sing N N 37  
ARG OXT HXT  sing N N 38  
ASN N   CA   sing N N 39  
ASN N   H    sing N N 40  
ASN N   H2   sing N N 41  
ASN CA  C    sing N N 42  
ASN CA  CB   sing N N 43  
ASN CA  HA   sing N N 44  
ASN C   O    doub N N 45  
ASN C   OXT  sing N N 46  
ASN CB  CG   sing N N 47  
ASN CB  HB2  sing N N 48  
ASN CB  HB3  sing N N 49  
ASN CG  OD1  doub N N 50  
ASN CG  ND2  sing N N 51  
ASN ND2 HD21 sing N N 52  
ASN ND2 HD22 sing N N 53  
ASN OXT HXT  sing N N 54  
ASP N   CA   sing N N 55  
ASP N   H    sing N N 56  
ASP N   H2   sing N N 57  
ASP CA  C    sing N N 58  
ASP CA  CB   sing N N 59  
ASP CA  HA   sing N N 60  
ASP C   O    doub N N 61  
ASP C   OXT  sing N N 62  
ASP CB  CG   sing N N 63  
ASP CB  HB2  sing N N 64  
ASP CB  HB3  sing N N 65  
ASP CG  OD1  doub N N 66  
ASP CG  OD2  sing N N 67  
ASP OD2 HD2  sing N N 68  
ASP OXT HXT  sing N N 69  
CYS N   CA   sing N N 70  
CYS N   H    sing N N 71  
CYS N   H2   sing N N 72  
CYS CA  C    sing N N 73  
CYS CA  CB   sing N N 74  
CYS CA  HA   sing N N 75  
CYS C   O    doub N N 76  
CYS C   OXT  sing N N 77  
CYS CB  SG   sing N N 78  
CYS CB  HB2  sing N N 79  
CYS CB  HB3  sing N N 80  
CYS SG  HG   sing N N 81  
CYS OXT HXT  sing N N 82  
GLN N   CA   sing N N 83  
GLN N   H    sing N N 84  
GLN N   H2   sing N N 85  
GLN CA  C    sing N N 86  
GLN CA  CB   sing N N 87  
GLN CA  HA   sing N N 88  
GLN C   O    doub N N 89  
GLN C   OXT  sing N N 90  
GLN CB  CG   sing N N 91  
GLN CB  HB2  sing N N 92  
GLN CB  HB3  sing N N 93  
GLN CG  CD   sing N N 94  
GLN CG  HG2  sing N N 95  
GLN CG  HG3  sing N N 96  
GLN CD  OE1  doub N N 97  
GLN CD  NE2  sing N N 98  
GLN NE2 HE21 sing N N 99  
GLN NE2 HE22 sing N N 100 
GLN OXT HXT  sing N N 101 
GLU N   CA   sing N N 102 
GLU N   H    sing N N 103 
GLU N   H2   sing N N 104 
GLU CA  C    sing N N 105 
GLU CA  CB   sing N N 106 
GLU CA  HA   sing N N 107 
GLU C   O    doub N N 108 
GLU C   OXT  sing N N 109 
GLU CB  CG   sing N N 110 
GLU CB  HB2  sing N N 111 
GLU CB  HB3  sing N N 112 
GLU CG  CD   sing N N 113 
GLU CG  HG2  sing N N 114 
GLU CG  HG3  sing N N 115 
GLU CD  OE1  doub N N 116 
GLU CD  OE2  sing N N 117 
GLU OE2 HE2  sing N N 118 
GLU OXT HXT  sing N N 119 
GLY N   CA   sing N N 120 
GLY N   H    sing N N 121 
GLY N   H2   sing N N 122 
GLY CA  C    sing N N 123 
GLY CA  HA2  sing N N 124 
GLY CA  HA3  sing N N 125 
GLY C   O    doub N N 126 
GLY C   OXT  sing N N 127 
GLY OXT HXT  sing N N 128 
HIS N   CA   sing N N 129 
HIS N   H    sing N N 130 
HIS N   H2   sing N N 131 
HIS CA  C    sing N N 132 
HIS CA  CB   sing N N 133 
HIS CA  HA   sing N N 134 
HIS C   O    doub N N 135 
HIS C   OXT  sing N N 136 
HIS CB  CG   sing N N 137 
HIS CB  HB2  sing N N 138 
HIS CB  HB3  sing N N 139 
HIS CG  ND1  sing Y N 140 
HIS CG  CD2  doub Y N 141 
HIS ND1 CE1  doub Y N 142 
HIS ND1 HD1  sing N N 143 
HIS CD2 NE2  sing Y N 144 
HIS CD2 HD2  sing N N 145 
HIS CE1 NE2  sing Y N 146 
HIS CE1 HE1  sing N N 147 
HIS NE2 HE2  sing N N 148 
HIS OXT HXT  sing N N 149 
HOH O   H1   sing N N 150 
HOH O   H2   sing N N 151 
ILE N   CA   sing N N 152 
ILE N   H    sing N N 153 
ILE N   H2   sing N N 154 
ILE CA  C    sing N N 155 
ILE CA  CB   sing N N 156 
ILE CA  HA   sing N N 157 
ILE C   O    doub N N 158 
ILE C   OXT  sing N N 159 
ILE CB  CG1  sing N N 160 
ILE CB  CG2  sing N N 161 
ILE CB  HB   sing N N 162 
ILE CG1 CD1  sing N N 163 
ILE CG1 HG12 sing N N 164 
ILE CG1 HG13 sing N N 165 
ILE CG2 HG21 sing N N 166 
ILE CG2 HG22 sing N N 167 
ILE CG2 HG23 sing N N 168 
ILE CD1 HD11 sing N N 169 
ILE CD1 HD12 sing N N 170 
ILE CD1 HD13 sing N N 171 
ILE OXT HXT  sing N N 172 
LEU N   CA   sing N N 173 
LEU N   H    sing N N 174 
LEU N   H2   sing N N 175 
LEU CA  C    sing N N 176 
LEU CA  CB   sing N N 177 
LEU CA  HA   sing N N 178 
LEU C   O    doub N N 179 
LEU C   OXT  sing N N 180 
LEU CB  CG   sing N N 181 
LEU CB  HB2  sing N N 182 
LEU CB  HB3  sing N N 183 
LEU CG  CD1  sing N N 184 
LEU CG  CD2  sing N N 185 
LEU CG  HG   sing N N 186 
LEU CD1 HD11 sing N N 187 
LEU CD1 HD12 sing N N 188 
LEU CD1 HD13 sing N N 189 
LEU CD2 HD21 sing N N 190 
LEU CD2 HD22 sing N N 191 
LEU CD2 HD23 sing N N 192 
LEU OXT HXT  sing N N 193 
LYS N   CA   sing N N 194 
LYS N   H    sing N N 195 
LYS N   H2   sing N N 196 
LYS CA  C    sing N N 197 
LYS CA  CB   sing N N 198 
LYS CA  HA   sing N N 199 
LYS C   O    doub N N 200 
LYS C   OXT  sing N N 201 
LYS CB  CG   sing N N 202 
LYS CB  HB2  sing N N 203 
LYS CB  HB3  sing N N 204 
LYS CG  CD   sing N N 205 
LYS CG  HG2  sing N N 206 
LYS CG  HG3  sing N N 207 
LYS CD  CE   sing N N 208 
LYS CD  HD2  sing N N 209 
LYS CD  HD3  sing N N 210 
LYS CE  NZ   sing N N 211 
LYS CE  HE2  sing N N 212 
LYS CE  HE3  sing N N 213 
LYS NZ  HZ1  sing N N 214 
LYS NZ  HZ2  sing N N 215 
LYS NZ  HZ3  sing N N 216 
LYS OXT HXT  sing N N 217 
MET N   CA   sing N N 218 
MET N   H    sing N N 219 
MET N   H2   sing N N 220 
MET CA  C    sing N N 221 
MET CA  CB   sing N N 222 
MET CA  HA   sing N N 223 
MET C   O    doub N N 224 
MET C   OXT  sing N N 225 
MET CB  CG   sing N N 226 
MET CB  HB2  sing N N 227 
MET CB  HB3  sing N N 228 
MET CG  SD   sing N N 229 
MET CG  HG2  sing N N 230 
MET CG  HG3  sing N N 231 
MET SD  CE   sing N N 232 
MET CE  HE1  sing N N 233 
MET CE  HE2  sing N N 234 
MET CE  HE3  sing N N 235 
MET OXT HXT  sing N N 236 
PHE N   CA   sing N N 237 
PHE N   H    sing N N 238 
PHE N   H2   sing N N 239 
PHE CA  C    sing N N 240 
PHE CA  CB   sing N N 241 
PHE CA  HA   sing N N 242 
PHE C   O    doub N N 243 
PHE C   OXT  sing N N 244 
PHE CB  CG   sing N N 245 
PHE CB  HB2  sing N N 246 
PHE CB  HB3  sing N N 247 
PHE CG  CD1  doub Y N 248 
PHE CG  CD2  sing Y N 249 
PHE CD1 CE1  sing Y N 250 
PHE CD1 HD1  sing N N 251 
PHE CD2 CE2  doub Y N 252 
PHE CD2 HD2  sing N N 253 
PHE CE1 CZ   doub Y N 254 
PHE CE1 HE1  sing N N 255 
PHE CE2 CZ   sing Y N 256 
PHE CE2 HE2  sing N N 257 
PHE CZ  HZ   sing N N 258 
PHE OXT HXT  sing N N 259 
PRO N   CA   sing N N 260 
PRO N   CD   sing N N 261 
PRO N   H    sing N N 262 
PRO CA  C    sing N N 263 
PRO CA  CB   sing N N 264 
PRO CA  HA   sing N N 265 
PRO C   O    doub N N 266 
PRO C   OXT  sing N N 267 
PRO CB  CG   sing N N 268 
PRO CB  HB2  sing N N 269 
PRO CB  HB3  sing N N 270 
PRO CG  CD   sing N N 271 
PRO CG  HG2  sing N N 272 
PRO CG  HG3  sing N N 273 
PRO CD  HD2  sing N N 274 
PRO CD  HD3  sing N N 275 
PRO OXT HXT  sing N N 276 
SER N   CA   sing N N 277 
SER N   H    sing N N 278 
SER N   H2   sing N N 279 
SER CA  C    sing N N 280 
SER CA  CB   sing N N 281 
SER CA  HA   sing N N 282 
SER C   O    doub N N 283 
SER C   OXT  sing N N 284 
SER CB  OG   sing N N 285 
SER CB  HB2  sing N N 286 
SER CB  HB3  sing N N 287 
SER OG  HG   sing N N 288 
SER OXT HXT  sing N N 289 
THR N   CA   sing N N 290 
THR N   H    sing N N 291 
THR N   H2   sing N N 292 
THR CA  C    sing N N 293 
THR CA  CB   sing N N 294 
THR CA  HA   sing N N 295 
THR C   O    doub N N 296 
THR C   OXT  sing N N 297 
THR CB  OG1  sing N N 298 
THR CB  CG2  sing N N 299 
THR CB  HB   sing N N 300 
THR OG1 HG1  sing N N 301 
THR CG2 HG21 sing N N 302 
THR CG2 HG22 sing N N 303 
THR CG2 HG23 sing N N 304 
THR OXT HXT  sing N N 305 
TRP N   CA   sing N N 306 
TRP N   H    sing N N 307 
TRP N   H2   sing N N 308 
TRP CA  C    sing N N 309 
TRP CA  CB   sing N N 310 
TRP CA  HA   sing N N 311 
TRP C   O    doub N N 312 
TRP C   OXT  sing N N 313 
TRP CB  CG   sing N N 314 
TRP CB  HB2  sing N N 315 
TRP CB  HB3  sing N N 316 
TRP CG  CD1  doub Y N 317 
TRP CG  CD2  sing Y N 318 
TRP CD1 NE1  sing Y N 319 
TRP CD1 HD1  sing N N 320 
TRP CD2 CE2  doub Y N 321 
TRP CD2 CE3  sing Y N 322 
TRP NE1 CE2  sing Y N 323 
TRP NE1 HE1  sing N N 324 
TRP CE2 CZ2  sing Y N 325 
TRP CE3 CZ3  doub Y N 326 
TRP CE3 HE3  sing N N 327 
TRP CZ2 CH2  doub Y N 328 
TRP CZ2 HZ2  sing N N 329 
TRP CZ3 CH2  sing Y N 330 
TRP CZ3 HZ3  sing N N 331 
TRP CH2 HH2  sing N N 332 
TRP OXT HXT  sing N N 333 
TYR N   CA   sing N N 334 
TYR N   H    sing N N 335 
TYR N   H2   sing N N 336 
TYR CA  C    sing N N 337 
TYR CA  CB   sing N N 338 
TYR CA  HA   sing N N 339 
TYR C   O    doub N N 340 
TYR C   OXT  sing N N 341 
TYR CB  CG   sing N N 342 
TYR CB  HB2  sing N N 343 
TYR CB  HB3  sing N N 344 
TYR CG  CD1  doub Y N 345 
TYR CG  CD2  sing Y N 346 
TYR CD1 CE1  sing Y N 347 
TYR CD1 HD1  sing N N 348 
TYR CD2 CE2  doub Y N 349 
TYR CD2 HD2  sing N N 350 
TYR CE1 CZ   doub Y N 351 
TYR CE1 HE1  sing N N 352 
TYR CE2 CZ   sing Y N 353 
TYR CE2 HE2  sing N N 354 
TYR CZ  OH   sing N N 355 
TYR OH  HH   sing N N 356 
TYR OXT HXT  sing N N 357 
VAL N   CA   sing N N 358 
VAL N   H    sing N N 359 
VAL N   H2   sing N N 360 
VAL CA  C    sing N N 361 
VAL CA  CB   sing N N 362 
VAL CA  HA   sing N N 363 
VAL C   O    doub N N 364 
VAL C   OXT  sing N N 365 
VAL CB  CG1  sing N N 366 
VAL CB  CG2  sing N N 367 
VAL CB  HB   sing N N 368 
VAL CG1 HG11 sing N N 369 
VAL CG1 HG12 sing N N 370 
VAL CG1 HG13 sing N N 371 
VAL CG2 HG21 sing N N 372 
VAL CG2 HG22 sing N N 373 
VAL CG2 HG23 sing N N 374 
VAL OXT HXT  sing N N 375 
ZKH O02 C01  sing N N 376 
ZKH C03 O02  sing N N 377 
ZKH C04 C03  sing N N 378 
ZKH N05 C04  sing N N 379 
ZKH C06 N05  sing N N 380 
ZKH O07 C06  doub N N 381 
ZKH N08 C06  sing N N 382 
ZKH C09 N08  sing N N 383 
ZKH C10 C09  sing N N 384 
ZKH N11 C10  sing N N 385 
ZKH C13 C12  sing N N 386 
ZKH C12 N11  sing N N 387 
ZKH C14 N11  sing N N 388 
ZKH O15 C14  doub N N 389 
ZKH C16 C14  sing N N 390 
ZKH C17 C16  doub Y N 391 
ZKH C18 C17  sing Y N 392 
ZKH C19 C18  doub Y N 393 
ZKH S20 C19  sing Y N 394 
ZKH N08 C13  sing N N 395 
ZKH C16 S20  sing Y N 396 
ZKH C10 H102 sing N N 397 
ZKH C10 H101 sing N N 398 
ZKH C13 H131 sing N N 399 
ZKH C13 H132 sing N N 400 
ZKH C17 H171 sing N N 401 
ZKH C01 H011 sing N N 402 
ZKH C01 H012 sing N N 403 
ZKH C01 H013 sing N N 404 
ZKH C03 H032 sing N N 405 
ZKH C03 H031 sing N N 406 
ZKH C04 H042 sing N N 407 
ZKH C04 H041 sing N N 408 
ZKH N05 H051 sing N N 409 
ZKH C09 H091 sing N N 410 
ZKH C09 H092 sing N N 411 
ZKH C12 H122 sing N N 412 
ZKH C12 H121 sing N N 413 
ZKH C18 H181 sing N N 414 
ZKH C19 H191 sing N N 415 
# 
_pdbx_audit_support.ordinal                1 
_pdbx_audit_support.funding_organization   'Wellcome Trust' 
_pdbx_audit_support.grant_number           None 
_pdbx_audit_support.country                'United Kingdom' 
# 
_pdbx_deposit_group.group_id            G_1002265 
_pdbx_deposit_group.group_description   
;XDomainX of XOrganismX PHIP screened against predicted false negatives and catalogue compounds by X-ray Crystallography at the XChem facility of Diamond Light Source beamline I04-1
;
_pdbx_deposit_group.group_title         'PanDDA analysis group deposition' 
_pdbx_deposit_group.group_type          'changed state' 
# 
_pdbx_entity_instance_feature.ordinal        1 
_pdbx_entity_instance_feature.comp_id        ZKH 
_pdbx_entity_instance_feature.asym_id        ? 
_pdbx_entity_instance_feature.seq_num        ? 
_pdbx_entity_instance_feature.auth_comp_id   ZKH 
_pdbx_entity_instance_feature.auth_asym_id   ? 
_pdbx_entity_instance_feature.auth_seq_num   ? 
_pdbx_entity_instance_feature.feature_type   'SUBJECT OF INVESTIGATION' 
_pdbx_entity_instance_feature.details        ? 
# 
_atom_sites.entry_id                    7FV2 
_atom_sites.fract_transf_matrix[1][1]   -0.00498145 
_atom_sites.fract_transf_matrix[1][2]   -0.00918980 
_atom_sites.fract_transf_matrix[1][3]   0.00663600 
_atom_sites.fract_transf_matrix[2][1]   -0.01516970 
_atom_sites.fract_transf_matrix[2][2]   -0.01360244 
_atom_sites.fract_transf_matrix[2][3]   -0.03022464 
_atom_sites.fract_transf_matrix[3][1]   0.01322113 
_atom_sites.fract_transf_matrix[3][2]   -0.01213761 
_atom_sites.fract_transf_matrix[3][3]   -0.00117320 
_atom_sites.fract_transf_vector[1]      -0.146597 
_atom_sites.fract_transf_vector[2]      0.446674 
_atom_sites.fract_transf_vector[3]      0.217558 
# 
loop_
_atom_type.symbol 
C 
N 
O 
S 
# 
loop_
_atom_site.group_PDB 
_atom_site.id 
_atom_site.type_symbol 
_atom_site.label_atom_id 
_atom_site.label_alt_id 
_atom_site.label_comp_id 
_atom_site.label_asym_id 
_atom_site.label_entity_id 
_atom_site.label_seq_id 
_atom_site.pdbx_PDB_ins_code 
_atom_site.Cartn_x 
_atom_site.Cartn_y 
_atom_site.Cartn_z 
_atom_site.occupancy 
_atom_site.B_iso_or_equiv 
_atom_site.pdbx_formal_charge 
_atom_site.auth_seq_id 
_atom_site.auth_comp_id 
_atom_site.auth_asym_id 
_atom_site.auth_atom_id 
_atom_site.pdbx_PDB_model_num 
ATOM   1    N N   . SER A 1 24  ? -19.824 14.399  3.308   1.00 22.86  ? 1315 SER A N   1 
ATOM   2    C CA  . SER A 1 24  ? -19.608 13.007  2.779   1.00 23.89  ? 1315 SER A CA  1 
ATOM   3    C C   . SER A 1 24  ? -19.158 12.086  3.922   1.00 20.76  ? 1315 SER A C   1 
ATOM   4    O O   . SER A 1 24  ? -17.930 11.770  4.001   1.00 20.78  ? 1315 SER A O   1 
ATOM   5    C CB  . SER A 1 24  ? -18.623 13.040  1.630   1.00 24.44  ? 1315 SER A CB  1 
ATOM   6    O OG  . SER A 1 24  ? -17.304 13.307  2.089   1.00 30.11  ? 1315 SER A OG  1 
ATOM   7    N N   . TYR A 1 25  ? -20.072 11.714  4.835   1.00 18.04  ? 1316 TYR A N   1 
ATOM   8    C CA  . TYR A 1 25  ? -19.638 11.326  6.208   1.00 14.19  ? 1316 TYR A CA  1 
ATOM   9    C C   . TYR A 1 25  ? -19.771 9.805   6.441   1.00 12.49  ? 1316 TYR A C   1 
ATOM   10   O O   . TYR A 1 25  ? -19.836 9.384   7.624   1.00 11.42  ? 1316 TYR A O   1 
ATOM   11   C CB  . TYR A 1 25  ? -20.334 12.150  7.294   1.00 14.48  ? 1316 TYR A CB  1 
ATOM   12   C CG  . TYR A 1 25  ? -20.197 13.649  7.143   1.00 13.23  ? 1316 TYR A CG  1 
ATOM   13   C CD1 . TYR A 1 25  ? -18.968 14.296  7.062   1.00 13.05  ? 1316 TYR A CD1 1 
ATOM   14   C CD2 . TYR A 1 25  ? -21.336 14.436  7.078   1.00 13.79  ? 1316 TYR A CD2 1 
ATOM   15   C CE1 . TYR A 1 25  ? -18.866 15.678  6.910   1.00 12.89  ? 1316 TYR A CE1 1 
ATOM   16   C CE2 . TYR A 1 25  ? -21.255 15.816  6.946   1.00 14.48  ? 1316 TYR A CE2 1 
ATOM   17   C CZ  . TYR A 1 25  ? -20.021 16.439  6.856   1.00 13.55  ? 1316 TYR A CZ  1 
ATOM   18   O OH  . TYR A 1 25  ? -19.915 17.805  6.740   1.00 14.15  ? 1316 TYR A OH  1 
ATOM   19   N N   . ASP A 1 26  ? -19.682 9.000   5.375   1.00 11.88  ? 1317 ASP A N   1 
ATOM   20   C CA  . ASP A 1 26  ? -19.724 7.514   5.514   1.00 11.55  ? 1317 ASP A CA  1 
ATOM   21   C C   . ASP A 1 26  ? -18.395 6.989   6.082   1.00 11.53  ? 1317 ASP A C   1 
ATOM   22   O O   . ASP A 1 26  ? -17.368 6.972   5.373   1.00 12.26  ? 1317 ASP A O   1 
ATOM   23   C CB  . ASP A 1 26  ? -20.063 6.916   4.163   1.00 13.64  ? 1317 ASP A CB  1 
ATOM   24   C CG  . ASP A 1 26  ? -20.248 5.391   4.102   1.00 11.97  ? 1317 ASP A CG  1 
ATOM   25   O OD1 . ASP A 1 26  ? -19.783 4.724   5.017   1.00 13.40  ? 1317 ASP A OD1 1 
ATOM   26   O OD2 . ASP A 1 26  ? -20.856 4.877   3.103   1.00 16.93  ? 1317 ASP A OD2 1 
ATOM   27   N N   . ILE A 1 27  ? -18.447 6.491   7.325   1.00 11.62  ? 1318 ILE A N   1 
ATOM   28   C CA  . ILE A 1 27  ? -17.293 5.948   8.098   1.00 11.83  ? 1318 ILE A CA  1 
ATOM   29   C C   . ILE A 1 27  ? -16.779 4.661   7.434   1.00 12.11  ? 1318 ILE A C   1 
ATOM   30   O O   . ILE A 1 27  ? -15.584 4.374   7.641   1.00 12.21  ? 1318 ILE A O   1 
ATOM   31   C CB  . ILE A 1 27  ? -17.658 5.741   9.589   1.00 12.08  ? 1318 ILE A CB  1 
ATOM   32   C CG1 . ILE A 1 27  ? -18.066 7.036   10.308  1.00 12.68  ? 1318 ILE A CG1 1 
ATOM   33   C CG2 . ILE A 1 27  ? -16.549 5.034   10.373  1.00 12.57  ? 1318 ILE A CG2 1 
ATOM   34   C CD1 . ILE A 1 27  ? -18.800 6.823   11.626  1.00 12.92  ? 1318 ILE A CD1 1 
ATOM   35   N N   . GLN A 1 28  ? -17.598 3.949   6.638   1.00 10.58  ? 1319 GLN A N   1 
ATOM   36   C CA  . GLN A 1 28  ? -17.185 2.634   6.035   1.00 11.26  ? 1319 GLN A CA  1 
ATOM   37   C C   . GLN A 1 28  ? -16.757 2.745   4.588   1.00 11.12  ? 1319 GLN A C   1 
ATOM   38   O O   . GLN A 1 28  ? -16.179 1.782   4.077   1.00 11.44  ? 1319 GLN A O   1 
ATOM   39   C CB  . GLN A 1 28  ? -18.331 1.617   6.102   1.00 11.38  ? 1319 GLN A CB  1 
ATOM   40   C CG  . GLN A 1 28  ? -18.547 1.032   7.508   1.00 12.45  ? 1319 GLN A CG  1 
ATOM   41   C CD  . GLN A 1 28  ? -19.503 1.826   8.395   1.00 10.67  ? 1319 GLN A CD  1 
ATOM   42   O OE1 . GLN A 1 28  ? -20.656 2.077   7.984   1.00 13.23  ? 1319 GLN A OE1 1 
ATOM   43   N NE2 . GLN A 1 28  ? -19.166 2.074   9.630   1.00 11.74  ? 1319 GLN A NE2 1 
ATOM   44   N N   . ALA A 1 29  ? -16.809 3.959   3.987   1.00 11.76  ? 1320 ALA A N   1 
ATOM   45   C CA  . ALA A 1 29  ? -16.624 4.095   2.511   1.00 12.17  ? 1320 ALA A CA  1 
ATOM   46   C C   . ALA A 1 29  ? -15.186 3.776   2.065   1.00 10.40  ? 1320 ALA A C   1 
ATOM   47   O O   . ALA A 1 29  ? -14.967 3.346   0.929   1.00 11.65  ? 1320 ALA A O   1 
ATOM   48   C CB  . ALA A 1 29  ? -17.099 5.436   1.962   1.00 13.11  ? 1320 ALA A CB  1 
ATOM   49   N N   . TRP A 1 30  ? -14.237 3.969   2.992   1.00 9.93   ? 1321 TRP A N   1 
ATOM   50   C CA  . TRP A 1 30  ? -12.796 3.746   2.694   1.00 10.15  ? 1321 TRP A CA  1 
ATOM   51   C C   . TRP A 1 30  ? -12.563 2.332   2.153   1.00 9.67   ? 1321 TRP A C   1 
ATOM   52   O O   . TRP A 1 30  ? -11.623 2.153   1.388   1.00 10.02  ? 1321 TRP A O   1 
ATOM   53   C CB  . TRP A 1 30  ? -11.920 4.053   3.910   1.00 9.90   ? 1321 TRP A CB  1 
ATOM   54   C CG  . TRP A 1 30  ? -12.150 3.103   5.042   1.00 10.18  ? 1321 TRP A CG  1 
ATOM   55   C CD1 . TRP A 1 30  ? -13.130 3.186   5.980   1.00 10.66  ? 1321 TRP A CD1 1 
ATOM   56   C CD2 . TRP A 1 30  ? -11.397 1.915   5.361   1.00 10.18  ? 1321 TRP A CD2 1 
ATOM   57   N NE1 . TRP A 1 30  ? -13.050 2.142   6.858   1.00 10.45  ? 1321 TRP A NE1 1 
ATOM   58   C CE2 . TRP A 1 30  ? -12.004 1.346   6.498   1.00 9.77   ? 1321 TRP A CE2 1 
ATOM   59   C CE3 . TRP A 1 30  ? -10.286 1.266   4.820   1.00 10.04  ? 1321 TRP A CE3 1 
ATOM   60   C CZ2 . TRP A 1 30  ? -11.545 0.172   7.098   1.00 10.70  ? 1321 TRP A CZ2 1 
ATOM   61   C CZ3 . TRP A 1 30  ? -9.841  0.089   5.383   1.00 10.85  ? 1321 TRP A CZ3 1 
ATOM   62   C CH2 . TRP A 1 30  ? -10.459 -0.447  6.514   1.00 11.01  ? 1321 TRP A CH2 1 
ATOM   63   N N   . LYS A 1 31  ? -13.314 1.335   2.622   1.00 10.36  ? 1322 LYS A N   1 
ATOM   64   C CA  . LYS A 1 31  ? -12.944 -0.047  2.251   1.00 10.34  ? 1322 LYS A CA  1 
ATOM   65   C C   . LYS A 1 31  ? -13.087 -0.269  0.742   1.00 10.31  ? 1322 LYS A C   1 
ATOM   66   O O   . LYS A 1 31  ? -12.093 -0.641  0.089   1.00 9.42   ? 1322 LYS A O   1 
ATOM   67   C CB  . LYS A 1 31  ? -13.721 -1.024  3.115   1.00 11.26  ? 1322 LYS A CB  1 
ATOM   68   C CG  . LYS A 1 31  ? -13.399 -2.485  2.830   1.00 10.74  ? 1322 LYS A CG  1 
ATOM   69   C CD  . LYS A 1 31  ? -14.091 -3.421  3.801   1.00 11.05  ? 1322 LYS A CD  1 
ATOM   70   C CE  . LYS A 1 31  ? -13.857 -4.894  3.536   1.00 11.20  ? 1322 LYS A CE  1 
ATOM   71   N NZ  . LYS A 1 31  ? -14.439 -5.726  4.626   1.00 11.87  ? 1322 LYS A NZ  1 
ATOM   72   N N   . LYS A 1 32  ? -14.267 0.005   0.195   1.00 12.08  ? 1323 LYS A N   1 
ATOM   73   C CA  . LYS A 1 32  ? -14.491 -0.164  -1.261  1.00 13.06  ? 1323 LYS A CA  1 
ATOM   74   C C   . LYS A 1 32  ? -13.559 0.769   -2.041  1.00 12.41  ? 1323 LYS A C   1 
ATOM   75   O O   . LYS A 1 32  ? -13.049 0.352   -3.068  1.00 12.04  ? 1323 LYS A O   1 
ATOM   76   C CB  . LYS A 1 32  ? -15.964 0.050   -1.617  1.00 16.22  ? 1323 LYS A CB  1 
ATOM   77   C CG  . LYS A 1 32  ? -16.276 0.101   -3.100  1.00 20.19  ? 1323 LYS A CG  1 
ATOM   78   C CD  . LYS A 1 32  ? -17.762 0.153   -3.413  1.00 23.34  ? 1323 LYS A CD  1 
ATOM   79   C CE  . LYS A 1 32  ? -18.032 0.259   -4.900  1.00 27.05  ? 1323 LYS A CE  1 
ATOM   80   N NZ  . LYS A 1 32  ? -19.480 0.187   -5.211  1.00 29.77  ? 1323 LYS A NZ  1 
ATOM   81   N N   . GLN A 1 33  ? -13.277 1.957   -1.510  1.00 12.50  ? 1324 GLN A N   1 
ATOM   82   C CA  . GLN A 1 33  ? -12.330 2.893   -2.199  1.00 11.94  ? 1324 GLN A CA  1 
ATOM   83   C C   . GLN A 1 33  ? -10.922 2.254   -2.263  1.00 11.97  ? 1324 GLN A C   1 
ATOM   84   O O   . GLN A 1 33  ? -10.279 2.303   -3.343  1.00 12.18  ? 1324 GLN A O   1 
ATOM   85   C CB  . GLN A 1 33  ? -12.279 4.239   -1.495  1.00 12.47  ? 1324 GLN A CB  1 
ATOM   86   C CG  . GLN A 1 33  ? -13.578 5.038   -1.698  1.00 12.99  ? 1324 GLN A CG  1 
ATOM   87   C CD  . GLN A 1 33  ? -13.721 6.138   -0.699  1.00 13.98  ? 1324 GLN A CD  1 
ATOM   88   O OE1 . GLN A 1 33  ? -12.930 6.343   0.230   1.00 14.95  ? 1324 GLN A OE1 1 
ATOM   89   N NE2 . GLN A 1 33  ? -14.847 6.837   -0.769  1.00 14.36  ? 1324 GLN A NE2 1 
ATOM   90   N N   . CYS A 1 34  ? -10.527 1.577   -1.179  1.00 10.99  ? 1325 CYS A N   1 
ATOM   91   C CA  . CYS A 1 34  ? -9.247  0.867   -1.159  1.00 11.28  ? 1325 CYS A CA  1 
ATOM   92   C C   . CYS A 1 34  ? -9.242  -0.356  -2.073  1.00 11.37  ? 1325 CYS A C   1 
ATOM   93   O O   . CYS A 1 34  ? -8.208  -0.639  -2.730  1.00 11.13  ? 1325 CYS A O   1 
ATOM   94   C CB  . CYS A 1 34  ? -8.782  0.525   0.253   1.00 10.93  ? 1325 CYS A CB  1 
ATOM   95   S SG  . CYS A 1 34  ? -8.261  1.939   1.237   1.00 12.05  ? 1325 CYS A SG  1 
ATOM   96   N N   . GLU A 1 35  ? -10.346 -1.099  -2.144  1.00 11.67  ? 1326 GLU A N   1 
ATOM   97   C CA  . GLU A 1 35  ? -10.478 -2.246  -3.090  1.00 12.86  ? 1326 GLU A CA  1 
ATOM   98   C C   . GLU A 1 35  ? -10.326 -1.736  -4.522  1.00 11.99  ? 1326 GLU A C   1 
ATOM   99   O O   . GLU A 1 35  ? -9.635  -2.376  -5.360  1.00 13.70  ? 1326 GLU A O   1 
ATOM   100  C CB  . GLU A 1 35  ? -11.835 -2.933  -2.915  1.00 13.70  ? 1326 GLU A CB  1 
ATOM   101  C CG  . GLU A 1 35  ? -12.036 -3.626  -1.578  1.00 15.79  ? 1326 GLU A CG  1 
ATOM   102  C CD  . GLU A 1 35  ? -13.488 -3.912  -1.195  1.00 16.51  ? 1326 GLU A CD  1 
ATOM   103  O OE1 . GLU A 1 35  ? -14.401 -3.521  -1.950  1.00 17.73  ? 1326 GLU A OE1 1 
ATOM   104  O OE2 . GLU A 1 35  ? -13.711 -4.483  -0.112  1.00 19.05  ? 1326 GLU A OE2 1 
ATOM   105  N N   . GLU A 1 36  ? -10.952 -0.606  -4.821  1.00 13.57  ? 1327 GLU A N   1 
ATOM   106  C CA  . GLU A 1 36  ? -10.872 0.019   -6.162  1.00 14.40  ? 1327 GLU A CA  1 
ATOM   107  C C   . GLU A 1 36  ? -9.417  0.381   -6.482  1.00 13.10  ? 1327 GLU A C   1 
ATOM   108  O O   . GLU A 1 36  ? -8.937  0.028   -7.584  1.00 15.46  ? 1327 GLU A O   1 
ATOM   109  C CB  . GLU A 1 36  ? -11.823 1.222   -6.245  1.00 16.22  ? 1327 GLU A CB  1 
ATOM   110  C CG  . GLU A 1 36  ? -13.273 0.827   -6.019  1.00 19.91  ? 1327 GLU A CG  1 
ATOM   111  C CD  . GLU A 1 36  ? -14.337 1.897   -5.814  1.00 22.74  ? 1327 GLU A CD  1 
ATOM   112  O OE1 . GLU A 1 36  ? -14.022 3.030   -5.377  1.00 27.12  ? 1327 GLU A OE1 1 
ATOM   113  O OE2 . GLU A 1 36  ? -15.506 1.575   -6.089  1.00 26.79  ? 1327 GLU A OE2 1 
ATOM   114  N N   . LEU A 1 37  ? -8.732  1.074   -5.573  1.00 12.36  ? 1328 LEU A N   1 
ATOM   115  C CA  . LEU A 1 37  ? -7.340  1.518   -5.834  1.00 11.85  ? 1328 LEU A CA  1 
ATOM   116  C C   . LEU A 1 37  ? -6.400  0.305   -5.914  1.00 11.81  ? 1328 LEU A C   1 
ATOM   117  O O   . LEU A 1 37  ? -5.426  0.335   -6.708  1.00 12.46  ? 1328 LEU A O   1 
ATOM   118  C CB  . LEU A 1 37  ? -6.918  2.508   -4.752  1.00 12.00  ? 1328 LEU A CB  1 
ATOM   119  C CG  . LEU A 1 37  ? -5.458  2.962   -4.735  1.00 11.99  ? 1328 LEU A CG  1 
ATOM   120  C CD1 . LEU A 1 37  ? -5.065  3.480   -6.118  1.00 12.71  ? 1328 LEU A CD1 1 
ATOM   121  C CD2 . LEU A 1 37  ? -5.236  4.021   -3.673  1.00 12.90  ? 1328 LEU A CD2 1 
ATOM   122  N N   . LEU A 1 38  ? -6.687  -0.788  -5.206  1.00 11.94  ? 1329 LEU A N   1 
ATOM   123  C CA  . LEU A 1 38  ? -5.888  -2.026  -5.408  1.00 11.41  ? 1329 LEU A CA  1 
ATOM   124  C C   . LEU A 1 38  ? -6.082  -2.548  -6.837  1.00 12.46  ? 1329 LEU A C   1 
ATOM   125  O O   . LEU A 1 38  ? -5.100  -2.924  -7.478  1.00 12.25  ? 1329 LEU A O   1 
ATOM   126  C CB  . LEU A 1 38  ? -6.260  -3.059  -4.342  1.00 12.02  ? 1329 LEU A CB  1 
ATOM   127  C CG  . LEU A 1 38  ? -5.651  -2.785  -2.961  1.00 12.62  ? 1329 LEU A CG  1 
ATOM   128  C CD1 . LEU A 1 38  ? -6.258  -3.671  -1.876  1.00 13.92  ? 1329 LEU A CD1 1 
ATOM   129  C CD2 . LEU A 1 38  ? -4.136  -2.960  -2.983  1.00 13.49  ? 1329 LEU A CD2 1 
ATOM   130  N N   . ASN A 1 39  ? -7.315  -2.586  -7.315  1.00 14.07  ? 1330 ASN A N   1 
ATOM   131  C CA  . ASN A 1 39  ? -7.578  -2.978  -8.724  1.00 15.54  ? 1330 ASN A CA  1 
ATOM   132  C C   . ASN A 1 39  ? -6.742  -2.111  -9.683  1.00 14.04  ? 1330 ASN A C   1 
ATOM   133  O O   . ASN A 1 39  ? -6.088  -2.667  -10.568 1.00 13.55  ? 1330 ASN A O   1 
ATOM   134  C CB  . ASN A 1 39  ? -9.072  -2.908  -9.043  1.00 16.39  ? 1330 ASN A CB  1 
ATOM   135  C CG  . ASN A 1 39  ? -9.908  -3.894  -8.243  1.00 18.02  ? 1330 ASN A CG  1 
ATOM   136  O OD1 . ASN A 1 39  ? -9.393  -4.842  -7.643  1.00 19.27  ? 1330 ASN A OD1 1 
ATOM   137  N ND2 . ASN A 1 39  ? -11.217 -3.691  -8.233  1.00 19.96  ? 1330 ASN A ND2 1 
ATOM   138  N N   . LEU A 1 40  ? -6.687  -0.799  -9.494  1.00 14.37  ? 1331 LEU A N   1 
ATOM   139  C CA  . LEU A 1 40  ? -5.890  0.105   -10.366 1.00 15.07  ? 1331 LEU A CA  1 
ATOM   140  C C   . LEU A 1 40  ? -4.404  -0.260  -10.245 1.00 14.62  ? 1331 LEU A C   1 
ATOM   141  O O   . LEU A 1 40  ? -3.688  -0.223  -11.281 1.00 14.48  ? 1331 LEU A O   1 
ATOM   142  C CB  . LEU A 1 40  ? -6.179  1.558   -9.987  1.00 16.16  ? 1331 LEU A CB  1 
ATOM   143  C CG  . LEU A 1 40  ? -7.567  2.084   -10.376 1.00 15.86  ? 1331 LEU A CG  1 
ATOM   144  C CD1 . LEU A 1 40  ? -7.625  3.599   -10.235 1.00 18.34  ? 1331 LEU A CD1 1 
ATOM   145  C CD2 . LEU A 1 40  ? -7.978  1.649   -11.790 1.00 16.84  ? 1331 LEU A CD2 1 
ATOM   146  N N   . ILE A 1 41  ? -3.948  -0.678  -9.062  1.00 14.10  ? 1332 ILE A N   1 
ATOM   147  C CA  . ILE A 1 41  ? -2.527  -1.072  -8.853  1.00 12.56  ? 1332 ILE A CA  1 
ATOM   148  C C   . ILE A 1 41  ? -2.256  -2.432  -9.527  1.00 13.67  ? 1332 ILE A C   1 
ATOM   149  O O   . ILE A 1 41  ? -1.201  -2.567  -10.226 1.00 11.91  ? 1332 ILE A O   1 
ATOM   150  C CB  . ILE A 1 41  ? -2.208  -1.060  -7.343  1.00 12.21  ? 1332 ILE A CB  1 
ATOM   151  C CG1 . ILE A 1 41  ? -2.087  0.373   -6.811  1.00 13.06  ? 1332 ILE A CG1 1 
ATOM   152  C CG2 . ILE A 1 41  ? -0.961  -1.871  -7.020  1.00 12.14  ? 1332 ILE A CG2 1 
ATOM   153  C CD1 . ILE A 1 41  ? -2.354  0.500   -5.338  1.00 13.87  ? 1332 ILE A CD1 1 
ATOM   154  N N   . PHE A 1 42  ? -3.174  -3.391  -9.444  1.00 15.72  ? 1333 PHE A N   1 
ATOM   155  C CA  . PHE A 1 42  ? -3.001  -4.712  -10.108 1.00 17.19  ? 1333 PHE A CA  1 
ATOM   156  C C   . PHE A 1 42  ? -3.160  -4.589  -11.647 1.00 17.83  ? 1333 PHE A C   1 
ATOM   157  O O   . PHE A 1 42  ? -2.777  -5.534  -12.382 1.00 20.34  ? 1333 PHE A O   1 
ATOM   158  C CB  . PHE A 1 42  ? -3.928  -5.745  -9.452  1.00 17.09  ? 1333 PHE A CB  1 
ATOM   159  C CG  . PHE A 1 42  ? -3.385  -6.422  -8.213  1.00 17.75  ? 1333 PHE A CG  1 
ATOM   160  C CD1 . PHE A 1 42  ? -2.747  -7.653  -8.305  1.00 18.55  ? 1333 PHE A CD1 1 
ATOM   161  C CD2 . PHE A 1 42  ? -3.581  -5.886  -6.948  1.00 18.89  ? 1333 PHE A CD2 1 
ATOM   162  C CE1 . PHE A 1 42  ? -2.264  -8.296  -7.174  1.00 20.35  ? 1333 PHE A CE1 1 
ATOM   163  C CE2 . PHE A 1 42  ? -3.109  -6.542  -5.819  1.00 19.59  ? 1333 PHE A CE2 1 
ATOM   164  C CZ  . PHE A 1 42  ? -2.450  -7.742  -5.932  1.00 20.02  ? 1333 PHE A CZ  1 
ATOM   165  N N   . GLN A 1 43  ? -3.606  -3.451  -12.187 1.00 20.01  ? 1334 GLN A N   1 
ATOM   166  C CA  . GLN A 1 43  ? -3.671  -3.232  -13.670 1.00 21.21  ? 1334 GLN A CA  1 
ATOM   167  C C   . GLN A 1 43  ? -2.440  -2.458  -14.156 1.00 21.34  ? 1334 GLN A C   1 
ATOM   168  O O   . GLN A 1 43  ? -2.304  -2.244  -15.387 1.00 22.91  ? 1334 GLN A O   1 
ATOM   169  C CB  . GLN A 1 43  ? -4.960  -2.495  -14.034 1.00 22.33  ? 1334 GLN A CB  1 
ATOM   170  C CG  . GLN A 1 43  ? -6.204  -3.317  -13.741 1.00 24.08  ? 1334 GLN A CG  1 
ATOM   171  N N   . CYS A 1 44  ? -1.564  -2.053  -13.234 1.00 18.73  ? 1335 CYS A N   1 
ATOM   172  C CA  . CYS A 1 44  ? -0.302  -1.331  -13.518 1.00 17.87  ? 1335 CYS A CA  1 
ATOM   173  C C   . CYS A 1 44  ? 0.821   -2.358  -13.760 1.00 16.20  ? 1335 CYS A C   1 
ATOM   174  O O   . CYS A 1 44  ? 1.044   -3.221  -12.895 1.00 14.93  ? 1335 CYS A O   1 
ATOM   175  C CB  . CYS A 1 44  ? 0.061   -0.387  -12.365 1.00 18.11  ? 1335 CYS A CB  1 
ATOM   176  S SG  . CYS A 1 44  ? -1.070  1.021   -12.211 1.00 22.75  ? 1335 CYS A SG  1 
ATOM   177  N N   . GLU A 1 45  ? 1.523   -2.277  -14.896 1.00 14.61  ? 1336 GLU A N   1 
ATOM   178  C CA  . GLU A 1 45  ? 2.805   -3.012  -15.110 1.00 14.02  ? 1336 GLU A CA  1 
ATOM   179  C C   . GLU A 1 45  ? 3.823   -2.648  -14.006 1.00 13.76  ? 1336 GLU A C   1 
ATOM   180  O O   . GLU A 1 45  ? 4.656   -3.486  -13.700 1.00 13.00  ? 1336 GLU A O   1 
ATOM   181  C CB  . GLU A 1 45  ? 3.394   -2.719  -16.498 1.00 13.87  ? 1336 GLU A CB  1 
ATOM   182  C CG  . GLU A 1 45  ? 2.603   -3.290  -17.691 1.00 15.37  ? 1336 GLU A CG  1 
ATOM   183  C CD  . GLU A 1 45  ? 2.836   -2.656  -19.066 1.00 16.74  ? 1336 GLU A CD  1 
ATOM   184  O OE1 . GLU A 1 45  ? 3.850   -1.966  -19.251 1.00 17.05  ? 1336 GLU A OE1 1 
ATOM   185  O OE2 . GLU A 1 45  ? 2.018   -2.910  -19.966 1.00 18.67  ? 1336 GLU A OE2 1 
ATOM   186  N N   . ASP A 1 46  ? 3.783   -1.439  -13.452 1.00 13.37  ? 1337 ASP A N   1 
ATOM   187  C CA  . ASP A 1 46  ? 4.752   -1.027  -12.398 1.00 13.70  ? 1337 ASP A CA  1 
ATOM   188  C C   . ASP A 1 46  ? 4.526   -1.800  -11.090 1.00 12.76  ? 1337 ASP A C   1 
ATOM   189  O O   . ASP A 1 46  ? 5.454   -1.785  -10.241 1.00 12.73  ? 1337 ASP A O   1 
ATOM   190  C CB  . ASP A 1 46  ? 4.697   0.458   -12.085 1.00 14.57  ? 1337 ASP A CB  1 
ATOM   191  C CG  . ASP A 1 46  ? 5.332   1.323   -13.155 1.00 14.46  ? 1337 ASP A CG  1 
ATOM   192  O OD1 . ASP A 1 46  ? 6.134   0.787   -13.980 1.00 16.14  ? 1337 ASP A OD1 1 
ATOM   193  O OD2 . ASP A 1 46  ? 5.080   2.518   -13.129 1.00 14.94  ? 1337 ASP A OD2 1 
ATOM   194  N N   . SER A 1 47  ? 3.377   -2.447  -10.887 1.00 11.72  ? 1338 SER A N   1 
ATOM   195  C CA  . SER A 1 47  ? 3.184   -3.300  -9.687  1.00 11.37  ? 1338 SER A CA  1 
ATOM   196  C C   . SER A 1 47  ? 3.741   -4.700  -9.904  1.00 11.27  ? 1338 SER A C   1 
ATOM   197  O O   . SER A 1 47  ? 3.694   -5.461  -8.973  1.00 10.49  ? 1338 SER A O   1 
ATOM   198  C CB  . SER A 1 47  ? 1.755   -3.370  -9.268  1.00 11.05  ? 1338 SER A CB  1 
ATOM   199  O OG  . SER A 1 47  ? 0.991   -4.289  -10.062 1.00 11.30  ? 1338 SER A OG  1 
ATOM   200  N N   . GLU A 1 48  ? 4.212   -5.060  -11.096 1.00 12.21  ? 1339 GLU A N   1 
ATOM   201  C CA  . GLU A 1 48  ? 4.629   -6.453  -11.385 1.00 13.21  ? 1339 GLU A CA  1 
ATOM   202  C C   . GLU A 1 48  ? 5.530   -7.014  -10.281 1.00 12.46  ? 1339 GLU A C   1 
ATOM   203  O O   . GLU A 1 48  ? 5.261   -8.113  -9.806  1.00 14.55  ? 1339 GLU A O   1 
ATOM   204  C CB  . GLU A 1 48  ? 5.304   -6.564  -12.757 1.00 14.73  ? 1339 GLU A CB  1 
ATOM   205  C CG  . GLU A 1 48  ? 5.705   -7.996  -13.069 1.00 18.02  ? 1339 GLU A CG  1 
ATOM   206  C CD  . GLU A 1 48  ? 6.421   -8.209  -14.393 1.00 18.66  ? 1339 GLU A CD  1 
ATOM   207  O OE1 . GLU A 1 48  ? 6.460   -7.275  -15.226 1.00 24.22  ? 1339 GLU A OE1 1 
ATOM   208  O OE2 . GLU A 1 48  ? 6.975   -9.300  -14.561 1.00 23.48  ? 1339 GLU A OE2 1 
ATOM   209  N N   . PRO A 1 49  ? 6.611   -6.338  -9.810  1.00 11.60  ? 1340 PRO A N   1 
ATOM   210  C CA  . PRO A 1 49  ? 7.477   -6.931  -8.783  1.00 11.61  ? 1340 PRO A CA  1 
ATOM   211  C C   . PRO A 1 49  ? 6.858   -7.082  -7.384  1.00 10.97  ? 1340 PRO A C   1 
ATOM   212  O O   . PRO A 1 49  ? 7.433   -7.802  -6.563  1.00 11.16  ? 1340 PRO A O   1 
ATOM   213  C CB  . PRO A 1 49  ? 8.689   -5.973  -8.715  1.00 12.23  ? 1340 PRO A CB  1 
ATOM   214  C CG  . PRO A 1 49  ? 8.629   -5.154  -9.999  1.00 12.14  ? 1340 PRO A CG  1 
ATOM   215  C CD  . PRO A 1 49  ? 7.139   -5.046  -10.274 1.00 11.52  ? 1340 PRO A CD  1 
ATOM   216  N N   . PHE A 1 50  ? 5.719   -6.430  -7.128  1.00 11.36  ? 1341 PHE A N   1 
ATOM   217  C CA  . PHE A 1 50  ? 5.171   -6.202  -5.758  1.00 11.21  ? 1341 PHE A CA  1 
ATOM   218  C C   . PHE A 1 50  ? 3.850   -6.956  -5.550  1.00 12.38  ? 1341 PHE A C   1 
ATOM   219  O O   . PHE A 1 50  ? 3.111   -6.621  -4.612  1.00 12.53  ? 1341 PHE A O   1 
ATOM   220  C CB  . PHE A 1 50  ? 5.024   -4.691  -5.515  1.00 10.37  ? 1341 PHE A CB  1 
ATOM   221  C CG  . PHE A 1 50  ? 6.249   -3.896  -5.888  1.00 9.77   ? 1341 PHE A CG  1 
ATOM   222  C CD1 . PHE A 1 50  ? 7.415   -3.986  -5.144  1.00 10.13  ? 1341 PHE A CD1 1 
ATOM   223  C CD2 . PHE A 1 50  ? 6.236   -3.087  -7.010  1.00 10.05  ? 1341 PHE A CD2 1 
ATOM   224  C CE1 . PHE A 1 50  ? 8.551   -3.305  -5.540  1.00 10.21  ? 1341 PHE A CE1 1 
ATOM   225  C CE2 . PHE A 1 50  ? 7.375   -2.424  -7.409  1.00 10.10  ? 1341 PHE A CE2 1 
ATOM   226  C CZ  . PHE A 1 50  ? 8.530   -2.528  -6.676  1.00 10.03  ? 1341 PHE A CZ  1 
ATOM   227  N N   . ARG A 1 51  ? 3.518   -7.941  -6.377  1.00 13.03  ? 1342 ARG A N   1 
ATOM   228  C CA  . ARG A 1 51  ? 2.165   -8.562  -6.312  1.00 14.09  ? 1342 ARG A CA  1 
ATOM   229  C C   . ARG A 1 51  ? 2.167   -9.700  -5.301  1.00 14.19  ? 1342 ARG A C   1 
ATOM   230  O O   . ARG A 1 51  ? 1.107   -9.920  -4.664  1.00 15.10  ? 1342 ARG A O   1 
ATOM   231  C CB  . ARG A 1 51  ? 1.687   -9.066  -7.675  1.00 14.18  ? 1342 ARG A CB  1 
ATOM   232  C CG  . ARG A 1 51  ? 1.223   -7.919  -8.554  1.00 14.62  ? 1342 ARG A CG  1 
ATOM   233  C CD  . ARG A 1 51  ? 0.992   -8.314  -9.996  1.00 15.33  ? 1342 ARG A CD  1 
ATOM   234  N NE  . ARG A 1 51  ? 0.798   -7.142  -10.835 1.00 15.96  ? 1342 ARG A NE  1 
ATOM   235  C CZ  . ARG A 1 51  ? 1.013   -7.084  -12.154 1.00 17.56  ? 1342 ARG A CZ  1 
ATOM   236  N NH1 . ARG A 1 51  ? 1.436   -8.145  -12.836 1.00 19.60  ? 1342 ARG A NH1 1 
ATOM   237  N NH2 . ARG A 1 51  ? 0.816   -5.942  -12.783 1.00 16.49  ? 1342 ARG A NH2 1 
ATOM   238  N N   . GLN A 1 52  ? 3.290   -10.419 -5.208  1.00 15.95  ? 1343 GLN A N   1 
ATOM   239  C CA  . GLN A 1 52  ? 3.458   -11.636 -4.381  1.00 17.83  ? 1343 GLN A CA  1 
ATOM   240  C C   . GLN A 1 52  ? 4.828   -11.600 -3.699  1.00 18.26  ? 1343 GLN A C   1 
ATOM   241  O O   . GLN A 1 52  ? 5.634   -10.702 -3.947  1.00 18.22  ? 1343 GLN A O   1 
ATOM   242  C CB  . GLN A 1 52  ? 3.269   -12.872 -5.273  1.00 19.73  ? 1343 GLN A CB  1 
ATOM   243  C CG  . GLN A 1 52  ? 2.146   -12.747 -6.306  1.00 22.88  ? 1343 GLN A CG  1 
ATOM   244  C CD  . GLN A 1 52  ? 0.744   -12.789 -5.737  1.00 25.36  ? 1343 GLN A CD  1 
ATOM   245  O OE1 . GLN A 1 52  ? 0.492   -13.343 -4.661  1.00 24.93  ? 1343 GLN A OE1 1 
ATOM   246  N NE2 . GLN A 1 52  ? -0.200  -12.219 -6.480  1.00 26.01  ? 1343 GLN A NE2 1 
ATOM   247  N N   . PRO A 1 53  ? 5.117   -12.545 -2.774  1.00 20.41  ? 1344 PRO A N   1 
ATOM   248  C CA  . PRO A 1 53  ? 6.354   -12.493 -1.992  1.00 21.06  ? 1344 PRO A CA  1 
ATOM   249  C C   . PRO A 1 53  ? 7.644   -12.761 -2.776  1.00 22.67  ? 1344 PRO A C   1 
ATOM   250  O O   . PRO A 1 53  ? 7.608   -13.399 -3.813  1.00 23.07  ? 1344 PRO A O   1 
ATOM   251  C CB  . PRO A 1 53  ? 6.171   -13.576 -0.918  1.00 21.72  ? 1344 PRO A CB  1 
ATOM   252  C CG  . PRO A 1 53  ? 4.682   -13.831 -0.901  1.00 21.29  ? 1344 PRO A CG  1 
ATOM   253  C CD  . PRO A 1 53  ? 4.232   -13.635 -2.332  1.00 21.10  ? 1344 PRO A CD  1 
ATOM   254  N N   . VAL A 1 54  ? 8.755   -12.246 -2.247  1.00 23.04  ? 1345 VAL A N   1 
ATOM   255  C CA  . VAL A 1 54  ? 10.128  -12.505 -2.757  1.00 24.39  ? 1345 VAL A CA  1 
ATOM   256  C C   . VAL A 1 54  ? 10.486  -13.969 -2.475  1.00 25.57  ? 1345 VAL A C   1 
ATOM   257  O O   . VAL A 1 54  ? 10.403  -14.382 -1.296  1.00 30.15  ? 1345 VAL A O   1 
ATOM   258  C CB  . VAL A 1 54  ? 11.152  -11.540 -2.137  1.00 22.33  ? 1345 VAL A CB  1 
ATOM   259  C CG1 . VAL A 1 54  ? 12.546  -11.794 -2.686  1.00 21.99  ? 1345 VAL A CG1 1 
ATOM   260  C CG2 . VAL A 1 54  ? 10.736  -10.095 -2.344  1.00 22.27  ? 1345 VAL A CG2 1 
ATOM   261  N N   . ASP A 1 55  ? 10.835  -14.704 -3.534  1.00 26.97  ? 1346 ASP A N   1 
ATOM   262  C CA  . ASP A 1 55  ? 11.388  -16.083 -3.504  1.00 28.54  ? 1346 ASP A CA  1 
ATOM   263  C C   . ASP A 1 55  ? 12.837  -15.994 -3.006  1.00 27.92  ? 1346 ASP A C   1 
ATOM   264  O O   . ASP A 1 55  ? 13.598  -15.205 -3.595  1.00 26.82  ? 1346 ASP A O   1 
ATOM   265  C CB  . ASP A 1 55  ? 11.298  -16.718 -4.896  1.00 30.62  ? 1346 ASP A CB  1 
ATOM   266  C CG  . ASP A 1 55  ? 11.603  -18.208 -4.932  1.00 33.41  ? 1346 ASP A CG  1 
ATOM   267  O OD1 . ASP A 1 55  ? 12.569  -18.619 -4.267  1.00 32.87  ? 1346 ASP A OD1 1 
ATOM   268  O OD2 . ASP A 1 55  ? 10.864  -18.949 -5.624  1.00 33.18  ? 1346 ASP A OD2 1 
ATOM   269  N N   . LEU A 1 56  ? 13.213  -16.783 -1.991  1.00 28.87  ? 1347 LEU A N   1 
ATOM   270  C CA  . LEU A 1 56  ? 14.585  -16.788 -1.408  1.00 28.21  ? 1347 LEU A CA  1 
ATOM   271  C C   . LEU A 1 56  ? 15.586  -17.472 -2.350  1.00 27.81  ? 1347 LEU A C   1 
ATOM   272  O O   . LEU A 1 56  ? 16.762  -17.085 -2.318  1.00 26.33  ? 1347 LEU A O   1 
ATOM   273  C CB  . LEU A 1 56  ? 14.577  -17.462 -0.029  1.00 28.82  ? 1347 LEU A CB  1 
ATOM   274  C CG  . LEU A 1 56  ? 13.939  -16.661 1.108   1.00 30.58  ? 1347 LEU A CG  1 
ATOM   275  C CD1 . LEU A 1 56  ? 14.383  -17.197 2.464   1.00 30.48  ? 1347 LEU A CD1 1 
ATOM   276  C CD2 . LEU A 1 56  ? 14.261  -15.179 1.003   1.00 31.61  ? 1347 LEU A CD2 1 
ATOM   277  N N   . LEU A 1 57  ? 15.180  -18.451 -3.164  1.00 27.77  ? 1348 LEU A N   1 
ATOM   278  C CA  . LEU A 1 57  ? 16.118  -19.066 -4.143  1.00 27.16  ? 1348 LEU A CA  1 
ATOM   279  C C   . LEU A 1 57  ? 16.655  -17.973 -5.074  1.00 26.84  ? 1348 LEU A C   1 
ATOM   280  O O   . LEU A 1 57  ? 17.857  -18.012 -5.387  1.00 27.72  ? 1348 LEU A O   1 
ATOM   281  C CB  . LEU A 1 57  ? 15.428  -20.176 -4.939  1.00 27.53  ? 1348 LEU A CB  1 
ATOM   282  C CG  . LEU A 1 57  ? 15.016  -21.420 -4.153  1.00 27.89  ? 1348 LEU A CG  1 
ATOM   283  C CD1 . LEU A 1 57  ? 14.207  -22.349 -5.043  1.00 28.24  ? 1348 LEU A CD1 1 
ATOM   284  C CD2 . LEU A 1 57  ? 16.221  -22.149 -3.576  1.00 28.45  ? 1348 LEU A CD2 1 
ATOM   285  N N   . GLU A 1 58  ? 15.795  -17.029 -5.481  1.00 24.70  ? 1349 GLU A N   1 
ATOM   286  C CA  . GLU A 1 58  ? 16.156  -15.933 -6.421  1.00 24.19  ? 1349 GLU A CA  1 
ATOM   287  C C   . GLU A 1 58  ? 16.941  -14.839 -5.681  1.00 21.97  ? 1349 GLU A C   1 
ATOM   288  O O   . GLU A 1 58  ? 17.878  -14.286 -6.275  1.00 23.18  ? 1349 GLU A O   1 
ATOM   289  C CB  . GLU A 1 58  ? 14.887  -15.373 -7.053  1.00 24.06  ? 1349 GLU A CB  1 
ATOM   290  C CG  . GLU A 1 58  ? 14.328  -16.251 -8.156  1.00 26.09  ? 1349 GLU A CG  1 
ATOM   291  C CD  . GLU A 1 58  ? 12.937  -15.865 -8.642  1.00 27.99  ? 1349 GLU A CD  1 
ATOM   292  O OE1 . GLU A 1 58  ? 12.451  -14.769 -8.259  1.00 29.49  ? 1349 GLU A OE1 1 
ATOM   293  O OE2 . GLU A 1 58  ? 12.338  -16.654 -9.413  1.00 30.47  ? 1349 GLU A OE2 1 
ATOM   294  N N   . TYR A 1 59  ? 16.548  -14.530 -4.441  1.00 21.53  ? 1350 TYR A N   1 
ATOM   295  C CA  . TYR A 1 59  ? 17.121  -13.439 -3.607  1.00 19.68  ? 1350 TYR A CA  1 
ATOM   296  C C   . TYR A 1 59  ? 17.550  -14.017 -2.262  1.00 18.42  ? 1350 TYR A C   1 
ATOM   297  O O   . TYR A 1 59  ? 16.897  -13.791 -1.251  1.00 16.73  ? 1350 TYR A O   1 
ATOM   298  C CB  . TYR A 1 59  ? 16.093  -12.308 -3.507  1.00 19.24  ? 1350 TYR A CB  1 
ATOM   299  C CG  . TYR A 1 59  ? 15.818  -11.635 -4.831  1.00 18.34  ? 1350 TYR A CG  1 
ATOM   300  C CD1 . TYR A 1 59  ? 16.627  -10.611 -5.302  1.00 19.51  ? 1350 TYR A CD1 1 
ATOM   301  C CD2 . TYR A 1 59  ? 14.758  -12.041 -5.635  1.00 18.98  ? 1350 TYR A CD2 1 
ATOM   302  C CE1 . TYR A 1 59  ? 16.383  -9.995  -6.519  1.00 19.44  ? 1350 TYR A CE1 1 
ATOM   303  C CE2 . TYR A 1 59  ? 14.511  -11.445 -6.865  1.00 18.84  ? 1350 TYR A CE2 1 
ATOM   304  C CZ  . TYR A 1 59  ? 15.312  -10.402 -7.296  1.00 18.91  ? 1350 TYR A CZ  1 
ATOM   305  O OH  . TYR A 1 59  ? 15.069  -9.780  -8.492  1.00 18.43  ? 1350 TYR A OH  1 
ATOM   306  N N   . PRO A 1 60  ? 18.626  -14.846 -2.223  1.00 18.20  ? 1351 PRO A N   1 
ATOM   307  C CA  . PRO A 1 60  ? 18.971  -15.589 -1.005  1.00 17.27  ? 1351 PRO A CA  1 
ATOM   308  C C   . PRO A 1 60  ? 19.239  -14.756 0.260   1.00 16.48  ? 1351 PRO A C   1 
ATOM   309  O O   . PRO A 1 60  ? 19.018  -15.267 1.336   1.00 17.37  ? 1351 PRO A O   1 
ATOM   310  C CB  . PRO A 1 60  ? 20.216  -16.395 -1.437  1.00 17.03  ? 1351 PRO A CB  1 
ATOM   311  C CG  . PRO A 1 60  ? 20.046  -16.592 -2.916  1.00 19.29  ? 1351 PRO A CG  1 
ATOM   312  C CD  . PRO A 1 60  ? 19.412  -15.301 -3.388  1.00 18.89  ? 1351 PRO A CD  1 
ATOM   313  N N   . ASP A 1 61  ? 19.644  -13.497 0.108   1.00 15.31  ? 1352 ASP A N   1 
ATOM   314  C CA  . ASP A 1 61  ? 19.927  -12.593 1.250   1.00 15.37  ? 1352 ASP A CA  1 
ATOM   315  C C   . ASP A 1 61  ? 18.705  -11.723 1.615   1.00 14.03  ? 1352 ASP A C   1 
ATOM   316  O O   . ASP A 1 61  ? 18.855  -10.821 2.463   1.00 13.36  ? 1352 ASP A O   1 
ATOM   317  C CB  . ASP A 1 61  ? 21.100  -11.673 0.910   1.00 15.94  ? 1352 ASP A CB  1 
ATOM   318  C CG  . ASP A 1 61  ? 20.781  -10.711 -0.218  1.00 16.90  ? 1352 ASP A CG  1 
ATOM   319  O OD1 . ASP A 1 61  ? 19.966  -11.083 -1.092  1.00 19.95  ? 1352 ASP A OD1 1 
ATOM   320  O OD2 . ASP A 1 61  ? 21.395  -9.633  -0.261  1.00 19.81  ? 1352 ASP A OD2 1 
ATOM   321  N N   . TYR A 1 62  ? 17.527  -11.932 1.025   1.00 13.12  ? 1353 TYR A N   1 
ATOM   322  C CA  . TYR A 1 62  ? 16.438  -10.922 1.163   1.00 13.62  ? 1353 TYR A CA  1 
ATOM   323  C C   . TYR A 1 62  ? 16.093  -10.736 2.648   1.00 13.09  ? 1353 TYR A C   1 
ATOM   324  O O   . TYR A 1 62  ? 16.023  -9.580  3.123   1.00 12.67  ? 1353 TYR A O   1 
ATOM   325  C CB  . TYR A 1 62  ? 15.224  -11.285 0.303   1.00 12.38  ? 1353 TYR A CB  1 
ATOM   326  C CG  . TYR A 1 62  ? 14.168  -10.204 0.251   1.00 11.53  ? 1353 TYR A CG  1 
ATOM   327  C CD1 . TYR A 1 62  ? 14.359  -9.084  -0.557  1.00 11.88  ? 1353 TYR A CD1 1 
ATOM   328  C CD2 . TYR A 1 62  ? 12.999  -10.306 1.005   1.00 12.22  ? 1353 TYR A CD2 1 
ATOM   329  C CE1 . TYR A 1 62  ? 13.402  -8.082  -0.617  1.00 11.32  ? 1353 TYR A CE1 1 
ATOM   330  C CE2 . TYR A 1 62  ? 12.033  -9.308  0.946   1.00 11.64  ? 1353 TYR A CE2 1 
ATOM   331  C CZ  . TYR A 1 62  ? 12.263  -8.180  0.175   1.00 11.66  ? 1353 TYR A CZ  1 
ATOM   332  O OH  . TYR A 1 62  ? 11.290  -7.217  0.180   1.00 11.76  ? 1353 TYR A OH  1 
ATOM   333  N N   . ARG A 1 63  ? 15.905  -11.828 3.393   1.00 13.66  ? 1354 ARG A N   1 
ATOM   334  C CA  . ARG A 1 63  ? 15.479  -11.762 4.814   1.00 14.14  ? 1354 ARG A CA  1 
ATOM   335  C C   . ARG A 1 63  ? 16.649  -11.434 5.761   1.00 14.58  ? 1354 ARG A C   1 
ATOM   336  O O   . ARG A 1 63  ? 16.387  -11.196 6.946   1.00 16.12  ? 1354 ARG A O   1 
ATOM   337  C CB  . ARG A 1 63  ? 14.760  -13.051 5.227   1.00 15.71  ? 1354 ARG A CB  1 
ATOM   338  C CG  . ARG A 1 63  ? 13.475  -13.321 4.448   1.00 16.97  ? 1354 ARG A CG  1 
ATOM   339  C CD  . ARG A 1 63  ? 12.400  -12.252 4.553   1.00 18.83  ? 1354 ARG A CD  1 
ATOM   340  N NE  . ARG A 1 63  ? 12.063  -11.924 5.932   1.00 19.98  ? 1354 ARG A NE  1 
ATOM   341  C CZ  . ARG A 1 63  ? 11.234  -12.627 6.708   1.00 22.58  ? 1354 ARG A CZ  1 
ATOM   342  N NH1 . ARG A 1 63  ? 10.624  -13.702 6.238   1.00 21.92  ? 1354 ARG A NH1 1 
ATOM   343  N NH2 . ARG A 1 63  ? 11.012  -12.245 7.952   1.00 24.30  ? 1354 ARG A NH2 1 
ATOM   344  N N   . ASP A 1 64  ? 17.885  -11.348 5.260   1.00 15.01  ? 1355 ASP A N   1 
ATOM   345  C CA  . ASP A 1 64  ? 19.028  -10.769 6.015   1.00 16.49  ? 1355 ASP A CA  1 
ATOM   346  C C   . ASP A 1 64  ? 18.762  -9.266  6.154   1.00 16.05  ? 1355 ASP A C   1 
ATOM   347  O O   . ASP A 1 64  ? 19.056  -8.700  7.222   1.00 18.72  ? 1355 ASP A O   1 
ATOM   348  C CB  . ASP A 1 64  ? 20.380  -11.031 5.330   1.00 17.55  ? 1355 ASP A CB  1 
ATOM   349  C CG  . ASP A 1 64  ? 20.685  -12.488 4.985   1.00 18.12  ? 1355 ASP A CG  1 
ATOM   350  O OD1 . ASP A 1 64  ? 20.011  -13.391 5.530   1.00 21.13  ? 1355 ASP A OD1 1 
ATOM   351  O OD2 . ASP A 1 64  ? 21.627  -12.714 4.188   1.00 21.19  ? 1355 ASP A OD2 1 
ATOM   352  N N   . ILE A 1 65  ? 18.185  -8.651  5.113   1.00 13.86  ? 1356 ILE A N   1 
ATOM   353  C CA  . ILE A 1 65  ? 18.005  -7.175  4.995   1.00 13.94  ? 1356 ILE A CA  1 
ATOM   354  C C   . ILE A 1 65  ? 16.591  -6.767  5.448   1.00 13.65  ? 1356 ILE A C   1 
ATOM   355  O O   . ILE A 1 65  ? 16.438  -5.803  6.232   1.00 14.77  ? 1356 ILE A O   1 
ATOM   356  C CB  . ILE A 1 65  ? 18.281  -6.741  3.543   1.00 13.45  ? 1356 ILE A CB  1 
ATOM   357  C CG1 . ILE A 1 65  ? 19.589  -7.316  2.986   1.00 13.27  ? 1356 ILE A CG1 1 
ATOM   358  C CG2 . ILE A 1 65  ? 18.247  -5.232  3.431   1.00 13.76  ? 1356 ILE A CG2 1 
ATOM   359  C CD1 . ILE A 1 65  ? 20.857  -6.922  3.735   1.00 13.66  ? 1356 ILE A CD1 1 
ATOM   360  N N   . ILE A 1 66  ? 15.571  -7.514  5.023   1.00 12.75  ? 1357 ILE A N   1 
ATOM   361  C CA  . ILE A 1 66  ? 14.117  -7.206  5.199   1.00 12.88  ? 1357 ILE A CA  1 
ATOM   362  C C   . ILE A 1 66  ? 13.523  -8.057  6.325   1.00 13.51  ? 1357 ILE A C   1 
ATOM   363  O O   . ILE A 1 66  ? 13.259  -9.261  6.091   1.00 14.79  ? 1357 ILE A O   1 
ATOM   364  C CB  . ILE A 1 66  ? 13.366  -7.429  3.875   1.00 11.38  ? 1357 ILE A CB  1 
ATOM   365  C CG1 . ILE A 1 66  ? 13.933  -6.550  2.751   1.00 12.96  ? 1357 ILE A CG1 1 
ATOM   366  C CG2 . ILE A 1 66  ? 11.855  -7.262  4.068   1.00 11.21  ? 1357 ILE A CG2 1 
ATOM   367  C CD1 . ILE A 1 66  ? 14.107  -5.096  3.100   1.00 13.02  ? 1357 ILE A CD1 1 
ATOM   368  N N   . ASP A 1 67  ? 13.198  -7.406  7.439   1.00 15.26  ? 1358 ASP A N   1 
ATOM   369  C CA  . ASP A 1 67  ? 12.617  -8.042  8.644   1.00 16.12  ? 1358 ASP A CA  1 
ATOM   370  C C   . ASP A 1 67  ? 11.134  -8.345  8.428   1.00 14.38  ? 1358 ASP A C   1 
ATOM   371  O O   . ASP A 1 67  ? 10.658  -9.386  8.928   1.00 16.29  ? 1358 ASP A O   1 
ATOM   372  C CB  . ASP A 1 67  ? 12.739  -7.126  9.866   1.00 19.28  ? 1358 ASP A CB  1 
ATOM   373  C CG  . ASP A 1 67  ? 14.140  -6.993  10.439  1.00 24.07  ? 1358 ASP A CG  1 
ATOM   374  O OD1 . ASP A 1 67  ? 14.875  -7.979  10.393  1.00 28.93  ? 1358 ASP A OD1 1 
ATOM   375  O OD2 . ASP A 1 67  ? 14.497  -5.875  10.897  1.00 30.81  ? 1358 ASP A OD2 1 
ATOM   376  N N   . THR A 1 68  ? 10.401  -7.470  7.716   1.00 14.34  ? 1359 THR A N   1 
ATOM   377  C CA  . THR A 1 68  ? 8.926   -7.571  7.604   1.00 15.58  ? 1359 THR A CA  1 
ATOM   378  C C   . THR A 1 68  ? 8.537   -7.518  6.133   1.00 14.41  ? 1359 THR A C   1 
ATOM   379  O O   . THR A 1 68  ? 8.300   -6.437  5.590   1.00 14.19  ? 1359 THR A O   1 
ATOM   380  C CB  . THR A 1 68  ? 8.219   -6.468  8.404   1.00 15.61  ? 1359 THR A CB  1 
ATOM   381  O OG1 . THR A 1 68  ? 8.834   -6.304  9.684   1.00 16.31  ? 1359 THR A OG1 1 
ATOM   382  C CG2 . THR A 1 68  ? 6.744   -6.743  8.612   1.00 17.19  ? 1359 THR A CG2 1 
ATOM   383  N N   . PRO A 1 69  ? 8.438   -8.675  5.451   1.00 13.86  ? 1360 PRO A N   1 
ATOM   384  C CA  . PRO A 1 69  ? 8.012   -8.700  4.054   1.00 13.85  ? 1360 PRO A CA  1 
ATOM   385  C C   . PRO A 1 69  ? 6.583   -8.155  3.925   1.00 12.88  ? 1360 PRO A C   1 
ATOM   386  O O   . PRO A 1 69  ? 5.807   -8.155  4.888   1.00 12.24  ? 1360 PRO A O   1 
ATOM   387  C CB  . PRO A 1 69  ? 8.044   -10.178 3.643   1.00 14.85  ? 1360 PRO A CB  1 
ATOM   388  C CG  . PRO A 1 69  ? 8.810   -10.896 4.738   1.00 15.80  ? 1360 PRO A CG  1 
ATOM   389  C CD  . PRO A 1 69  ? 8.744   -10.019 5.968   1.00 15.13  ? 1360 PRO A CD  1 
ATOM   390  N N   . MET A 1 70  ? 6.254   -7.694  2.720   1.00 11.68  ? 1361 MET A N   1 
ATOM   391  C CA  . MET A 1 70  ? 4.905   -7.152  2.428   1.00 10.70  ? 1361 MET A CA  1 
ATOM   392  C C   . MET A 1 70  ? 4.739   -7.108  0.908   1.00 10.23  ? 1361 MET A C   1 
ATOM   393  O O   . MET A 1 70  ? 5.684   -6.818  0.195   1.00 11.33  ? 1361 MET A O   1 
ATOM   394  C CB  . MET A 1 70  ? 4.674   -5.764  3.040   1.00 11.17  ? 1361 MET A CB  1 
ATOM   395  C CG  . MET A 1 70  ? 3.229   -5.302  2.970   1.00 11.34  ? 1361 MET A CG  1 
ATOM   396  S SD  . MET A 1 70  ? 2.044   -6.423  3.756   1.00 11.67  ? 1361 MET A SD  1 
ATOM   397  C CE  . MET A 1 70  ? 2.649   -6.526  5.442   1.00 13.08  ? 1361 MET A CE  1 
ATOM   398  N N   . ASP A 1 71  ? 3.538   -7.411  0.454   1.00 11.03  ? 1362 ASP A N   1 
ATOM   399  C CA  . ASP A 1 71  ? 3.213   -7.344  -0.985  1.00 11.60  ? 1362 ASP A CA  1 
ATOM   400  C C   . ASP A 1 71  ? 1.739   -6.995  -1.136  1.00 10.74  ? 1362 ASP A C   1 
ATOM   401  O O   . ASP A 1 71  ? 0.974   -7.062  -0.159  1.00 11.81  ? 1362 ASP A O   1 
ATOM   402  C CB  . ASP A 1 71  ? 3.635   -8.633  -1.689  1.00 13.38  ? 1362 ASP A CB  1 
ATOM   403  C CG  . ASP A 1 71  ? 2.787   -9.852  -1.390  1.00 15.63  ? 1362 ASP A CG  1 
ATOM   404  O OD1 . ASP A 1 71  ? 3.396   -10.917 -1.097  1.00 18.95  ? 1362 ASP A OD1 1 
ATOM   405  O OD2 . ASP A 1 71  ? 1.550   -9.756  -1.518  1.00 17.35  ? 1362 ASP A OD2 1 
ATOM   406  N N   . PHE A 1 72  ? 1.347   -6.565  -2.332  1.00 9.96   ? 1363 PHE A N   1 
ATOM   407  C CA  . PHE A 1 72  ? -0.049  -6.113  -2.549  1.00 10.46  ? 1363 PHE A CA  1 
ATOM   408  C C   . PHE A 1 72  ? -1.086  -7.238  -2.458  1.00 11.27  ? 1363 PHE A C   1 
ATOM   409  O O   . PHE A 1 72  ? -2.214  -6.946  -2.070  1.00 11.24  ? 1363 PHE A O   1 
ATOM   410  C CB  . PHE A 1 72  ? -0.196  -5.392  -3.886  1.00 10.03  ? 1363 PHE A CB  1 
ATOM   411  C CG  . PHE A 1 72  ? 0.361   -3.996  -3.869  1.00 9.81   ? 1363 PHE A CG  1 
ATOM   412  C CD1 . PHE A 1 72  ? -0.287  -2.989  -3.171  1.00 10.68  ? 1363 PHE A CD1 1 
ATOM   413  C CD2 . PHE A 1 72  ? 1.525   -3.682  -4.541  1.00 9.75   ? 1363 PHE A CD2 1 
ATOM   414  C CE1 . PHE A 1 72  ? 0.232   -1.710  -3.112  1.00 11.41  ? 1363 PHE A CE1 1 
ATOM   415  C CE2 . PHE A 1 72  ? 2.054   -2.402  -4.472  1.00 9.84   ? 1363 PHE A CE2 1 
ATOM   416  C CZ  . PHE A 1 72  ? 1.410   -1.424  -3.756  1.00 10.91  ? 1363 PHE A CZ  1 
ATOM   417  N N   . ALA A 1 73  ? -0.747  -8.486  -2.767  1.00 10.97  ? 1364 ALA A N   1 
ATOM   418  C CA  . ALA A 1 73  ? -1.728  -9.571  -2.555  1.00 11.20  ? 1364 ALA A CA  1 
ATOM   419  C C   . ALA A 1 73  ? -2.019  -9.742  -1.053  1.00 11.51  ? 1364 ALA A C   1 
ATOM   420  O O   . ALA A 1 73  ? -3.190  -9.930  -0.689  1.00 12.39  ? 1364 ALA A O   1 
ATOM   421  C CB  . ALA A 1 73  ? -1.275  -10.876 -3.164  1.00 11.54  ? 1364 ALA A CB  1 
ATOM   422  N N   . THR A 1 74  ? -1.008  -9.633  -0.201  1.00 11.16  ? 1365 THR A N   1 
ATOM   423  C CA  . THR A 1 74  ? -1.193  -9.717  1.260   1.00 10.93  ? 1365 THR A CA  1 
ATOM   424  C C   . THR A 1 74  ? -2.060  -8.532  1.727   1.00 10.71  ? 1365 THR A C   1 
ATOM   425  O O   . THR A 1 74  ? -2.986  -8.738  2.543   1.00 10.61  ? 1365 THR A O   1 
ATOM   426  C CB  . THR A 1 74  ? 0.174   -9.772  1.924   1.00 11.25  ? 1365 THR A CB  1 
ATOM   427  O OG1 . THR A 1 74  ? 0.841   -10.947 1.444   1.00 11.88  ? 1365 THR A OG1 1 
ATOM   428  C CG2 . THR A 1 74  ? 0.054   -9.831  3.428   1.00 11.73  ? 1365 THR A CG2 1 
ATOM   429  N N   . VAL A 1 75  ? -1.817  -7.323  1.212   1.00 9.54   ? 1366 VAL A N   1 
ATOM   430  C CA  . VAL A 1 75  ? -2.657  -6.147  1.588   1.00 10.49  ? 1366 VAL A CA  1 
ATOM   431  C C   . VAL A 1 75  ? -4.115  -6.443  1.215   1.00 10.49  ? 1366 VAL A C   1 
ATOM   432  O O   . VAL A 1 75  ? -5.022  -6.247  2.055   1.00 10.46  ? 1366 VAL A O   1 
ATOM   433  C CB  . VAL A 1 75  ? -2.150  -4.838  0.937   1.00 10.23  ? 1366 VAL A CB  1 
ATOM   434  C CG1 . VAL A 1 75  ? -3.080  -3.696  1.293   1.00 10.79  ? 1366 VAL A CG1 1 
ATOM   435  C CG2 . VAL A 1 75  ? -0.724  -4.531  1.339   1.00 10.24  ? 1366 VAL A CG2 1 
ATOM   436  N N   . ARG A 1 76  ? -4.370  -6.896  -0.009  1.00 10.97  ? 1367 ARG A N   1 
ATOM   437  C CA  . ARG A 1 76  ? -5.756  -7.213  -0.448  1.00 12.17  ? 1367 ARG A CA  1 
ATOM   438  C C   . ARG A 1 76  ? -6.373  -8.303  0.440   1.00 11.53  ? 1367 ARG A C   1 
ATOM   439  O O   . ARG A 1 76  ? -7.545  -8.142  0.822   1.00 11.74  ? 1367 ARG A O   1 
ATOM   440  C CB  . ARG A 1 76  ? -5.723  -7.674  -1.905  1.00 13.57  ? 1367 ARG A CB  1 
ATOM   441  C CG  . ARG A 1 76  ? -7.076  -7.701  -2.597  1.00 16.03  ? 1367 ARG A CG  1 
ATOM   442  C CD  . ARG A 1 76  ? -6.830  -8.112  -4.054  1.00 18.72  ? 1367 ARG A CD  1 
ATOM   443  N NE  . ARG A 1 76  ? -6.872  -7.098  -5.107  1.00 20.26  ? 1367 ARG A NE  1 
ATOM   444  C CZ  . ARG A 1 76  ? -6.521  -7.301  -6.387  1.00 19.69  ? 1367 ARG A CZ  1 
ATOM   445  N NH1 . ARG A 1 76  ? -5.984  -8.451  -6.769  1.00 21.44  ? 1367 ARG A NH1 1 
ATOM   446  N NH2 . ARG A 1 76  ? -6.664  -6.325  -7.264  1.00 25.38  ? 1367 ARG A NH2 1 
ATOM   447  N N   . GLU A 1 77  ? -5.655  -9.385  0.708   1.00 12.11  ? 1368 GLU A N   1 
ATOM   448  C CA  . GLU A 1 77  ? -6.155  -10.460 1.611   1.00 12.87  ? 1368 GLU A CA  1 
ATOM   449  C C   . GLU A 1 77  ? -6.537  -9.861  2.971   1.00 11.34  ? 1368 GLU A C   1 
ATOM   450  O O   . GLU A 1 77  ? -7.628  -10.228 3.480   1.00 11.64  ? 1368 GLU A O   1 
ATOM   451  C CB  . GLU A 1 77  ? -5.077  -11.535 1.733   1.00 15.03  ? 1368 GLU A CB  1 
ATOM   452  C CG  . GLU A 1 77  ? -4.946  -12.427 0.498   1.00 17.84  ? 1368 GLU A CG  1 
ATOM   453  C CD  . GLU A 1 77  ? -3.924  -13.556 0.603   1.00 21.56  ? 1368 GLU A CD  1 
ATOM   454  O OE1 . GLU A 1 77  ? -3.677  -14.055 1.719   1.00 23.77  ? 1368 GLU A OE1 1 
ATOM   455  O OE2 . GLU A 1 77  ? -3.367  -13.943 -0.445  1.00 26.23  ? 1368 GLU A OE2 1 
ATOM   456  N N   . THR A 1 78  ? -5.655  -9.054  3.571   1.00 10.37  ? 1369 THR A N   1 
ATOM   457  C CA  . THR A 1 78  ? -5.890  -8.477  4.956   1.00 10.45  ? 1369 THR A CA  1 
ATOM   458  C C   . THR A 1 78  ? -7.162  -7.621  4.909   1.00 11.37  ? 1369 THR A C   1 
ATOM   459  O O   . THR A 1 78  ? -8.054  -7.720  5.820   1.00 11.82  ? 1369 THR A O   1 
ATOM   460  C CB  . THR A 1 78  ? -4.666  -7.664  5.421   1.00 11.69  ? 1369 THR A CB  1 
ATOM   461  O OG1 . THR A 1 78  ? -3.531  -8.524  5.376   1.00 11.61  ? 1369 THR A OG1 1 
ATOM   462  C CG2 . THR A 1 78  ? -4.795  -7.025  6.795   1.00 11.94  ? 1369 THR A CG2 1 
ATOM   463  N N   . LEU A 1 79  ? -7.307  -6.802  3.862   1.00 9.92   ? 1370 LEU A N   1 
ATOM   464  C CA  . LEU A 1 79  ? -8.527  -5.993  3.697   1.00 10.63  ? 1370 LEU A CA  1 
ATOM   465  C C   . LEU A 1 79  ? -9.776  -6.880  3.596   1.00 11.05  ? 1370 LEU A C   1 
ATOM   466  O O   . LEU A 1 79  ? -10.805 -6.639  4.300   1.00 12.05  ? 1370 LEU A O   1 
ATOM   467  C CB  . LEU A 1 79  ? -8.334  -5.105  2.447   1.00 11.37  ? 1370 LEU A CB  1 
ATOM   468  C CG  . LEU A 1 79  ? -9.456  -4.077  2.178   1.00 11.46  ? 1370 LEU A CG  1 
ATOM   469  C CD1 . LEU A 1 79  ? -9.521  -3.031  3.261   1.00 11.89  ? 1370 LEU A CD1 1 
ATOM   470  C CD2 . LEU A 1 79  ? -9.252  -3.410  0.816   1.00 12.73  ? 1370 LEU A CD2 1 
ATOM   471  N N   . GLU A 1 80  ? -9.744  -7.856  2.689   1.00 12.42  ? 1371 GLU A N   1 
ATOM   472  C CA  . GLU A 1 80  ? -10.944 -8.671  2.347   1.00 14.08  ? 1371 GLU A CA  1 
ATOM   473  C C   . GLU A 1 80  ? -11.331 -9.591  3.506   1.00 13.02  ? 1371 GLU A C   1 
ATOM   474  O O   . GLU A 1 80  ? -12.512 -10.009 3.528   1.00 14.37  ? 1371 GLU A O   1 
ATOM   475  C CB  . GLU A 1 80  ? -10.742 -9.417  1.031   1.00 15.05  ? 1371 GLU A CB  1 
ATOM   476  C CG  . GLU A 1 80  ? -10.997 -8.482  -0.145  1.00 19.32  ? 1371 GLU A CG  1 
ATOM   477  C CD  . GLU A 1 80  ? -12.205 -7.586  0.140   1.00 22.12  ? 1371 GLU A CD  1 
ATOM   478  O OE1 . GLU A 1 80  ? -13.321 -8.156  0.248   1.00 24.97  ? 1371 GLU A OE1 1 
ATOM   479  O OE2 . GLU A 1 80  ? -12.017 -6.341  0.382   1.00 20.41  ? 1371 GLU A OE2 1 
ATOM   480  N N   . ALA A 1 81  ? -10.412 -9.912  4.409   1.00 11.42  ? 1372 ALA A N   1 
ATOM   481  C CA  . ALA A 1 81  ? -10.680 -10.718 5.619   1.00 11.60  ? 1372 ALA A CA  1 
ATOM   482  C C   . ALA A 1 81  ? -11.291 -9.844  6.721   1.00 11.95  ? 1372 ALA A C   1 
ATOM   483  O O   . ALA A 1 81  ? -11.830 -10.429 7.634   1.00 12.17  ? 1372 ALA A O   1 
ATOM   484  C CB  . ALA A 1 81  ? -9.420  -11.381 6.108   1.00 11.10  ? 1372 ALA A CB  1 
ATOM   485  N N   . GLY A 1 82  ? -11.138 -8.493  6.684   1.00 11.27  ? 1373 GLY A N   1 
ATOM   486  C CA  . GLY A 1 82  ? -11.621 -7.601  7.758   1.00 10.83  ? 1373 GLY A CA  1 
ATOM   487  C C   . GLY A 1 82  ? -10.597 -7.360  8.854   1.00 11.39  ? 1373 GLY A C   1 
ATOM   488  O O   . GLY A 1 82  ? -10.996 -7.268  10.014  1.00 11.04  ? 1373 GLY A O   1 
ATOM   489  N N   . ASN A 1 83  ? -9.295  -7.304  8.547   1.00 10.29  ? 1374 ASN A N   1 
ATOM   490  C CA  . ASN A 1 83  ? -8.236  -7.204  9.586   1.00 11.02  ? 1374 ASN A CA  1 
ATOM   491  C C   . ASN A 1 83  ? -7.518  -5.847  9.466   1.00 10.42  ? 1374 ASN A C   1 
ATOM   492  O O   . ASN A 1 83  ? -6.460  -5.652  10.110  1.00 11.60  ? 1374 ASN A O   1 
ATOM   493  C CB  . ASN A 1 83  ? -7.287  -8.400  9.514   1.00 12.07  ? 1374 ASN A CB  1 
ATOM   494  C CG  . ASN A 1 83  ? -7.969  -9.765  9.577   1.00 14.02  ? 1374 ASN A CG  1 
ATOM   495  O OD1 . ASN A 1 83  ? -7.408  -10.765 9.113   1.00 15.99  ? 1374 ASN A OD1 1 
ATOM   496  N ND2 . ASN A 1 83  ? -9.164  -9.847  10.147  1.00 14.64  ? 1374 ASN A ND2 1 
ATOM   497  N N   . TYR A 1 84  ? -8.073  -4.903  8.692   1.00 10.55  ? 1375 TYR A N   1 
ATOM   498  C CA  . TYR A 1 84  ? -7.712  -3.470  8.825   1.00 10.62  ? 1375 TYR A CA  1 
ATOM   499  C C   . TYR A 1 84  ? -8.871  -2.768  9.534   1.00 11.05  ? 1375 TYR A C   1 
ATOM   500  O O   . TYR A 1 84  ? -10.044 -2.974  9.121   1.00 10.59  ? 1375 TYR A O   1 
ATOM   501  C CB  . TYR A 1 84  ? -7.432  -2.786  7.479   1.00 10.58  ? 1375 TYR A CB  1 
ATOM   502  C CG  . TYR A 1 84  ? -6.182  -3.249  6.766   1.00 10.07  ? 1375 TYR A CG  1 
ATOM   503  C CD1 . TYR A 1 84  ? -4.936  -3.232  7.395   1.00 10.80  ? 1375 TYR A CD1 1 
ATOM   504  C CD2 . TYR A 1 84  ? -6.239  -3.722  5.460   1.00 10.92  ? 1375 TYR A CD2 1 
ATOM   505  C CE1 . TYR A 1 84  ? -3.791  -3.657  6.725   1.00 10.20  ? 1375 TYR A CE1 1 
ATOM   506  C CE2 . TYR A 1 84  ? -5.106  -4.138  4.788   1.00 10.54  ? 1375 TYR A CE2 1 
ATOM   507  C CZ  . TYR A 1 84  ? -3.882  -4.121  5.421   1.00 10.50  ? 1375 TYR A CZ  1 
ATOM   508  O OH  . TYR A 1 84  ? -2.738  -4.552  4.807   1.00 10.80  ? 1375 TYR A OH  1 
ATOM   509  N N   . GLU A 1 85  ? -8.566  -1.959  10.557  1.00 11.17  ? 1376 GLU A N   1 
ATOM   510  C CA  . GLU A 1 85  ? -9.589  -1.107  11.217  1.00 13.35  ? 1376 GLU A CA  1 
ATOM   511  C C   . GLU A 1 85  ? -9.736  0.247   10.513  1.00 12.37  ? 1376 GLU A C   1 
ATOM   512  O O   . GLU A 1 85  ? -10.753 0.930   10.732  1.00 12.87  ? 1376 GLU A O   1 
ATOM   513  C CB  . GLU A 1 85  ? -9.258  -0.869  12.686  1.00 15.91  ? 1376 GLU A CB  1 
ATOM   514  C CG  . GLU A 1 85  ? -10.362 -0.092  13.384  1.00 19.63  ? 1376 GLU A CG  1 
ATOM   515  C CD  . GLU A 1 85  ? -10.660 -0.544  14.795  1.00 22.55  ? 1376 GLU A CD  1 
ATOM   516  O OE1 . GLU A 1 85  ? -9.694  -0.949  15.478  1.00 25.89  ? 1376 GLU A OE1 1 
ATOM   517  O OE2 . GLU A 1 85  ? -11.874 -0.547  15.177  1.00 23.90  ? 1376 GLU A OE2 1 
ATOM   518  N N   . SER A 1 86  ? -8.750  0.688   9.739   1.00 11.53  ? 1377 SER A N   1 
ATOM   519  C CA  . SER A 1 86  ? -8.732  2.062   9.193   1.00 11.64  ? 1377 SER A CA  1 
ATOM   520  C C   . SER A 1 86  ? -7.916  2.061   7.916   1.00 11.72  ? 1377 SER A C   1 
ATOM   521  O O   . SER A 1 86  ? -7.061  1.183   7.703   1.00 11.38  ? 1377 SER A O   1 
ATOM   522  C CB  . SER A 1 86  ? -8.153  3.051   10.199  1.00 11.77  ? 1377 SER A CB  1 
ATOM   523  O OG  . SER A 1 86  ? -6.754  2.848   10.330  1.00 12.80  ? 1377 SER A OG  1 
ATOM   524  N N   . PRO A 1 87  ? -8.142  3.058   7.041   1.00 10.71  ? 1378 PRO A N   1 
ATOM   525  C CA  . PRO A 1 87  ? -7.322  3.149   5.837   1.00 10.58  ? 1378 PRO A CA  1 
ATOM   526  C C   . PRO A 1 87  ? -5.884  3.564   6.206   1.00 10.28  ? 1378 PRO A C   1 
ATOM   527  O O   . PRO A 1 87  ? -4.964  3.234   5.450   1.00 11.33  ? 1378 PRO A O   1 
ATOM   528  C CB  . PRO A 1 87  ? -8.007  4.235   4.991   1.00 10.82  ? 1378 PRO A CB  1 
ATOM   529  C CG  . PRO A 1 87  ? -8.864  5.036   5.977   1.00 10.57  ? 1378 PRO A CG  1 
ATOM   530  C CD  . PRO A 1 87  ? -9.229  4.060   7.085   1.00 11.38  ? 1378 PRO A CD  1 
ATOM   531  N N   . MET A 1 88  ? -5.652  4.162   7.386   1.00 10.13  ? 1379 MET A N   1 
ATOM   532  C CA  . MET A 1 88  ? -4.271  4.473   7.818   1.00 10.64  ? 1379 MET A CA  1 
ATOM   533  C C   . MET A 1 88  ? -3.512  3.150   8.005   1.00 10.63  ? 1379 MET A C   1 
ATOM   534  O O   . MET A 1 88  ? -2.280  3.113   7.780   1.00 9.85   ? 1379 MET A O   1 
ATOM   535  C CB  . MET A 1 88  ? -4.238  5.316   9.104   1.00 11.26  ? 1379 MET A CB  1 
ATOM   536  C CG  . MET A 1 88  ? -4.830  6.711   8.929   1.00 10.99  ? 1379 MET A CG  1 
ATOM   537  S SD  . MET A 1 88  ? -6.657  6.788   9.020   1.00 12.41  ? 1379 MET A SD  1 
ATOM   538  C CE  . MET A 1 88  ? -6.866  6.904   10.806  1.00 11.77  ? 1379 MET A CE  1 
ATOM   539  N N   . GLU A 1 89  ? -4.164  2.107   8.521   1.00 10.91  ? 1380 GLU A N   1 
ATOM   540  C CA  . GLU A 1 89  ? -3.449  0.826   8.704   1.00 11.60  ? 1380 GLU A CA  1 
ATOM   541  C C   . GLU A 1 89  ? -3.060  0.253   7.322   1.00 9.22   ? 1380 GLU A C   1 
ATOM   542  O O   . GLU A 1 89  ? -1.966  -0.292  7.131   1.00 10.25  ? 1380 GLU A O   1 
ATOM   543  C CB  . GLU A 1 89  ? -4.302  -0.192  9.460   1.00 12.95  ? 1380 GLU A CB  1 
ATOM   544  C CG  . GLU A 1 89  ? -4.505  0.163   10.908  1.00 13.23  ? 1380 GLU A CG  1 
ATOM   545  C CD  . GLU A 1 89  ? -5.427  -0.811  11.588  1.00 14.85  ? 1380 GLU A CD  1 
ATOM   546  O OE1 . GLU A 1 89  ? -6.001  -1.659  10.946  1.00 14.99  ? 1380 GLU A OE1 1 
ATOM   547  O OE2 . GLU A 1 89  ? -5.575  -0.683  12.839  1.00 19.02  ? 1380 GLU A OE2 1 
ATOM   548  N N   . LEU A 1 90  ? -3.961  0.290   6.339   1.00 9.44   ? 1381 LEU A N   1 
ATOM   549  C CA  . LEU A 1 90  ? -3.687  -0.208  4.963   1.00 10.17  ? 1381 LEU A CA  1 
ATOM   550  C C   . LEU A 1 90  ? -2.516  0.606   4.404   1.00 10.01  ? 1381 LEU A C   1 
ATOM   551  O O   . LEU A 1 90  ? -1.592  0.036   3.785   1.00 10.12  ? 1381 LEU A O   1 
ATOM   552  C CB  . LEU A 1 90  ? -4.928  -0.130  4.063   1.00 10.46  ? 1381 LEU A CB  1 
ATOM   553  C CG  . LEU A 1 90  ? -4.739  -0.550  2.607   1.00 11.32  ? 1381 LEU A CG  1 
ATOM   554  C CD1 . LEU A 1 90  ? -5.995  -1.273  2.160   1.00 11.93  ? 1381 LEU A CD1 1 
ATOM   555  C CD2 . LEU A 1 90  ? -4.369  0.635   1.714   1.00 11.08  ? 1381 LEU A CD2 1 
ATOM   556  N N   A CYS A 1 91  ? -2.543  1.923   4.612   0.31 10.24  ? 1382 CYS A N   1 
ATOM   557  N N   B CYS A 1 91  ? -2.514  1.935   4.564   0.30 11.15  ? 1382 CYS A N   1 
ATOM   558  C CA  A CYS A 1 91  ? -1.535  2.853   4.064   0.31 10.45  ? 1382 CYS A CA  1 
ATOM   559  C CA  B CYS A 1 91  ? -1.411  2.785   4.047   0.30 12.03  ? 1382 CYS A CA  1 
ATOM   560  C C   A CYS A 1 91  ? -0.151  2.517   4.678   0.31 10.48  ? 1382 CYS A C   1 
ATOM   561  C C   B CYS A 1 91  ? -0.082  2.377   4.659   0.30 11.28  ? 1382 CYS A C   1 
ATOM   562  O O   A CYS A 1 91  ? 0.871   2.564   3.942   0.31 11.39  ? 1382 CYS A O   1 
ATOM   563  O O   B CYS A 1 91  ? 0.954   2.391   3.961   0.30 11.61  ? 1382 CYS A O   1 
ATOM   564  C CB  A CYS A 1 91  ? -1.995  4.291   4.302   0.31 10.13  ? 1382 CYS A CB  1 
ATOM   565  C CB  B CYS A 1 91  ? -1.545  4.239   4.449   0.30 12.91  ? 1382 CYS A CB  1 
ATOM   566  S SG  A CYS A 1 91  ? -0.978  5.528   3.455   0.31 9.64   ? 1382 CYS A SG  1 
ATOM   567  S SG  B CYS A 1 91  ? -2.804  5.015   3.443   0.30 15.10  ? 1382 CYS A SG  1 
ATOM   568  N N   . LYS A 1 92  ? -0.087  2.127   5.956   1.00 10.74  ? 1383 LYS A N   1 
ATOM   569  C CA  . LYS A 1 92  ? 1.186   1.778   6.581   1.00 12.07  ? 1383 LYS A CA  1 
ATOM   570  C C   . LYS A 1 92  ? 1.738   0.520   5.880   1.00 10.83  ? 1383 LYS A C   1 
ATOM   571  O O   . LYS A 1 92  ? 2.977   0.465   5.615   1.00 11.72  ? 1383 LYS A O   1 
ATOM   572  C CB  . LYS A 1 92  ? 0.940   1.610   8.070   1.00 14.23  ? 1383 LYS A CB  1 
ATOM   573  C CG  . LYS A 1 92  ? 2.175   1.241   8.856   1.00 17.64  ? 1383 LYS A CG  1 
ATOM   574  C CD  . LYS A 1 92  ? 1.929   1.170   10.357  1.00 22.62  ? 1383 LYS A CD  1 
ATOM   575  C CE  . LYS A 1 92  ? 3.073   0.501   11.105  1.00 27.35  ? 1383 LYS A CE  1 
ATOM   576  N NZ  . LYS A 1 92  ? 2.802   0.351   12.568  1.00 31.49  ? 1383 LYS A NZ  1 
ATOM   577  N N   . ASP A 1 93  ? 0.928   -0.500  5.647   1.00 10.59  ? 1384 ASP A N   1 
ATOM   578  C CA  . ASP A 1 93  ? 1.455   -1.692  4.935   1.00 10.68  ? 1384 ASP A CA  1 
ATOM   579  C C   . ASP A 1 93  ? 1.872   -1.409  3.495   1.00 10.03  ? 1384 ASP A C   1 
ATOM   580  O O   . ASP A 1 93  ? 2.882   -1.921  3.053   1.00 9.76   ? 1384 ASP A O   1 
ATOM   581  C CB  . ASP A 1 93  ? 0.446   -2.809  5.026   1.00 11.37  ? 1384 ASP A CB  1 
ATOM   582  C CG  . ASP A 1 93  ? 0.338   -3.496  6.376   1.00 14.08  ? 1384 ASP A CG  1 
ATOM   583  O OD1 . ASP A 1 93  ? 1.153   -3.192  7.291   1.00 17.34  ? 1384 ASP A OD1 1 
ATOM   584  O OD2 . ASP A 1 93  ? -0.609  -4.360  6.461   1.00 12.94  ? 1384 ASP A OD2 1 
ATOM   585  N N   . VAL A 1 94  ? 1.128   -0.568  2.777   1.00 9.59   ? 1385 VAL A N   1 
ATOM   586  C CA  . VAL A 1 94  ? 1.502   -0.269  1.367   1.00 9.43   ? 1385 VAL A CA  1 
ATOM   587  C C   . VAL A 1 94  ? 2.850   0.456   1.412   1.00 10.14  ? 1385 VAL A C   1 
ATOM   588  O O   . VAL A 1 94  ? 3.776   0.189   0.622   1.00 9.23   ? 1385 VAL A O   1 
ATOM   589  C CB  . VAL A 1 94  ? 0.427   0.521   0.600   1.00 9.15   ? 1385 VAL A CB  1 
ATOM   590  C CG1 . VAL A 1 94  ? 0.994   1.052   -0.689  1.00 9.55   ? 1385 VAL A CG1 1 
ATOM   591  C CG2 . VAL A 1 94  ? -0.790  -0.357  0.423   1.00 9.39   ? 1385 VAL A CG2 1 
ATOM   592  N N   . ARG A 1 95  ? 3.009   1.408   2.328   1.00 9.21   ? 1386 ARG A N   1 
ATOM   593  C CA  . ARG A 1 95  ? 4.258   2.166   2.454   1.00 8.91   ? 1386 ARG A CA  1 
ATOM   594  C C   . ARG A 1 95  ? 5.428   1.251   2.772   1.00 9.25   ? 1386 ARG A C   1 
ATOM   595  O O   . ARG A 1 95  ? 6.587   1.520   2.375   1.00 9.99   ? 1386 ARG A O   1 
ATOM   596  C CB  . ARG A 1 95  ? 4.108   3.344   3.426   1.00 10.43  ? 1386 ARG A CB  1 
ATOM   597  C CG  . ARG A 1 95  ? 3.261   4.460   2.826   1.00 11.14  ? 1386 ARG A CG  1 
ATOM   598  C CD  . ARG A 1 95  ? 2.864   5.503   3.839   1.00 13.68  ? 1386 ARG A CD  1 
ATOM   599  N NE  . ARG A 1 95  ? 2.087   6.577   3.215   1.00 13.52  ? 1386 ARG A NE  1 
ATOM   600  C CZ  . ARG A 1 95  ? 1.548   7.611   3.880   1.00 17.56  ? 1386 ARG A CZ  1 
ATOM   601  N NH1 . ARG A 1 95  ? 1.567   7.646   5.205   1.00 20.41  ? 1386 ARG A NH1 1 
ATOM   602  N NH2 . ARG A 1 95  ? 0.951   8.600   3.241   1.00 19.58  ? 1386 ARG A NH2 1 
ATOM   603  N N   . LEU A 1 96  ? 5.199   0.203   3.533   1.00 9.14   ? 1387 LEU A N   1 
ATOM   604  C CA  . LEU A 1 96  ? 6.230   -0.813  3.864   1.00 9.33   ? 1387 LEU A CA  1 
ATOM   605  C C   . LEU A 1 96  ? 6.692   -1.539  2.586   1.00 9.55   ? 1387 LEU A C   1 
ATOM   606  O O   . LEU A 1 96  ? 7.876   -1.861  2.448   1.00 9.36   ? 1387 LEU A O   1 
ATOM   607  C CB  . LEU A 1 96  ? 5.672   -1.784  4.905   1.00 9.77   ? 1387 LEU A CB  1 
ATOM   608  C CG  . LEU A 1 96  ? 6.566   -2.919  5.350   1.00 11.93  ? 1387 LEU A CG  1 
ATOM   609  C CD1 . LEU A 1 96  ? 7.809   -2.414  5.983   1.00 12.69  ? 1387 LEU A CD1 1 
ATOM   610  C CD2 . LEU A 1 96  ? 5.814   -3.818  6.330   1.00 13.52  ? 1387 LEU A CD2 1 
ATOM   611  N N   . ILE A 1 97  ? 5.783   -1.852  1.643   1.00 10.08  ? 1388 ILE A N   1 
ATOM   612  C CA  . ILE A 1 97  ? 6.193   -2.435  0.324   1.00 9.19   ? 1388 ILE A CA  1 
ATOM   613  C C   . ILE A 1 97  ? 7.286   -1.531  -0.281  1.00 9.83   ? 1388 ILE A C   1 
ATOM   614  O O   . ILE A 1 97  ? 8.356   -1.995  -0.711  1.00 9.53   ? 1388 ILE A O   1 
ATOM   615  C CB  . ILE A 1 97  ? 5.007   -2.571  -0.651  1.00 10.98  ? 1388 ILE A CB  1 
ATOM   616  C CG1 . ILE A 1 97  ? 3.944   -3.529  -0.086  1.00 9.59   ? 1388 ILE A CG1 1 
ATOM   617  C CG2 . ILE A 1 97  ? 5.499   -3.018  -2.009  1.00 11.70  ? 1388 ILE A CG2 1 
ATOM   618  C CD1 . ILE A 1 97  ? 2.602   -3.566  -0.859  1.00 10.08  ? 1388 ILE A CD1 1 
ATOM   619  N N   . PHE A 1 98  ? 7.071   -0.221  -0.288  1.00 9.36   ? 1389 PHE A N   1 
ATOM   620  C CA  . PHE A 1 98  ? 8.010   0.736   -0.932  1.00 9.94   ? 1389 PHE A CA  1 
ATOM   621  C C   . PHE A 1 98  ? 9.279   0.915   -0.092  1.00 9.74   ? 1389 PHE A C   1 
ATOM   622  O O   . PHE A 1 98  ? 10.371  0.998   -0.687  1.00 9.99   ? 1389 PHE A O   1 
ATOM   623  C CB  . PHE A 1 98  ? 7.280   2.053   -1.231  1.00 10.13  ? 1389 PHE A CB  1 
ATOM   624  C CG  . PHE A 1 98  ? 6.034   1.884   -2.077  1.00 9.68   ? 1389 PHE A CG  1 
ATOM   625  C CD1 . PHE A 1 98  ? 6.037   1.142   -3.248  1.00 11.88  ? 1389 PHE A CD1 1 
ATOM   626  C CD2 . PHE A 1 98  ? 4.876   2.529   -1.755  1.00 10.56  ? 1389 PHE A CD2 1 
ATOM   627  C CE1 . PHE A 1 98  ? 4.890   1.034   -4.052  1.00 13.66  ? 1389 PHE A CE1 1 
ATOM   628  C CE2 . PHE A 1 98  ? 3.727   2.349   -2.552  1.00 13.08  ? 1389 PHE A CE2 1 
ATOM   629  C CZ  . PHE A 1 98  ? 3.790   1.675   -3.705  1.00 13.02  ? 1389 PHE A CZ  1 
ATOM   630  N N   . SER A 1 99  ? 9.179   1.014   1.235   1.00 10.59  ? 1390 SER A N   1 
ATOM   631  C CA  . SER A 1 99  ? 10.414  1.143   2.020   1.00 10.83  ? 1390 SER A CA  1 
ATOM   632  C C   . SER A 1 99  ? 11.212  -0.143  1.929   1.00 9.23   ? 1390 SER A C   1 
ATOM   633  O O   . SER A 1 99  ? 12.476  -0.038  1.936   1.00 10.17  ? 1390 SER A O   1 
ATOM   634  C CB  . SER A 1 99  ? 10.128  1.579   3.456   1.00 11.56  ? 1390 SER A CB  1 
ATOM   635  O OG  . SER A 1 99  ? 9.373   0.622   4.127   1.00 12.94  ? 1390 SER A OG  1 
ATOM   636  N N   . ASN A 1 100 ? 10.600  -1.331  1.829   1.00 9.70   ? 1391 ASN A N   1 
ATOM   637  C CA  . ASN A 1 100 ? 11.396  -2.545  1.645   1.00 9.98   ? 1391 ASN A CA  1 
ATOM   638  C C   . ASN A 1 100 ? 12.191  -2.485  0.342   1.00 10.68  ? 1391 ASN A C   1 
ATOM   639  O O   . ASN A 1 100 ? 13.368  -2.908  0.270   1.00 10.85  ? 1391 ASN A O   1 
ATOM   640  C CB  . ASN A 1 100 ? 10.538  -3.804  1.702   1.00 9.63   ? 1391 ASN A CB  1 
ATOM   641  C CG  . ASN A 1 100 ? 10.043  -4.139  3.088   1.00 10.49  ? 1391 ASN A CG  1 
ATOM   642  O OD1 . ASN A 1 100 ? 10.517  -3.664  4.113   1.00 11.21  ? 1391 ASN A OD1 1 
ATOM   643  N ND2 . ASN A 1 100 ? 9.116   -5.041  3.201   1.00 10.83  ? 1391 ASN A ND2 1 
ATOM   644  N N   . SER A 1 101 ? 11.594  -2.000  -0.746  1.00 10.39  ? 1392 SER A N   1 
ATOM   645  C CA  . SER A 1 101 ? 12.308  -1.885  -2.047  1.00 10.00  ? 1392 SER A CA  1 
ATOM   646  C C   . SER A 1 101 ? 13.472  -0.884  -1.888  1.00 9.82   ? 1392 SER A C   1 
ATOM   647  O O   . SER A 1 101 ? 14.581  -1.137  -2.370  1.00 9.07   ? 1392 SER A O   1 
ATOM   648  C CB  . SER A 1 101 ? 11.340  -1.535  -3.165  1.00 9.48   ? 1392 SER A CB  1 
ATOM   649  O OG  . SER A 1 101 ? 11.966  -1.680  -4.429  1.00 10.30  ? 1392 SER A OG  1 
ATOM   650  N N   . LYS A 1 102 ? 13.244  0.235   -1.218  1.00 9.99   ? 1393 LYS A N   1 
ATOM   651  C CA  . LYS A 1 102 ? 14.314  1.225   -1.010  1.00 10.96  ? 1393 LYS A CA  1 
ATOM   652  C C   . LYS A 1 102 ? 15.477  0.635   -0.200  1.00 10.76  ? 1393 LYS A C   1 
ATOM   653  O O   . LYS A 1 102 ? 16.637  0.972   -0.550  1.00 11.00  ? 1393 LYS A O   1 
ATOM   654  C CB  . LYS A 1 102 ? 13.703  2.470   -0.380  1.00 11.33  ? 1393 LYS A CB  1 
ATOM   655  C CG  . LYS A 1 102 ? 14.610  3.688   -0.393  1.00 11.70  ? 1393 LYS A CG  1 
ATOM   656  C CD  . LYS A 1 102 ? 13.904  4.956   -0.026  1.00 12.79  ? 1393 LYS A CD  1 
ATOM   657  C CE  . LYS A 1 102 ? 14.822  6.154   0.021   1.00 13.11  ? 1393 LYS A CE  1 
ATOM   658  N NZ  . LYS A 1 102 ? 14.072  7.413   0.264   1.00 14.02  ? 1393 LYS A NZ  1 
ATOM   659  N N   . ALA A 1 103 ? 15.176  -0.206  0.792   1.00 11.06  ? 1394 ALA A N   1 
ATOM   660  C CA  . ALA A 1 103 ? 16.183  -0.834  1.663   1.00 11.38  ? 1394 ALA A CA  1 
ATOM   661  C C   . ALA A 1 103 ? 16.920  -1.942  0.937   1.00 12.26  ? 1394 ALA A C   1 
ATOM   662  O O   . ALA A 1 103 ? 18.133  -2.114  1.168   1.00 13.37  ? 1394 ALA A O   1 
ATOM   663  C CB  . ALA A 1 103 ? 15.520  -1.323  2.929   1.00 12.68  ? 1394 ALA A CB  1 
ATOM   664  N N   . TYR A 1 104 ? 16.267  -2.686  0.046   1.00 11.42  ? 1395 TYR A N   1 
ATOM   665  C CA  . TYR A 1 104 ? 16.924  -3.819  -0.655  1.00 11.69  ? 1395 TYR A CA  1 
ATOM   666  C C   . TYR A 1 104 ? 17.729  -3.348  -1.875  1.00 11.36  ? 1395 TYR A C   1 
ATOM   667  O O   . TYR A 1 104 ? 18.646  -4.084  -2.291  1.00 10.97  ? 1395 TYR A O   1 
ATOM   668  C CB  . TYR A 1 104 ? 15.930  -4.914  -1.056  1.00 12.35  ? 1395 TYR A CB  1 
ATOM   669  C CG  . TYR A 1 104 ? 16.621  -6.170  -1.529  1.00 13.29  ? 1395 TYR A CG  1 
ATOM   670  C CD1 . TYR A 1 104 ? 17.326  -6.956  -0.629  1.00 14.04  ? 1395 TYR A CD1 1 
ATOM   671  C CD2 . TYR A 1 104 ? 16.598  -6.555  -2.863  1.00 14.39  ? 1395 TYR A CD2 1 
ATOM   672  C CE1 . TYR A 1 104 ? 18.019  -8.081  -1.052  1.00 13.22  ? 1395 TYR A CE1 1 
ATOM   673  C CE2 . TYR A 1 104 ? 17.298  -7.661  -3.301  1.00 14.51  ? 1395 TYR A CE2 1 
ATOM   674  C CZ  . TYR A 1 104 ? 17.978  -8.441  -2.384  1.00 13.60  ? 1395 TYR A CZ  1 
ATOM   675  O OH  . TYR A 1 104 ? 18.661  -9.545  -2.810  1.00 14.95  ? 1395 TYR A OH  1 
ATOM   676  N N   . THR A 1 105 ? 17.426  -2.227  -2.520  1.00 11.16  ? 1396 THR A N   1 
ATOM   677  C CA  . THR A 1 105 ? 18.024  -1.915  -3.840  1.00 11.42  ? 1396 THR A CA  1 
ATOM   678  C C   . THR A 1 105 ? 19.523  -1.636  -3.699  1.00 12.49  ? 1396 THR A C   1 
ATOM   679  O O   . THR A 1 105 ? 19.943  -0.905  -2.798  1.00 13.21  ? 1396 THR A O   1 
ATOM   680  C CB  . THR A 1 105 ? 17.265  -0.777  -4.525  1.00 11.74  ? 1396 THR A CB  1 
ATOM   681  O OG1 . THR A 1 105 ? 17.726  -0.714  -5.873  1.00 11.68  ? 1396 THR A OG1 1 
ATOM   682  C CG2 . THR A 1 105 ? 17.466  0.569   -3.874  1.00 12.17  ? 1396 THR A CG2 1 
ATOM   683  N N   . PRO A 1 106 ? 20.373  -2.188  -4.590  1.00 13.02  ? 1397 PRO A N   1 
ATOM   684  C CA  . PRO A 1 106 ? 21.816  -1.957  -4.474  1.00 13.77  ? 1397 PRO A CA  1 
ATOM   685  C C   . PRO A 1 106 ? 22.167  -0.670  -5.222  1.00 14.11  ? 1397 PRO A C   1 
ATOM   686  O O   . PRO A 1 106 ? 23.342  -0.251  -5.251  1.00 13.54  ? 1397 PRO A O   1 
ATOM   687  C CB  . PRO A 1 106 ? 22.389  -3.228  -5.117  1.00 14.47  ? 1397 PRO A CB  1 
ATOM   688  C CG  . PRO A 1 106 ? 21.389  -3.582  -6.214  1.00 14.92  ? 1397 PRO A CG  1 
ATOM   689  C CD  . PRO A 1 106 ? 20.042  -3.135  -5.672  1.00 13.45  ? 1397 PRO A CD  1 
ATOM   690  N N   . SER A 1 107 ? 21.157  -0.051  -5.843  1.00 12.98  ? 1398 SER A N   1 
ATOM   691  C CA  . SER A 1 107 ? 21.318  1.209   -6.581  1.00 14.04  ? 1398 SER A CA  1 
ATOM   692  C C   . SER A 1 107 ? 19.984  1.965   -6.676  1.00 13.60  ? 1398 SER A C   1 
ATOM   693  O O   . SER A 1 107 ? 18.890  1.341   -6.834  1.00 13.24  ? 1398 SER A O   1 
ATOM   694  C CB  . SER A 1 107 ? 21.772  0.938   -8.005  1.00 15.87  ? 1398 SER A CB  1 
ATOM   695  O OG  . SER A 1 107 ? 21.761  2.107   -8.770  1.00 16.34  ? 1398 SER A OG  1 
ATOM   696  N N   . LYS A 1 108 ? 20.071  3.298   -6.677  1.00 14.84  ? 1399 LYS A N   1 
ATOM   697  C CA  . LYS A 1 108 ? 18.889  4.186   -6.802  1.00 16.90  ? 1399 LYS A CA  1 
ATOM   698  C C   . LYS A 1 108 ? 18.331  4.094   -8.223  1.00 17.09  ? 1399 LYS A C   1 
ATOM   699  O O   . LYS A 1 108 ? 17.195  4.542   -8.408  1.00 17.09  ? 1399 LYS A O   1 
ATOM   700  C CB  . LYS A 1 108 ? 19.245  5.640   -6.476  1.00 19.96  ? 1399 LYS A CB  1 
ATOM   701  C CG  . LYS A 1 108 ? 19.592  5.905   -5.014  1.00 23.32  ? 1399 LYS A CG  1 
ATOM   702  C CD  . LYS A 1 108 ? 18.449  5.670   -4.048  1.00 25.51  ? 1399 LYS A CD  1 
ATOM   703  C CE  . LYS A 1 108 ? 18.715  6.195   -2.650  1.00 28.16  ? 1399 LYS A CE  1 
ATOM   704  N NZ  . LYS A 1 108 ? 18.766  7.677   -2.616  1.00 31.01  ? 1399 LYS A NZ  1 
ATOM   705  N N   . ARG A 1 109 ? 19.084  3.554   -9.190  1.00 15.93  ? 1400 ARG A N   1 
ATOM   706  C CA  . ARG A 1 109 ? 18.660  3.498   -10.622 1.00 17.80  ? 1400 ARG A CA  1 
ATOM   707  C C   . ARG A 1 109 ? 18.440  2.035   -11.004 1.00 16.93  ? 1400 ARG A C   1 
ATOM   708  O O   . ARG A 1 109 ? 18.580  1.684   -12.184 1.00 16.30  ? 1400 ARG A O   1 
ATOM   709  C CB  . ARG A 1 109 ? 19.681  4.220   -11.510 1.00 20.18  ? 1400 ARG A CB  1 
ATOM   710  C CG  . ARG A 1 109 ? 19.734  5.720   -11.253 1.00 22.91  ? 1400 ARG A CG  1 
ATOM   711  C CD  . ARG A 1 109 ? 20.902  6.418   -11.921 1.00 25.97  ? 1400 ARG A CD  1 
ATOM   712  N NE  . ARG A 1 109 ? 20.853  6.383   -13.378 1.00 28.59  ? 1400 ARG A NE  1 
ATOM   713  C CZ  . ARG A 1 109 ? 21.693  5.713   -14.162 1.00 30.21  ? 1400 ARG A CZ  1 
ATOM   714  N NH1 . ARG A 1 109 ? 22.667  4.981   -13.645 1.00 30.27  ? 1400 ARG A NH1 1 
ATOM   715  N NH2 . ARG A 1 109 ? 21.549  5.770   -15.473 1.00 30.36  ? 1400 ARG A NH2 1 
ATOM   716  N N   . SER A 1 110 ? 18.093  1.183   -10.052 1.00 15.48  ? 1401 SER A N   1 
ATOM   717  C CA  . SER A 1 110 ? 17.668  -0.180  -10.398 1.00 14.34  ? 1401 SER A CA  1 
ATOM   718  C C   . SER A 1 110 ? 16.282  -0.133  -11.057 1.00 12.58  ? 1401 SER A C   1 
ATOM   719  O O   . SER A 1 110 ? 15.464  0.761   -10.828 1.00 11.19  ? 1401 SER A O   1 
ATOM   720  C CB  . SER A 1 110 ? 17.717  -1.077  -9.207  1.00 15.55  ? 1401 SER A CB  1 
ATOM   721  O OG  . SER A 1 110 ? 16.526  -0.978  -8.438  1.00 16.76  ? 1401 SER A OG  1 
ATOM   722  N N   . ARG A 1 111 ? 16.010  -1.125  -11.892 1.00 12.10  ? 1402 ARG A N   1 
ATOM   723  C CA  . ARG A 1 111 ? 14.710  -1.260  -12.580 1.00 12.40  ? 1402 ARG A CA  1 
ATOM   724  C C   . ARG A 1 111 ? 13.600  -1.299  -11.525 1.00 10.76  ? 1402 ARG A C   1 
ATOM   725  O O   . ARG A 1 111 ? 12.659  -0.491  -11.590 1.00 11.03  ? 1402 ARG A O   1 
ATOM   726  C CB  . ARG A 1 111 ? 14.711  -2.536  -13.431 1.00 13.41  ? 1402 ARG A CB  1 
ATOM   727  C CG  . ARG A 1 111 ? 13.335  -2.918  -13.952 1.00 14.22  ? 1402 ARG A CG  1 
ATOM   728  C CD  . ARG A 1 111 ? 12.950  -2.020  -15.102 1.00 15.21  ? 1402 ARG A CD  1 
ATOM   729  N NE  . ARG A 1 111 ? 11.556  -2.123  -15.517 1.00 17.47  ? 1402 ARG A NE  1 
ATOM   730  C CZ  . ARG A 1 111 ? 11.059  -2.943  -16.452 1.00 16.68  ? 1402 ARG A CZ  1 
ATOM   731  N NH1 . ARG A 1 111 ? 11.818  -3.830  -17.067 1.00 18.32  ? 1402 ARG A NH1 1 
ATOM   732  N NH2 . ARG A 1 111 ? 9.771   -2.901  -16.755 1.00 18.21  ? 1402 ARG A NH2 1 
ATOM   733  N N   . ILE A 1 112 ? 13.720  -2.220  -10.576 1.00 10.32  ? 1403 ILE A N   1 
ATOM   734  C CA  . ILE A 1 112 ? 12.577  -2.556  -9.667  1.00 9.98   ? 1403 ILE A CA  1 
ATOM   735  C C   . ILE A 1 112 ? 12.383  -1.393  -8.681  1.00 10.26  ? 1403 ILE A C   1 
ATOM   736  O O   . ILE A 1 112 ? 11.247  -0.915  -8.481  1.00 10.00  ? 1403 ILE A O   1 
ATOM   737  C CB  . ILE A 1 112 ? 12.795  -3.955  -9.033  1.00 10.29  ? 1403 ILE A CB  1 
ATOM   738  C CG1 . ILE A 1 112 ? 12.607  -5.086  -10.055 1.00 10.24  ? 1403 ILE A CG1 1 
ATOM   739  C CG2 . ILE A 1 112 ? 11.886  -4.173  -7.819  1.00 10.94  ? 1403 ILE A CG2 1 
ATOM   740  C CD1 . ILE A 1 112 ? 13.046  -6.488  -9.608  1.00 10.84  ? 1403 ILE A CD1 1 
ATOM   741  N N   . TYR A 1 113 ? 13.450  -0.834  -8.124  1.00 10.73  ? 1404 TYR A N   1 
ATOM   742  C CA  . TYR A 1 113 ? 13.279  0.344   -7.261  1.00 10.99  ? 1404 TYR A CA  1 
ATOM   743  C C   . TYR A 1 113 ? 12.661  1.468   -8.079  1.00 11.11  ? 1404 TYR A C   1 
ATOM   744  O O   . TYR A 1 113 ? 11.794  2.180   -7.532  1.00 11.20  ? 1404 TYR A O   1 
ATOM   745  C CB  . TYR A 1 113 ? 14.621  0.725   -6.643  1.00 12.78  ? 1404 TYR A CB  1 
ATOM   746  C CG  . TYR A 1 113 ? 14.561  2.009   -5.876  1.00 11.60  ? 1404 TYR A CG  1 
ATOM   747  C CD1 . TYR A 1 113 ? 13.812  2.090   -4.695  1.00 12.13  ? 1404 TYR A CD1 1 
ATOM   748  C CD2 . TYR A 1 113 ? 15.252  3.158   -6.274  1.00 11.29  ? 1404 TYR A CD2 1 
ATOM   749  C CE1 . TYR A 1 113 ? 13.765  3.264   -3.937  1.00 12.83  ? 1404 TYR A CE1 1 
ATOM   750  C CE2 . TYR A 1 113 ? 15.228  4.316   -5.511  1.00 13.10  ? 1404 TYR A CE2 1 
ATOM   751  C CZ  . TYR A 1 113 ? 14.461  4.368   -4.361  1.00 12.22  ? 1404 TYR A CZ  1 
ATOM   752  O OH  . TYR A 1 113 ? 14.469  5.540   -3.612  1.00 15.49  ? 1404 TYR A OH  1 
ATOM   753  N N   A SER A 1 114 ? 13.088  1.661   -9.332  0.31 11.55  ? 1405 SER A N   1 
ATOM   754  N N   B SER A 1 114 ? 13.076  1.662   -9.327  0.30 11.34  ? 1405 SER A N   1 
ATOM   755  C CA  A SER A 1 114 ? 12.519  2.729   -10.188 0.31 11.49  ? 1405 SER A CA  1 
ATOM   756  C CA  B SER A 1 114 ? 12.515  2.770   -10.132 0.30 11.11  ? 1405 SER A CA  1 
ATOM   757  C C   A SER A 1 114 ? 10.996  2.525   -10.302 0.31 11.19  ? 1405 SER A C   1 
ATOM   758  C C   B SER A 1 114 ? 11.005  2.536   -10.360 0.30 11.18  ? 1405 SER A C   1 
ATOM   759  O O   A SER A 1 114 ? 10.224  3.505   -10.230 0.31 11.58  ? 1405 SER A O   1 
ATOM   760  O O   B SER A 1 114 ? 10.248  3.521   -10.440 0.30 11.91  ? 1405 SER A O   1 
ATOM   761  C CB  A SER A 1 114 ? 13.179  2.802   -11.565 0.31 12.78  ? 1405 SER A CB  1 
ATOM   762  C CB  B SER A 1 114 ? 13.278  2.960   -11.423 0.30 12.21  ? 1405 SER A CB  1 
ATOM   763  O OG  A SER A 1 114 ? 12.716  1.799   -12.467 0.31 14.39  ? 1405 SER A OG  1 
ATOM   764  O OG  B SER A 1 114 ? 14.653  3.259   -11.163 0.30 12.62  ? 1405 SER A OG  1 
ATOM   765  N N   . MET A 1 115 ? 10.562  1.283   -10.493 1.00 10.78  ? 1406 MET A N   1 
ATOM   766  C CA  . MET A 1 115 ? 9.116   0.925   -10.638 1.00 11.17  ? 1406 MET A CA  1 
ATOM   767  C C   . MET A 1 115 ? 8.405   1.278   -9.336  1.00 11.95  ? 1406 MET A C   1 
ATOM   768  O O   . MET A 1 115 ? 7.279   1.838   -9.354  1.00 11.10  ? 1406 MET A O   1 
ATOM   769  C CB  . MET A 1 115 ? 8.954   -0.545  -10.975 1.00 11.86  ? 1406 MET A CB  1 
ATOM   770  C CG  . MET A 1 115 ? 9.409   -0.926  -12.349 1.00 13.56  ? 1406 MET A CG  1 
ATOM   771  S SD  . MET A 1 115 ? 9.629   -2.666  -12.661 1.00 16.26  ? 1406 MET A SD  1 
ATOM   772  C CE  . MET A 1 115 ? 7.952   -3.049  -12.958 1.00 19.68  ? 1406 MET A CE  1 
ATOM   773  N N   . SER A 1 116 ? 9.058   1.023   -8.218  1.00 10.16  ? 1407 SER A N   1 
ATOM   774  C CA  . SER A 1 116 ? 8.475   1.305   -6.890  1.00 10.52  ? 1407 SER A CA  1 
ATOM   775  C C   . SER A 1 116 ? 8.214   2.794   -6.758  1.00 9.87   ? 1407 SER A C   1 
ATOM   776  O O   . SER A 1 116 ? 7.219   3.190   -6.137  1.00 10.47  ? 1407 SER A O   1 
ATOM   777  C CB  . SER A 1 116 ? 9.356   0.776   -5.752  1.00 10.58  ? 1407 SER A CB  1 
ATOM   778  O OG  . SER A 1 116 ? 10.388  1.660   -5.329  1.00 11.15  ? 1407 SER A OG  1 
ATOM   779  N N   . LEU A 1 117 ? 9.121   3.664   -7.206  1.00 10.87  ? 1408 LEU A N   1 
ATOM   780  C CA  . LEU A 1 117 ? 8.948   5.113   -7.017  1.00 12.30  ? 1408 LEU A CA  1 
ATOM   781  C C   . LEU A 1 117 ? 7.758   5.637   -7.811  1.00 11.32  ? 1408 LEU A C   1 
ATOM   782  O O   . LEU A 1 117 ? 6.951   6.455   -7.331  1.00 11.77  ? 1408 LEU A O   1 
ATOM   783  C CB  . LEU A 1 117 ? 10.222  5.865   -7.394  1.00 13.18  ? 1408 LEU A CB  1 
ATOM   784  C CG  . LEU A 1 117 ? 11.436  5.632   -6.503  1.00 13.28  ? 1408 LEU A CG  1 
ATOM   785  C CD1 . LEU A 1 117 ? 12.577  6.481   -7.047  1.00 15.92  ? 1408 LEU A CD1 1 
ATOM   786  C CD2 . LEU A 1 117 ? 11.129  5.949   -5.054  1.00 15.49  ? 1408 LEU A CD2 1 
ATOM   787  N N   . ARG A 1 118 ? 7.582   5.118   -9.027  1.00 10.76  ? 1409 ARG A N   1 
ATOM   788  C CA  . ARG A 1 118 ? 6.407   5.546   -9.857  1.00 10.88  ? 1409 ARG A CA  1 
ATOM   789  C C   . ARG A 1 118 ? 5.108   5.022   -9.233  1.00 10.48  ? 1409 ARG A C   1 
ATOM   790  O O   . ARG A 1 118 ? 4.100   5.754   -9.081  1.00 10.84  ? 1409 ARG A O   1 
ATOM   791  C CB  . ARG A 1 118 ? 6.557   5.046   -11.292 1.00 11.86  ? 1409 ARG A CB  1 
ATOM   792  C CG  . ARG A 1 118 ? 7.668   5.717   -12.120 1.00 12.13  ? 1409 ARG A CG  1 
ATOM   793  C CD  . ARG A 1 118 ? 7.530   5.377   -13.600 1.00 13.15  ? 1409 ARG A CD  1 
ATOM   794  N NE  . ARG A 1 118 ? 7.692   3.973   -13.885 1.00 13.01  ? 1409 ARG A NE  1 
ATOM   795  C CZ  . ARG A 1 118 ? 8.827   3.362   -14.225 1.00 14.80  ? 1409 ARG A CZ  1 
ATOM   796  N NH1 . ARG A 1 118 ? 9.937   4.057   -14.327 1.00 15.95  ? 1409 ARG A NH1 1 
ATOM   797  N NH2 . ARG A 1 118 ? 8.800   2.027   -14.393 1.00 16.31  ? 1409 ARG A NH2 1 
ATOM   798  N N   . LEU A 1 119 ? 5.130   3.802   -8.759  1.00 9.33   ? 1410 LEU A N   1 
ATOM   799  C CA  . LEU A 1 119 ? 3.916   3.216   -8.173  1.00 10.80  ? 1410 LEU A CA  1 
ATOM   800  C C   . LEU A 1 119 ? 3.542   3.903   -6.859  1.00 9.86   ? 1410 LEU A C   1 
ATOM   801  O O   . LEU A 1 119 ? 2.392   4.175   -6.566  1.00 9.93   ? 1410 LEU A O   1 
ATOM   802  C CB  . LEU A 1 119 ? 4.069   1.707   -8.022  1.00 11.59  ? 1410 LEU A CB  1 
ATOM   803  C CG  . LEU A 1 119 ? 2.776   0.925   -7.756  1.00 11.90  ? 1410 LEU A CG  1 
ATOM   804  C CD1 . LEU A 1 119 ? 1.909   0.931   -9.010  1.00 12.64  ? 1410 LEU A CD1 1 
ATOM   805  C CD2 . LEU A 1 119 ? 3.138   -0.465  -7.322  1.00 11.97  ? 1410 LEU A CD2 1 
ATOM   806  N N   . SER A 1 120 ? 4.553   4.292   -6.076  1.00 9.00   ? 1411 SER A N   1 
ATOM   807  C CA  . SER A 1 120 ? 4.379   5.032   -4.787  1.00 10.63  ? 1411 SER A CA  1 
ATOM   808  C C   . SER A 1 120 ? 3.705   6.383   -5.124  1.00 11.27  ? 1411 SER A C   1 
ATOM   809  O O   . SER A 1 120 ? 2.773   6.806   -4.410  1.00 10.55  ? 1411 SER A O   1 
ATOM   810  C CB  . SER A 1 120 ? 5.695   5.206   -4.080  1.00 10.44  ? 1411 SER A CB  1 
ATOM   811  O OG  . SER A 1 120 ? 5.571   6.119   -2.957  1.00 13.12  ? 1411 SER A OG  1 
ATOM   812  N N   . ALA A 1 121 ? 4.190   7.092   -6.151  1.00 10.01  ? 1412 ALA A N   1 
ATOM   813  C CA  . ALA A 1 121 ? 3.596   8.401   -6.531  1.00 11.23  ? 1412 ALA A CA  1 
ATOM   814  C C   . ALA A 1 121 ? 2.140   8.247   -6.878  1.00 9.48   ? 1412 ALA A C   1 
ATOM   815  O O   . ALA A 1 121 ? 1.305   9.048   -6.474  1.00 10.88  ? 1412 ALA A O   1 
ATOM   816  C CB  . ALA A 1 121 ? 4.314   9.061   -7.699  1.00 10.58  ? 1412 ALA A CB  1 
ATOM   817  N N   . PHE A 1 122 ? 1.838   7.193   -7.642  1.00 9.93   ? 1413 PHE A N   1 
ATOM   818  C CA  . PHE A 1 122 ? 0.440   6.898   -8.042  1.00 10.45  ? 1413 PHE A CA  1 
ATOM   819  C C   . PHE A 1 122 ? -0.436  6.608   -6.833  1.00 9.97   ? 1413 PHE A C   1 
ATOM   820  O O   . PHE A 1 122 ? -1.570  7.125   -6.654  1.00 10.87  ? 1413 PHE A O   1 
ATOM   821  C CB  . PHE A 1 122 ? 0.414   5.766   -9.052  1.00 10.68  ? 1413 PHE A CB  1 
ATOM   822  C CG  . PHE A 1 122 ? -0.951  5.299   -9.438  1.00 11.80  ? 1413 PHE A CG  1 
ATOM   823  C CD1 . PHE A 1 122 ? -1.666  5.984   -10.433 1.00 14.63  ? 1413 PHE A CD1 1 
ATOM   824  C CD2 . PHE A 1 122 ? -1.543  4.206   -8.840  1.00 12.94  ? 1413 PHE A CD2 1 
ATOM   825  C CE1 . PHE A 1 122 ? -2.952  5.571   -10.802 1.00 14.94  ? 1413 PHE A CE1 1 
ATOM   826  C CE2 . PHE A 1 122 ? -2.814  3.778   -9.244  1.00 13.11  ? 1413 PHE A CE2 1 
ATOM   827  C CZ  . PHE A 1 122 ? -3.509  4.456   -10.231 1.00 15.46  ? 1413 PHE A CZ  1 
ATOM   828  N N   . PHE A 1 123 ? 0.064   5.731   -5.949  1.00 10.10  ? 1414 PHE A N   1 
ATOM   829  C CA  . PHE A 1 123 ? -0.627  5.392   -4.679  1.00 10.02  ? 1414 PHE A CA  1 
ATOM   830  C C   . PHE A 1 123 ? -0.910  6.636   -3.864  1.00 10.20  ? 1414 PHE A C   1 
ATOM   831  O O   . PHE A 1 123 ? -2.096  6.821   -3.408  1.00 10.33  ? 1414 PHE A O   1 
ATOM   832  C CB  . PHE A 1 123 ? 0.153   4.332   -3.873  1.00 10.94  ? 1414 PHE A CB  1 
ATOM   833  C CG  . PHE A 1 123 ? -0.495  4.018   -2.548  1.00 10.69  ? 1414 PHE A CG  1 
ATOM   834  C CD1 . PHE A 1 123 ? -1.627  3.225   -2.492  1.00 10.72  ? 1414 PHE A CD1 1 
ATOM   835  C CD2 . PHE A 1 123 ? 0.054   4.568   -1.399  1.00 12.19  ? 1414 PHE A CD2 1 
ATOM   836  C CE1 . PHE A 1 123 ? -2.238  2.980   -1.266  1.00 11.83  ? 1414 PHE A CE1 1 
ATOM   837  C CE2 . PHE A 1 123 ? -0.578  4.315   -0.173  1.00 13.55  ? 1414 PHE A CE2 1 
ATOM   838  C CZ  . PHE A 1 123 ? -1.705  3.533   -0.144  1.00 12.38  ? 1414 PHE A CZ  1 
ATOM   839  N N   . GLU A 1 124 ? 0.101   7.432   -3.593  1.00 10.33  ? 1415 GLU A N   1 
ATOM   840  C CA  . GLU A 1 124 ? -0.061  8.609   -2.728  1.00 11.79  ? 1415 GLU A CA  1 
ATOM   841  C C   . GLU A 1 124 ? -1.045  9.617   -3.330  1.00 10.96  ? 1415 GLU A C   1 
ATOM   842  O O   . GLU A 1 124 ? -1.912  10.161  -2.605  1.00 11.87  ? 1415 GLU A O   1 
ATOM   843  C CB  . GLU A 1 124 ? 1.276   9.300   -2.459  1.00 11.78  ? 1415 GLU A CB  1 
ATOM   844  C CG  . GLU A 1 124 ? 2.213   8.435   -1.580  1.00 13.79  ? 1415 GLU A CG  1 
ATOM   845  C CD  . GLU A 1 124 ? 1.772   8.129   -0.140  1.00 15.31  ? 1415 GLU A CD  1 
ATOM   846  O OE1 . GLU A 1 124 ? 0.982   8.915   0.416   1.00 16.20  ? 1415 GLU A OE1 1 
ATOM   847  O OE2 . GLU A 1 124 ? 2.160   7.072   0.369   1.00 13.49  ? 1415 GLU A OE2 1 
ATOM   848  N N   . GLU A 1 125 ? -1.078  9.733   -4.673  1.00 10.74  ? 1416 GLU A N   1 
ATOM   849  C CA  . GLU A 1 125 ? -1.990  10.687  -5.346  1.00 12.40  ? 1416 GLU A CA  1 
ATOM   850  C C   . GLU A 1 125 ? -3.426  10.258  -5.105  1.00 11.85  ? 1416 GLU A C   1 
ATOM   851  O O   . GLU A 1 125 ? -4.297  11.112  -4.832  1.00 13.27  ? 1416 GLU A O   1 
ATOM   852  C CB  . GLU A 1 125 ? -1.632  10.668  -6.830  1.00 11.94  ? 1416 GLU A CB  1 
ATOM   853  C CG  . GLU A 1 125 ? -2.579  11.412  -7.762  1.00 13.04  ? 1416 GLU A CG  1 
ATOM   854  C CD  . GLU A 1 125 ? -2.060  11.311  -9.188  1.00 14.21  ? 1416 GLU A CD  1 
ATOM   855  O OE1 . GLU A 1 125 ? -0.936  11.842  -9.468  1.00 14.23  ? 1416 GLU A OE1 1 
ATOM   856  O OE2 . GLU A 1 125 ? -2.689  10.583  -9.983  1.00 15.62  ? 1416 GLU A OE2 1 
ATOM   857  N N   . HIS A 1 126 ? -3.686  8.969   -5.023  1.00 11.60  ? 1417 HIS A N   1 
ATOM   858  C CA  . HIS A 1 126 ? -5.055  8.392   -4.939  1.00 14.17  ? 1417 HIS A CA  1 
ATOM   859  C C   . HIS A 1 126 ? -5.480  8.158   -3.477  1.00 12.95  ? 1417 HIS A C   1 
ATOM   860  O O   . HIS A 1 126 ? -6.684  8.315   -3.203  1.00 14.86  ? 1417 HIS A O   1 
ATOM   861  C CB  . HIS A 1 126 ? -5.151  7.106   -5.759  1.00 14.48  ? 1417 HIS A CB  1 
ATOM   862  C CG  . HIS A 1 126 ? -5.231  7.396   -7.213  1.00 18.99  ? 1417 HIS A CG  1 
ATOM   863  N ND1 . HIS A 1 126 ? -4.161  7.706   -8.009  1.00 18.63  ? 1417 HIS A ND1 1 
ATOM   864  C CD2 . HIS A 1 126 ? -6.302  7.265   -8.025  1.00 22.56  ? 1417 HIS A CD2 1 
ATOM   865  C CE1 . HIS A 1 126 ? -4.637  7.992   -9.227  1.00 19.09  ? 1417 HIS A CE1 1 
ATOM   866  N NE2 . HIS A 1 126 ? -5.874  7.609   -9.290  1.00 26.50  ? 1417 HIS A NE2 1 
ATOM   867  N N   . ILE A 1 127 ? -4.580  7.821   -2.561  1.00 12.65  ? 1418 ILE A N   1 
ATOM   868  C CA  . ILE A 1 127 ? -4.959  7.544   -1.153  1.00 12.49  ? 1418 ILE A CA  1 
ATOM   869  C C   . ILE A 1 127 ? -5.283  8.816   -0.350  1.00 11.62  ? 1418 ILE A C   1 
ATOM   870  O O   . ILE A 1 127 ? -6.017  8.744   0.631   1.00 11.93  ? 1418 ILE A O   1 
ATOM   871  C CB  . ILE A 1 127 ? -3.890  6.698   -0.444  1.00 11.12  ? 1418 ILE A CB  1 
ATOM   872  C CG1 . ILE A 1 127 ? -4.474  5.855   0.708   1.00 12.36  ? 1418 ILE A CG1 1 
ATOM   873  C CG2 . ILE A 1 127 ? -2.739  7.559   0.050   1.00 12.31  ? 1418 ILE A CG2 1 
ATOM   874  C CD1 . ILE A 1 127 ? -5.513  4.840   0.358   1.00 13.52  ? 1418 ILE A CD1 1 
ATOM   875  N N   A SER A 1 128 ? -4.780  9.979   -0.777  0.31 11.12  ? 1419 SER A N   1 
ATOM   876  N N   B SER A 1 128 ? -4.741  9.962   -0.778  0.30 11.30  ? 1419 SER A N   1 
ATOM   877  C CA  A SER A 1 128 ? -4.950  11.245  -0.021  0.31 12.27  ? 1419 SER A CA  1 
ATOM   878  C CA  B SER A 1 128 ? -4.949  11.290  -0.144  0.30 12.66  ? 1419 SER A CA  1 
ATOM   879  C C   A SER A 1 128 ? -6.452  11.556  0.228   0.31 11.66  ? 1419 SER A C   1 
ATOM   880  C C   B SER A 1 128 ? -6.434  11.531  0.207   0.30 12.07  ? 1419 SER A C   1 
ATOM   881  O O   A SER A 1 128 ? -6.822  11.922  1.376   0.31 11.75  ? 1419 SER A O   1 
ATOM   882  O O   B SER A 1 128 ? -6.755  11.857  1.378   0.30 13.18  ? 1419 SER A O   1 
ATOM   883  C CB  A SER A 1 128 ? -4.228  12.370  -0.729  0.31 13.31  ? 1419 SER A CB  1 
ATOM   884  C CB  B SER A 1 128 ? -4.427  12.362  -1.072  0.30 13.36  ? 1419 SER A CB  1 
ATOM   885  O OG  A SER A 1 128 ? -4.685  12.516  -2.059  0.31 15.27  ? 1419 SER A OG  1 
ATOM   886  O OG  B SER A 1 128 ? -4.768  13.663  -0.604  0.30 16.85  ? 1419 SER A OG  1 
ATOM   887  N N   . SER A 1 129 ? -7.319  11.420  -0.777  1.00 11.70  ? 1420 SER A N   1 
ATOM   888  C CA  . SER A 1 129 ? -8.742  11.754  -0.539  1.00 13.04  ? 1420 SER A CA  1 
ATOM   889  C C   . SER A 1 129 ? -9.416  10.658  0.281   1.00 12.05  ? 1420 SER A C   1 
ATOM   890  O O   . SER A 1 129 ? -10.334 10.987  1.030   1.00 12.15  ? 1420 SER A O   1 
ATOM   891  C CB  . SER A 1 129 ? -9.473  11.968  -1.790  1.00 14.01  ? 1420 SER A CB  1 
ATOM   892  O OG  . SER A 1 129 ? -9.477  10.832  -2.629  1.00 19.72  ? 1420 SER A OG  1 
ATOM   893  N N   . VAL A 1 130 ? -8.952  9.420   0.147   1.00 10.94  ? 1421 VAL A N   1 
ATOM   894  C CA  . VAL A 1 130 ? -9.524  8.307   0.959   1.00 10.85  ? 1421 VAL A CA  1 
ATOM   895  C C   . VAL A 1 130 ? -9.266  8.599   2.433   1.00 11.19  ? 1421 VAL A C   1 
ATOM   896  O O   . VAL A 1 130 ? -10.207 8.490   3.326   1.00 11.28  ? 1421 VAL A O   1 
ATOM   897  C CB  . VAL A 1 130 ? -8.915  6.972   0.580   1.00 10.02  ? 1421 VAL A CB  1 
ATOM   898  C CG1 . VAL A 1 130 ? -9.458  5.854   1.495   1.00 10.92  ? 1421 VAL A CG1 1 
ATOM   899  C CG2 . VAL A 1 130 ? -9.193  6.636   -0.870  1.00 10.54  ? 1421 VAL A CG2 1 
ATOM   900  N N   . LEU A 1 131 ? -8.032  8.986   2.772   1.00 10.97  ? 1422 LEU A N   1 
ATOM   901  C CA  . LEU A 1 131 ? -7.669  9.308   4.167   1.00 11.08  ? 1422 LEU A CA  1 
ATOM   902  C C   . LEU A 1 131 ? -8.427  10.528  4.670   1.00 11.14  ? 1422 LEU A C   1 
ATOM   903  O O   . LEU A 1 131 ? -8.950  10.535  5.758   1.00 12.02  ? 1422 LEU A O   1 
ATOM   904  C CB  . LEU A 1 131 ? -6.154  9.556   4.330   1.00 12.04  ? 1422 LEU A CB  1 
ATOM   905  C CG  . LEU A 1 131 ? -5.277  8.334   4.044   1.00 12.02  ? 1422 LEU A CG  1 
ATOM   906  C CD1 . LEU A 1 131 ? -3.819  8.711   3.881   1.00 13.62  ? 1422 LEU A CD1 1 
ATOM   907  C CD2 . LEU A 1 131 ? -5.499  7.235   5.066   1.00 13.37  ? 1422 LEU A CD2 1 
ATOM   908  N N   A SER A 1 132 ? -8.407  11.607  3.903   0.31 10.44  ? 1423 SER A N   1 
ATOM   909  N N   B SER A 1 132 ? -8.422  11.612  3.902   0.30 12.57  ? 1423 SER A N   1 
ATOM   910  C CA  A SER A 1 132 ? -9.078  12.857  4.332   0.31 9.57   ? 1423 SER A CA  1 
ATOM   911  C CA  B SER A 1 132 ? -9.084  12.879  4.321   0.30 13.07  ? 1423 SER A CA  1 
ATOM   912  C C   A SER A 1 132 ? -10.557 12.572  4.617   0.31 10.04  ? 1423 SER A C   1 
ATOM   913  C C   B SER A 1 132 ? -10.581 12.622  4.576   0.30 12.29  ? 1423 SER A C   1 
ATOM   914  O O   A SER A 1 132 ? -11.047 12.979  5.726   0.31 9.39   ? 1423 SER A O   1 
ATOM   915  O O   B SER A 1 132 ? -11.115 13.064  5.637   0.30 11.36  ? 1423 SER A O   1 
ATOM   916  C CB  A SER A 1 132 ? -8.952  13.933  3.293   0.31 9.03   ? 1423 SER A CB  1 
ATOM   917  C CB  B SER A 1 132 ? -8.871  13.973  3.288   0.30 14.75  ? 1423 SER A CB  1 
ATOM   918  O OG  A SER A 1 132 ? -7.616  14.358  3.165   0.31 8.21   ? 1423 SER A OG  1 
ATOM   919  O OG  B SER A 1 132 ? -9.732  15.088  3.515   0.30 19.74  ? 1423 SER A OG  1 
ATOM   920  N N   . ASP A 1 133 ? -11.248 11.941  3.657   1.00 11.27  ? 1424 ASP A N   1 
ATOM   921  C CA  . ASP A 1 133 ? -12.704 11.662  3.746   1.00 11.30  ? 1424 ASP A CA  1 
ATOM   922  C C   . ASP A 1 133 ? -13.001 10.808  4.984   1.00 11.10  ? 1424 ASP A C   1 
ATOM   923  O O   . ASP A 1 133 ? -14.013 11.045  5.667   1.00 12.29  ? 1424 ASP A O   1 
ATOM   924  C CB  . ASP A 1 133 ? -13.231 10.937  2.512   1.00 12.89  ? 1424 ASP A CB  1 
ATOM   925  C CG  . ASP A 1 133 ? -13.630 11.785  1.317   1.00 14.93  ? 1424 ASP A CG  1 
ATOM   926  O OD1 . ASP A 1 133 ? -13.155 12.940  1.178   1.00 16.64  ? 1424 ASP A OD1 1 
ATOM   927  O OD2 . ASP A 1 133 ? -14.389 11.252  0.468   1.00 16.55  ? 1424 ASP A OD2 1 
ATOM   928  N N   . TYR A 1 134 ? -12.164 9.815   5.282   1.00 10.11  ? 1425 TYR A N   1 
ATOM   929  C CA  . TYR A 1 134 ? -12.380 8.939   6.458   1.00 10.64  ? 1425 TYR A CA  1 
ATOM   930  C C   . TYR A 1 134 ? -12.210 9.751   7.747   1.00 11.11  ? 1425 TYR A C   1 
ATOM   931  O O   . TYR A 1 134 ? -13.067 9.731   8.629   1.00 11.07  ? 1425 TYR A O   1 
ATOM   932  C CB  . TYR A 1 134 ? -11.442 7.727   6.412   1.00 10.49  ? 1425 TYR A CB  1 
ATOM   933  C CG  . TYR A 1 134 ? -11.413 6.928   7.681   1.00 11.28  ? 1425 TYR A CG  1 
ATOM   934  C CD1 . TYR A 1 134 ? -12.365 5.970   7.968   1.00 12.31  ? 1425 TYR A CD1 1 
ATOM   935  C CD2 . TYR A 1 134 ? -10.431 7.159   8.618   1.00 12.91  ? 1425 TYR A CD2 1 
ATOM   936  C CE1 . TYR A 1 134 ? -12.318 5.224   9.134   1.00 13.18  ? 1425 TYR A CE1 1 
ATOM   937  C CE2 . TYR A 1 134 ? -10.371 6.444   9.801   1.00 12.85  ? 1425 TYR A CE2 1 
ATOM   938  C CZ  . TYR A 1 134 ? -11.330 5.485   10.073  1.00 12.93  ? 1425 TYR A CZ  1 
ATOM   939  O OH  . TYR A 1 134 ? -11.270 4.760   11.236  1.00 14.29  ? 1425 TYR A OH  1 
ATOM   940  N N   . LYS A 1 135 ? -11.125 10.523  7.838   1.00 11.00  ? 1426 LYS A N   1 
ATOM   941  C CA  . LYS A 1 135 ? -10.850 11.315  9.044   1.00 10.69  ? 1426 LYS A CA  1 
ATOM   942  C C   . LYS A 1 135 ? -11.971 12.351  9.282   1.00 10.96  ? 1426 LYS A C   1 
ATOM   943  O O   . LYS A 1 135 ? -12.377 12.578  10.424  1.00 11.01  ? 1426 LYS A O   1 
ATOM   944  C CB  . LYS A 1 135 ? -9.447  11.941  8.964   1.00 12.73  ? 1426 LYS A CB  1 
ATOM   945  C CG  . LYS A 1 135 ? -8.342  10.876  9.047   1.00 14.22  ? 1426 LYS A CG  1 
ATOM   946  C CD  . LYS A 1 135 ? -6.939  11.500  8.937   1.00 14.87  ? 1426 LYS A CD  1 
ATOM   947  C CE  . LYS A 1 135 ? -5.859  10.479  8.668   1.00 17.92  ? 1426 LYS A CE  1 
ATOM   948  N NZ  . LYS A 1 135 ? -4.559  11.159  8.490   1.00 23.81  ? 1426 LYS A NZ  1 
ATOM   949  N N   A SER A 1 136 ? -12.438 12.976  8.219   0.31 11.03  ? 1427 SER A N   1 
ATOM   950  N N   B SER A 1 136 ? -12.476 12.949  8.218   0.30 11.85  ? 1427 SER A N   1 
ATOM   951  C CA  A SER A 1 136 ? -13.589 13.909  8.270   0.31 11.23  ? 1427 SER A CA  1 
ATOM   952  C CA  B SER A 1 136 ? -13.567 13.946  8.324   0.30 12.62  ? 1427 SER A CA  1 
ATOM   953  C C   A SER A 1 136 ? -14.842 13.198  8.806   0.31 11.96  ? 1427 SER A C   1 
ATOM   954  C C   B SER A 1 136 ? -14.902 13.264  8.689   0.30 12.56  ? 1427 SER A C   1 
ATOM   955  O O   A SER A 1 136 ? -15.506 13.720  9.747   0.31 10.51  ? 1427 SER A O   1 
ATOM   956  O O   B SER A 1 136 ? -15.675 13.872  9.448   0.30 11.60  ? 1427 SER A O   1 
ATOM   957  C CB  A SER A 1 136 ? -13.830 14.461  6.914   0.31 11.51  ? 1427 SER A CB  1 
ATOM   958  C CB  B SER A 1 136 ? -13.622 14.788  7.084   0.30 13.77  ? 1427 SER A CB  1 
ATOM   959  O OG  A SER A 1 136 ? -15.028 15.220  6.893   0.31 12.60  ? 1427 SER A OG  1 
ATOM   960  O OG  B SER A 1 136 ? -14.223 14.105  6.003   0.30 18.72  ? 1427 SER A OG  1 
ATOM   961  N N   . ALA A 1 137 ? -15.148 12.004  8.287   1.00 13.04  ? 1428 ALA A N   1 
ATOM   962  C CA  . ALA A 1 137 ? -16.314 11.188  8.739   1.00 12.37  ? 1428 ALA A CA  1 
ATOM   963  C C   . ALA A 1 137 ? -16.201 10.859  10.197  1.00 12.38  ? 1428 ALA A C   1 
ATOM   964  O O   . ALA A 1 137 ? -17.213 10.989  10.884  1.00 14.25  ? 1428 ALA A O   1 
ATOM   965  C CB  . ALA A 1 137 ? -16.380 9.899   7.957   1.00 13.02  ? 1428 ALA A CB  1 
ATOM   966  N N   . LEU A 1 138 ? -15.044 10.488  10.749  1.00 11.70  ? 1429 LEU A N   1 
ATOM   967  C CA  . LEU A 1 138 ? -14.907 10.205  12.164  1.00 14.40  ? 1429 LEU A CA  1 
ATOM   968  C C   . LEU A 1 138 ? -15.124 11.468  12.964  1.00 14.14  ? 1429 LEU A C   1 
ATOM   969  O O   . LEU A 1 138 ? -15.748 11.394  14.038  1.00 14.29  ? 1429 LEU A O   1 
ATOM   970  C CB  . LEU A 1 138 ? -13.522 9.628   12.441  1.00 18.96  ? 1429 LEU A CB  1 
ATOM   971  C CG  . LEU A 1 138 ? -13.481 8.307   13.164  1.00 24.88  ? 1429 LEU A CG  1 
ATOM   972  C CD1 . LEU A 1 138 ? -14.505 7.284   12.690  1.00 26.00  ? 1429 LEU A CD1 1 
ATOM   973  C CD2 . LEU A 1 138 ? -12.063 7.789   13.038  1.00 23.03  ? 1429 LEU A CD2 1 
ATOM   974  N N   . ARG A 1 139 ? -14.561 12.595  12.494  1.00 11.57  ? 1430 ARG A N   1 
ATOM   975  C CA  . ARG A 1 139 ? -14.762 13.830  13.283  1.00 12.13  ? 1430 ARG A CA  1 
ATOM   976  C C   . ARG A 1 139 ? -16.266 14.173  13.311  1.00 10.98  ? 1430 ARG A C   1 
ATOM   977  O O   . ARG A 1 139 ? -16.784 14.532  14.344  1.00 12.81  ? 1430 ARG A O   1 
ATOM   978  C CB  . ARG A 1 139 ? -13.982 14.998  12.693  1.00 12.27  ? 1430 ARG A CB  1 
ATOM   979  C CG  . ARG A 1 139 ? -12.456 14.871  12.820  1.00 12.40  ? 1430 ARG A CG  1 
ATOM   980  C CD  . ARG A 1 139 ? -11.736 16.143  12.392  1.00 12.08  ? 1430 ARG A CD  1 
ATOM   981  N NE  . ARG A 1 139 ? -11.815 16.424  10.983  1.00 11.93  ? 1430 ARG A NE  1 
ATOM   982  C CZ  . ARG A 1 139 ? -10.909 16.095  10.070  1.00 11.52  ? 1430 ARG A CZ  1 
ATOM   983  N NH1 . ARG A 1 139 ? -9.884  15.304  10.392  1.00 13.22  ? 1430 ARG A NH1 1 
ATOM   984  N NH2 . ARG A 1 139 ? -11.057 16.528  8.826   1.00 12.74  ? 1430 ARG A NH2 1 
ATOM   985  N N   . PHE A 1 140 ? -16.981 13.993  12.216  1.00 9.97   ? 1431 PHE A N   1 
ATOM   986  C CA  . PHE A 1 140 ? -18.429 14.284  12.183  1.00 11.51  ? 1431 PHE A CA  1 
ATOM   987  C C   . PHE A 1 140 ? -19.174 13.342  13.153  1.00 11.47  ? 1431 PHE A C   1 
ATOM   988  O O   . PHE A 1 140 ? -20.051 13.767  13.856  1.00 12.07  ? 1431 PHE A O   1 
ATOM   989  C CB  . PHE A 1 140 ? -18.966 14.180  10.764  1.00 11.14  ? 1431 PHE A CB  1 
ATOM   990  C CG  . PHE A 1 140 ? -20.408 14.629  10.644  1.00 11.80  ? 1431 PHE A CG  1 
ATOM   991  C CD1 . PHE A 1 140 ? -20.719 15.979  10.568  1.00 14.77  ? 1431 PHE A CD1 1 
ATOM   992  C CD2 . PHE A 1 140 ? -21.449 13.723  10.592  1.00 12.99  ? 1431 PHE A CD2 1 
ATOM   993  C CE1 . PHE A 1 140 ? -22.052 16.403  10.445  1.00 15.51  ? 1431 PHE A CE1 1 
ATOM   994  C CE2 . PHE A 1 140 ? -22.770 14.152  10.464  1.00 15.11  ? 1431 PHE A CE2 1 
ATOM   995  C CZ  . PHE A 1 140 ? -23.055 15.483  10.440  1.00 15.94  ? 1431 PHE A CZ  1 
ATOM   996  N N   . HIS A 1 141 ? -18.743 12.097  13.230  1.00 13.23  ? 1432 HIS A N   1 
ATOM   997  C CA  . HIS A 1 141 ? -19.400 11.096  14.113  1.00 15.29  ? 1432 HIS A CA  1 
ATOM   998  C C   . HIS A 1 141 ? -19.276 11.536  15.576  1.00 20.55  ? 1432 HIS A C   1 
ATOM   999  O O   . HIS A 1 141 ? -20.230 11.289  16.371  1.00 19.98  ? 1432 HIS A O   1 
ATOM   1000 C CB  . HIS A 1 141 ? -18.760 9.736   13.885  1.00 16.64  ? 1432 HIS A CB  1 
ATOM   1001 C CG  . HIS A 1 141 ? -19.518 8.649   14.594  1.00 14.97  ? 1432 HIS A CG  1 
ATOM   1002 N ND1 . HIS A 1 141 ? -20.784 8.264   14.195  1.00 14.61  ? 1432 HIS A ND1 1 
ATOM   1003 C CD2 . HIS A 1 141 ? -19.189 7.920   15.682  1.00 15.49  ? 1432 HIS A CD2 1 
ATOM   1004 C CE1 . HIS A 1 141 ? -21.178 7.266   14.973  1.00 15.14  ? 1432 HIS A CE1 1 
ATOM   1005 N NE2 . HIS A 1 141 ? -20.229 7.029   15.863  1.00 15.83  ? 1432 HIS A NE2 1 
ATOM   1006 N N   . LYS A 1 142 ? -18.112 12.085  15.936  1.00 19.53  ? 1433 LYS A N   1 
ATOM   1007 C CA  . LYS A 1 142 ? -17.740 12.437  17.330  1.00 21.39  ? 1433 LYS A CA  1 
ATOM   1008 C C   . LYS A 1 142 ? -18.257 13.833  17.688  1.00 22.71  ? 1433 LYS A C   1 
ATOM   1009 O O   . LYS A 1 142 ? -18.165 14.183  18.874  1.00 24.77  ? 1433 LYS A O   1 
ATOM   1010 C CB  . LYS A 1 142 ? -16.222 12.328  17.517  1.00 23.77  ? 1433 LYS A CB  1 
ATOM   1011 C CG  . LYS A 1 142 ? -15.726 10.895  17.650  1.00 24.95  ? 1433 LYS A CG  1 
ATOM   1012 C CD  . LYS A 1 142 ? -14.231 10.723  17.486  1.00 24.97  ? 1433 LYS A CD  1 
ATOM   1013 C CE  . LYS A 1 142 ? -13.879 9.334   16.997  1.00 25.16  ? 1433 LYS A CE  1 
ATOM   1014 N NZ  . LYS A 1 142 ? -12.504 9.272   16.456  1.00 24.05  ? 1433 LYS A NZ  1 
ATOM   1015 N N   . ARG A 1 143 ? -18.786 14.592  16.722  1.00 22.78  ? 1434 ARG A N   1 
ATOM   1016 C CA  . ARG A 1 143 ? -19.097 16.041  16.880  1.00 23.35  ? 1434 ARG A CA  1 
ATOM   1017 C C   . ARG A 1 143 ? -19.858 16.310  18.190  1.00 26.70  ? 1434 ARG A C   1 
ATOM   1018 O O   . ARG A 1 143 ? -19.407 17.199  18.944  1.00 31.80  ? 1434 ARG A O   1 
ATOM   1019 C CB  . ARG A 1 143 ? -19.849 16.594  15.666  1.00 21.56  ? 1434 ARG A CB  1 
ATOM   1020 C CG  . ARG A 1 143 ? -21.293 16.125  15.540  1.00 20.10  ? 1434 ARG A CG  1 
ATOM   1021 C CD  . ARG A 1 143 ? -21.902 16.456  14.190  1.00 20.15  ? 1434 ARG A CD  1 
ATOM   1022 N NE  . ARG A 1 143 ? -23.297 16.057  14.073  1.00 19.79  ? 1434 ARG A NE  1 
ATOM   1023 C CZ  . ARG A 1 143 ? -23.729 14.809  13.998  1.00 19.81  ? 1434 ARG A CZ  1 
ATOM   1024 N NH1 . ARG A 1 143 ? -22.861 13.813  14.036  1.00 18.91  ? 1434 ARG A NH1 1 
ATOM   1025 N NH2 . ARG A 1 143 ? -25.027 14.548  13.874  1.00 20.30  ? 1434 ARG A NH2 1 
ATOM   1026 N N   . ASN A 1 144 ? -20.984 15.633  18.432  1.00 30.29  ? 1435 ASN A N   1 
ATOM   1027 C CA  . ASN A 1 144 ? -21.756 15.736  19.706  1.00 33.35  ? 1435 ASN A CA  1 
ATOM   1028 C C   . ASN A 1 144 ? -21.390 14.548  20.609  1.00 34.57  ? 1435 ASN A C   1 
ATOM   1029 O O   . ASN A 1 144 ? -22.243 14.163  21.447  1.00 38.24  ? 1435 ASN A O   1 
ATOM   1030 C CB  . ASN A 1 144 ? -23.275 15.790  19.493  1.00 34.11  ? 1435 ASN A CB  1 
ATOM   1031 C CG  . ASN A 1 144 ? -23.720 16.774  18.428  1.00 35.88  ? 1435 ASN A CG  1 
ATOM   1032 O OD1 . ASN A 1 144 ? -23.464 17.972  18.519  1.00 35.57  ? 1435 ASN A OD1 1 
ATOM   1033 N ND2 . ASN A 1 144 ? -24.412 16.280  17.414  1.00 34.67  ? 1435 ASN A ND2 1 
HETATM 1034 C C10 . ZKH B 2 .   ? 11.076  -6.863  -4.202  0.61 15.53  ? 1901 ZKH A C10 1 
HETATM 1035 C C13 . ZKH B 2 .   ? 12.578  -8.817  -5.761  0.61 15.29  ? 1901 ZKH A C13 1 
HETATM 1036 C C17 . ZKH B 2 .   ? 15.038  -5.941  -6.290  0.61 15.19  ? 1901 ZKH A C17 1 
HETATM 1037 C C01 . ZKH B 2 .   ? 7.796   -10.763 -10.169 0.61 13.51  ? 1901 ZKH A C01 1 
HETATM 1038 O O02 . ZKH B 2 .   ? 7.990   -10.453 -8.826  0.61 15.37  ? 1901 ZKH A O02 1 
HETATM 1039 C C03 . ZKH B 2 .   ? 8.402   -11.531 -8.009  0.61 16.08  ? 1901 ZKH A C03 1 
HETATM 1040 C C04 . ZKH B 2 .   ? 8.291   -11.185 -6.495  0.61 15.83  ? 1901 ZKH A C04 1 
HETATM 1041 N N05 . ZKH B 2 .   ? 9.036   -9.985  -6.186  0.61 14.99  ? 1901 ZKH A N05 1 
HETATM 1042 C C06 . ZKH B 2 .   ? 10.449  -10.032 -6.082  0.61 15.52  ? 1901 ZKH A C06 1 
HETATM 1043 O O07 . ZKH B 2 .   ? 11.087  -11.057 -6.280  0.61 15.69  ? 1901 ZKH A O07 1 
HETATM 1044 N N08 . ZKH B 2 .   ? 11.114  -8.793  -5.761  0.61 14.66  ? 1901 ZKH A N08 1 
HETATM 1045 C C09 . ZKH B 2 .   ? 10.476  -7.470  -5.504  0.61 14.31  ? 1901 ZKH A C09 1 
HETATM 1046 N N11 . ZKH B 2 .   ? 12.436  -6.644  -4.581  0.61 16.72  ? 1901 ZKH A N11 1 
HETATM 1047 C C12 . ZKH B 2 .   ? 13.141  -7.925  -4.705  0.61 15.62  ? 1901 ZKH A C12 1 
HETATM 1048 C C14 . ZKH B 2 .   ? 12.982  -5.330  -4.783  0.61 16.59  ? 1901 ZKH A C14 1 
HETATM 1049 O O15 . ZKH B 2 .   ? 12.317  -4.346  -4.636  0.61 19.34  ? 1901 ZKH A O15 1 
HETATM 1050 C C16 . ZKH B 2 .   ? 14.333  -5.090  -5.377  0.61 16.48  ? 1901 ZKH A C16 1 
HETATM 1051 C C18 . ZKH B 2 .   ? 16.272  -5.238  -6.815  0.61 16.74  ? 1901 ZKH A C18 1 
HETATM 1052 C C19 . ZKH B 2 .   ? 16.280  -3.923  -6.279  0.61 15.61  ? 1901 ZKH A C19 1 
HETATM 1053 S S20 . ZKH B 2 .   ? 15.019  -3.642  -5.321  0.61 19.45  ? 1901 ZKH A S20 1 
HETATM 1054 O O   . HOH C 3 .   ? 18.576  -15.022 5.581   1.00 37.24  ? 2001 HOH A O   1 
HETATM 1055 O O   . HOH C 3 .   ? 5.619   -10.827 -13.765 0.61 33.89  ? 2002 HOH A O   1 
HETATM 1056 O O   . HOH C 3 .   ? 11.659  0.819   -14.245 1.00 25.89  ? 2003 HOH A O   1 
HETATM 1057 O O   . HOH C 3 .   ? 10.794  -13.473 -6.170  0.61 23.41  ? 2004 HOH A O   1 
HETATM 1058 O O   . HOH C 3 .   ? -24.501 13.827  17.375  1.00 44.11  ? 2005 HOH A O   1 
HETATM 1059 O O   . HOH C 3 .   ? -9.866  4.861   13.256  1.00 26.98  ? 2006 HOH A O   1 
HETATM 1060 O O   . HOH C 3 .   ? -2.438  -12.666 3.374   0.61 33.08  ? 2007 HOH A O   1 
HETATM 1061 O O   . HOH C 3 .   ? -15.631 17.594  7.395   1.00 22.90  ? 2008 HOH A O   1 
HETATM 1062 O O   . HOH C 3 .   ? 8.313   -9.877  -16.610 0.61 24.88  ? 2009 HOH A O   1 
HETATM 1063 O O   . HOH C 3 .   ? 16.616  -8.182  -9.684  1.00 32.78  ? 2010 HOH A O   1 
HETATM 1064 O O   . HOH C 3 .   ? -6.245  3.511   12.712  1.00 29.34  ? 2011 HOH A O   1 
HETATM 1065 O O   . HOH C 3 .   ? 23.617  -11.165 3.952   1.00 23.56  ? 2012 HOH A O   1 
HETATM 1066 O O   . HOH C 3 .   ? 22.801  -10.057 -2.330  0.61 23.10  ? 2013 HOH A O   1 
HETATM 1067 O O   . HOH C 3 .   ? 0.407   -14.541 -2.423  0.61 32.25  ? 2014 HOH A O   1 
HETATM 1068 O O   . HOH C 3 .   ? 12.770  -10.242 -9.467  0.61 20.96  ? 2015 HOH A O   1 
HETATM 1069 O O   . HOH C 3 .   ? 23.958  2.170   -5.759  1.00 121.99 ? 2016 HOH A O   1 
HETATM 1070 O O   . HOH C 3 .   ? -22.259 19.695  17.070  1.00 45.09  ? 2017 HOH A O   1 
HETATM 1071 O O   . HOH C 3 .   ? 19.493  -1.398  3.222   1.00 18.65  ? 2018 HOH A O   1 
HETATM 1072 O O   . HOH C 3 .   ? -8.808  8.404   -4.652  1.00 26.67  ? 2019 HOH A O   1 
HETATM 1073 O O   . HOH C 3 .   ? -16.028 15.400  1.299   1.00 41.68  ? 2020 HOH A O   1 
HETATM 1074 O O   . HOH C 3 .   ? -3.885  -5.598  10.056  1.00 22.67  ? 2021 HOH A O   1 
HETATM 1075 O O   . HOH C 3 .   ? -16.073 -4.341  0.915   1.00 27.20  ? 2022 HOH A O   1 
HETATM 1076 O O   . HOH C 3 .   ? 6.266   -15.539 -4.354  0.61 34.23  ? 2023 HOH A O   1 
HETATM 1077 O O   . HOH C 3 .   ? 24.181  4.059   -11.765 0.61 43.37  ? 2024 HOH A O   1 
HETATM 1078 O O   . HOH C 3 .   ? -22.066 19.177  6.189   0.61 24.03  ? 2025 HOH A O   1 
HETATM 1079 O O   . HOH C 3 .   ? -1.290  -5.656  8.628   1.00 34.31  ? 2026 HOH A O   1 
HETATM 1080 O O   . HOH C 3 .   ? -12.164 -13.012 7.868   1.00 26.40  ? 2027 HOH A O   1 
HETATM 1081 O O   . HOH C 3 .   ? 11.623  -5.265  -1.536  0.61 17.52  ? 2028 HOH A O   1 
HETATM 1082 O O   . HOH C 3 .   ? -21.859 13.302  17.589  1.00 39.25  ? 2029 HOH A O   1 
HETATM 1083 O O   . HOH C 3 .   ? 4.528   3.972   -15.253 0.61 17.93  ? 2030 HOH A O   1 
HETATM 1084 O O   . HOH C 3 .   ? 0.027   13.846  -8.036  1.00 22.67  ? 2031 HOH A O   1 
HETATM 1085 O O   . HOH C 3 .   ? -13.524 -12.453 3.529   1.00 41.51  ? 2032 HOH A O   1 
HETATM 1086 O O   . HOH C 3 .   ? 5.219   -9.956  6.736   1.00 24.43  ? 2033 HOH A O   1 
HETATM 1087 O O   . HOH C 3 .   ? -5.273  -10.953 7.556   1.00 34.28  ? 2034 HOH A O   1 
HETATM 1088 O O   . HOH C 3 .   ? 9.293   -16.616 -0.389  0.61 36.03  ? 2035 HOH A O   1 
HETATM 1089 O O   . HOH C 3 .   ? 6.996   -8.422  -3.848  0.61 15.31  ? 2036 HOH A O   1 
HETATM 1090 O O   . HOH C 3 .   ? 19.698  0.326   -0.449  1.00 15.27  ? 2037 HOH A O   1 
HETATM 1091 O O   . HOH C 3 .   ? -2.334  -8.157  -12.257 0.61 19.57  ? 2038 HOH A O   1 
HETATM 1092 O O   . HOH C 3 .   ? 15.270  7.887   -4.611  1.00 26.60  ? 2039 HOH A O   1 
HETATM 1093 O O   . HOH C 3 .   ? 4.103   5.534   -0.666  1.00 16.45  ? 2040 HOH A O   1 
HETATM 1094 O O   . HOH C 3 .   ? 15.899  6.835   -8.941  0.61 20.08  ? 2041 HOH A O   1 
HETATM 1095 O O   . HOH C 3 .   ? 7.474   -6.569  -1.812  0.61 13.40  ? 2042 HOH A O   1 
HETATM 1096 O O   . HOH C 3 .   ? 7.917   6.531   -1.676  1.00 23.82  ? 2043 HOH A O   1 
HETATM 1097 O O   . HOH C 3 .   ? -1.000  10.727  0.063   1.00 16.29  ? 2044 HOH A O   1 
HETATM 1098 O O   . HOH C 3 .   ? -19.861 10.360  10.149  1.00 14.36  ? 2045 HOH A O   1 
HETATM 1099 O O   . HOH C 3 .   ? 23.219  -9.427  1.732   1.00 25.84  ? 2046 HOH A O   1 
HETATM 1100 O O   . HOH C 3 .   ? 3.102   3.660   -11.662 1.00 22.51  ? 2047 HOH A O   1 
HETATM 1101 O O   . HOH C 3 .   ? 8.639   -7.218  0.763   1.00 14.25  ? 2048 HOH A O   1 
HETATM 1102 O O   . HOH C 3 .   ? 21.003  0.800   -13.033 0.61 19.22  ? 2049 HOH A O   1 
HETATM 1103 O O   . HOH C 3 .   ? -0.118  -13.209 0.285   1.00 37.73  ? 2050 HOH A O   1 
HETATM 1104 O O   . HOH C 3 .   ? -15.827 9.002   0.986   1.00 19.05  ? 2051 HOH A O   1 
HETATM 1105 O O   . HOH C 3 .   ? -2.681  13.755  -3.432  1.00 32.22  ? 2052 HOH A O   1 
HETATM 1106 O O   . HOH C 3 .   ? -10.570 4.363   -5.107  1.00 22.69  ? 2053 HOH A O   1 
HETATM 1107 O O   . HOH C 3 .   ? 3.328   -2.254  8.645   1.00 27.66  ? 2054 HOH A O   1 
HETATM 1108 O O   . HOH C 3 .   ? 7.429   -4.208  -17.286 1.00 31.31  ? 2055 HOH A O   1 
HETATM 1109 O O   . HOH C 3 .   ? -21.766 9.544   11.987  1.00 14.01  ? 2056 HOH A O   1 
HETATM 1110 O O   . HOH C 3 .   ? -12.064 15.305  2.037   1.00 29.37  ? 2057 HOH A O   1 
HETATM 1111 O O   . HOH C 3 .   ? 11.197  -1.209  5.130   1.00 14.62  ? 2058 HOH A O   1 
HETATM 1112 O O   . HOH C 3 .   ? -0.917  9.291   -11.637 1.00 12.99  ? 2059 HOH A O   1 
HETATM 1113 O O   . HOH C 3 .   ? 16.225  8.634   -2.167  1.00 31.50  ? 2060 HOH A O   1 
HETATM 1114 O O   . HOH C 3 .   ? -22.614 9.907   16.346  1.00 47.08  ? 2061 HOH A O   1 
HETATM 1115 O O   . HOH C 3 .   ? -17.178 -5.412  4.558   1.00 16.99  ? 2062 HOH A O   1 
HETATM 1116 O O   . HOH C 3 .   ? -8.874  -5.208  -4.891  1.00 24.24  ? 2063 HOH A O   1 
HETATM 1117 O O   . HOH C 3 .   ? 7.702   1.880   5.931   1.00 15.00  ? 2064 HOH A O   1 
HETATM 1118 O O   . HOH C 3 .   ? 7.696   8.431   -5.544  1.00 23.29  ? 2065 HOH A O   1 
HETATM 1119 O O   . HOH C 3 .   ? -14.465 -8.498  4.777   1.00 15.06  ? 2066 HOH A O   1 
HETATM 1120 O O   . HOH C 3 .   ? -11.987 11.561  14.988  1.00 29.01  ? 2067 HOH A O   1 
HETATM 1121 O O   . HOH C 3 .   ? 7.599   4.094   2.227   1.00 13.49  ? 2068 HOH A O   1 
HETATM 1122 O O   . HOH C 3 .   ? 10.320  -4.457  -19.312 0.61 21.69  ? 2069 HOH A O   1 
HETATM 1123 O O   . HOH C 3 .   ? -15.441 16.226  16.079  1.00 24.82  ? 2070 HOH A O   1 
HETATM 1124 O O   . HOH C 3 .   ? 11.551  -12.639 -9.787  0.61 17.71  ? 2071 HOH A O   1 
HETATM 1125 O O   . HOH C 3 .   ? 5.158   1.636   6.867   1.00 13.89  ? 2072 HOH A O   1 
HETATM 1126 O O   . HOH C 3 .   ? -16.783 0.455   1.715   1.00 12.77  ? 2073 HOH A O   1 
HETATM 1127 O O   . HOH C 3 .   ? -14.008 18.099  10.672  1.00 16.11  ? 2074 HOH A O   1 
HETATM 1128 O O   . HOH C 3 .   ? -0.685  5.374   8.031   1.00 20.52  ? 2075 HOH A O   1 
HETATM 1129 O O   . HOH C 3 .   ? -17.000 3.519   -0.958  1.00 21.39  ? 2076 HOH A O   1 
HETATM 1130 O O   . HOH C 3 .   ? 10.493  2.808   -2.799  1.00 14.80  ? 2077 HOH A O   1 
HETATM 1131 O O   . HOH C 3 .   ? -6.781  11.658  -3.674  1.00 18.67  ? 2078 HOH A O   1 
HETATM 1132 O O   . HOH C 3 .   ? 12.063  7.371   -1.662  1.00 23.85  ? 2079 HOH A O   1 
HETATM 1133 O O   . HOH C 3 .   ? 22.990  1.720   -11.243 0.61 18.80  ? 2080 HOH A O   1 
HETATM 1134 O O   . HOH C 3 .   ? 9.231   -4.386  -1.866  0.61 11.92  ? 2081 HOH A O   1 
HETATM 1135 O O   . HOH C 3 .   ? -5.143  11.837  -10.456 1.00 23.80  ? 2082 HOH A O   1 
HETATM 1136 O O   . HOH C 3 .   ? -4.819  12.965  3.075   1.00 20.36  ? 2083 HOH A O   1 
HETATM 1137 O O   . HOH C 3 .   ? 17.312  -14.522 3.441   1.00 29.52  ? 2084 HOH A O   1 
HETATM 1138 O O   . HOH C 3 .   ? 24.727  2.180   -4.997  1.00 19.38  ? 2085 HOH A O   1 
HETATM 1139 O O   . HOH C 3 .   ? -3.772  13.877  -4.921  1.00 24.16  ? 2086 HOH A O   1 
HETATM 1140 O O   . HOH C 3 .   ? 16.298  4.684   -12.952 1.00 40.29  ? 2087 HOH A O   1 
HETATM 1141 O O   . HOH C 3 .   ? 13.750  2.119   3.234   1.00 22.62  ? 2088 HOH A O   1 
HETATM 1142 O O   . HOH C 3 .   ? 10.718  6.706   -13.733 1.00 14.83  ? 2089 HOH A O   1 
HETATM 1143 O O   . HOH C 3 .   ? -11.916 0.387   17.845  1.00 41.16  ? 2090 HOH A O   1 
HETATM 1144 O O   . HOH C 3 .   ? -3.510  -11.354 5.321   0.61 27.22  ? 2091 HOH A O   1 
HETATM 1145 O O   . HOH C 3 .   ? -8.971  -12.568 2.617   0.61 17.33  ? 2092 HOH A O   1 
HETATM 1146 O O   . HOH C 3 .   ? -1.419  -8.452  7.267   1.00 29.01  ? 2093 HOH A O   1 
HETATM 1147 O O   . HOH C 3 .   ? -16.233 16.608  9.960   1.00 14.05  ? 2094 HOH A O   1 
HETATM 1148 O O   . HOH C 3 .   ? 11.157  6.156   -10.979 1.00 15.34  ? 2095 HOH A O   1 
HETATM 1149 O O   . HOH C 3 .   ? 14.214  -11.339 8.772   1.00 24.70  ? 2096 HOH A O   1 
HETATM 1150 O O   . HOH C 3 .   ? 5.662   8.891   -3.589  1.00 19.58  ? 2097 HOH A O   1 
HETATM 1151 O O   . HOH C 3 .   ? -12.826 7.369   2.880   1.00 10.94  ? 2098 HOH A O   1 
HETATM 1152 O O   . HOH C 3 .   ? -10.369 -4.801  6.427   1.00 11.92  ? 2099 HOH A O   1 
HETATM 1153 O O   . HOH C 3 .   ? -7.272  15.269  0.492   1.00 20.41  ? 2100 HOH A O   1 
HETATM 1154 O O   . HOH C 3 .   ? -8.144  -13.420 9.830   1.00 33.02  ? 2101 HOH A O   1 
HETATM 1155 O O   . HOH C 3 .   ? -0.303  9.437   6.396   1.00 30.60  ? 2102 HOH A O   1 
HETATM 1156 O O   . HOH C 3 .   ? 2.180   11.609  -5.568  1.00 21.92  ? 2103 HOH A O   1 
HETATM 1157 O O   . HOH C 3 .   ? -6.717  14.548  -2.502  1.00 27.11  ? 2104 HOH A O   1 
HETATM 1158 O O   . HOH C 3 .   ? -0.785  -1.765  9.287   1.00 21.56  ? 2105 HOH A O   1 
HETATM 1159 O O   . HOH C 3 .   ? 7.427   -1.036  -15.777 1.00 36.31  ? 2106 HOH A O   1 
HETATM 1160 O O   . HOH C 3 .   ? 11.384  -18.523 -0.614  0.61 30.62  ? 2107 HOH A O   1 
HETATM 1161 O O   . HOH C 3 .   ? -4.082  1.530   -13.528 1.00 30.98  ? 2108 HOH A O   1 
HETATM 1162 O O   . HOH C 3 .   ? -10.631 11.654  12.515  1.00 18.19  ? 2109 HOH A O   1 
HETATM 1163 O O   . HOH C 3 .   ? 10.952  -4.643  6.787   1.00 15.59  ? 2110 HOH A O   1 
HETATM 1164 O O   . HOH C 3 .   ? 3.048   6.787   -11.569 1.00 16.85  ? 2111 HOH A O   1 
HETATM 1165 O O   . HOH C 3 .   ? 18.347  -18.039 1.854   1.00 26.77  ? 2112 HOH A O   1 
HETATM 1166 O O   . HOH C 3 .   ? -9.056  13.867  12.771  1.00 19.42  ? 2113 HOH A O   1 
HETATM 1167 O O   . HOH C 3 .   ? -16.452 9.097   3.624   1.00 16.60  ? 2114 HOH A O   1 
HETATM 1168 O O   . HOH C 3 .   ? -6.869  1.312   14.510  1.00 29.22  ? 2115 HOH A O   1 
HETATM 1169 O O   . HOH C 3 .   ? -1.333  -4.339  -17.150 0.61 19.93  ? 2116 HOH A O   1 
HETATM 1170 O O   . HOH C 3 .   ? -12.476 15.970  3.885   1.00 40.12  ? 2117 HOH A O   1 
HETATM 1171 O O   . HOH C 3 .   ? -6.897  -7.365  -9.969  1.00 29.91  ? 2118 HOH A O   1 
HETATM 1172 O O   . HOH C 3 .   ? 3.960   -10.165 -11.408 0.61 22.95  ? 2119 HOH A O   1 
HETATM 1173 O O   . HOH C 3 .   ? -19.460 2.317   2.822   1.00 17.04  ? 2120 HOH A O   1 
HETATM 1174 O O   . HOH C 3 .   ? -23.698 11.227  12.940  1.00 20.44  ? 2121 HOH A O   1 
HETATM 1175 O O   . HOH C 3 .   ? -4.868  -11.280 -2.685  1.00 30.22  ? 2122 HOH A O   1 
HETATM 1176 O O   . HOH C 3 .   ? -13.516 2.911   11.634  1.00 35.91  ? 2123 HOH A O   1 
HETATM 1177 O O   . HOH C 3 .   ? 10.954  -10.221 11.731  1.00 38.75  ? 2124 HOH A O   1 
HETATM 1178 O O   . HOH C 3 .   ? -20.802 6.001   0.365   1.00 41.64  ? 2125 HOH A O   1 
HETATM 1179 O O   . HOH C 3 .   ? 5.217   -10.128 -7.636  0.61 13.68  ? 2126 HOH A O   1 
HETATM 1180 O O   . HOH C 3 .   ? -16.798 1.220   11.194  1.00 21.25  ? 2127 HOH A O   1 
HETATM 1181 O O   . HOH C 3 .   ? 2.487   1.003   -14.553 0.61 18.50  ? 2128 HOH A O   1 
HETATM 1182 O O   . HOH C 3 .   ? -10.812 -12.318 9.977   0.61 21.32  ? 2129 HOH A O   1 
HETATM 1183 O O   . HOH C 3 .   ? -14.513 6.254   4.899   1.00 11.97  ? 2130 HOH A O   1 
HETATM 1184 O O   . HOH C 3 .   ? 1.824   -12.495 3.797   1.00 34.08  ? 2131 HOH A O   1 
HETATM 1185 O O   . HOH C 3 .   ? -6.969  -5.304  -11.657 1.00 23.53  ? 2132 HOH A O   1 
HETATM 1186 O O   . HOH C 3 .   ? -0.625  10.826  4.454   1.00 24.96  ? 2133 HOH A O   1 
HETATM 1187 O O   . HOH C 3 .   ? -5.726  -9.808  -9.418  1.00 31.08  ? 2134 HOH A O   1 
HETATM 1188 O O   . HOH C 3 .   ? 3.061   -4.740  8.999   1.00 41.49  ? 2135 HOH A O   1 
HETATM 1189 O O   . HOH C 3 .   ? -15.697 -0.497  5.960   1.00 14.89  ? 2136 HOH A O   1 
HETATM 1190 O O   . HOH C 3 .   ? 0.900   -6.017  -15.787 0.61 24.74  ? 2137 HOH A O   1 
HETATM 1191 O O   . HOH C 3 .   ? -17.242 5.869   -2.310  1.00 41.97  ? 2138 HOH A O   1 
HETATM 1192 O O   . HOH C 3 .   ? 18.045  3.299   -1.849  0.61 18.32  ? 2139 HOH A O   1 
HETATM 1193 O O   . HOH C 3 .   ? -10.645 -0.205  -10.056 1.00 30.33  ? 2140 HOH A O   1 
HETATM 1194 O O   . HOH C 3 .   ? 0.671   -5.609  -19.688 1.00 22.54  ? 2141 HOH A O   1 
HETATM 1195 O O   . HOH C 3 .   ? 5.382   -10.288 1.407   1.00 16.91  ? 2142 HOH A O   1 
HETATM 1196 O O   . HOH C 3 .   ? 0.916   -11.091 -12.285 1.00 28.42  ? 2143 HOH A O   1 
HETATM 1197 O O   . HOH C 3 .   ? -4.466  -10.726 -5.424  1.00 31.00  ? 2144 HOH A O   1 
HETATM 1198 O O   . HOH C 3 .   ? -3.149  16.220  -0.183  1.00 36.55  ? 2145 HOH A O   1 
HETATM 1199 O O   . HOH C 3 .   ? -13.708 1.634   14.063  0.50 36.50  ? 2146 HOH A O   1 
HETATM 1200 O O   . HOH C 3 .   ? -15.113 0.558   8.495   1.00 19.65  ? 2147 HOH A O   1 
HETATM 1201 O O   . HOH C 3 .   ? 2.004   5.379   7.237   1.00 15.58  ? 2148 HOH A O   1 
HETATM 1202 O O   . HOH C 3 .   ? 16.035  -4.266  -10.470 1.00 15.18  ? 2149 HOH A O   1 
HETATM 1203 O O   . HOH C 3 .   ? 20.533  2.124   -3.133  0.61 25.05  ? 2150 HOH A O   1 
HETATM 1204 O O   . HOH C 3 .   ? -19.625 9.680   2.325   1.00 21.16  ? 2151 HOH A O   1 
HETATM 1205 O O   . HOH C 3 .   ? 9.407   -12.202 0.815   0.61 27.82  ? 2152 HOH A O   1 
HETATM 1206 O O   . HOH C 3 .   ? 0.642   0.014   -16.851 1.00 29.01  ? 2153 HOH A O   1 
HETATM 1207 O O   . HOH C 3 .   ? -14.759 -3.286  -5.067  1.00 39.00  ? 2154 HOH A O   1 
HETATM 1208 O O   . HOH C 3 .   ? -2.576  9.040   9.806   1.00 29.42  ? 2155 HOH A O   1 
HETATM 1209 O O   . HOH C 3 .   ? 13.678  -4.189  7.347   1.00 26.54  ? 2156 HOH A O   1 
HETATM 1210 O O   . HOH C 3 .   ? 20.356  -9.999  -5.575  1.00 37.12  ? 2157 HOH A O   1 
HETATM 1211 O O   . HOH C 3 .   ? 9.810   -3.219  9.093   1.00 35.52  ? 2158 HOH A O   1 
HETATM 1212 O O   . HOH C 3 .   ? -12.195 9.242   -1.185  1.00 30.57  ? 2159 HOH A O   1 
HETATM 1213 O O   . HOH C 3 .   ? -2.057  3.115   11.194  1.00 30.07  ? 2160 HOH A O   1 
HETATM 1214 O O   . HOH C 3 .   ? 7.880   -10.212 0.403   0.61 17.78  ? 2161 HOH A O   1 
HETATM 1215 O O   . HOH C 3 .   ? 9.578   -14.544 -10.201 0.61 35.47  ? 2162 HOH A O   1 
HETATM 1216 O O   . HOH C 3 .   ? -8.813  -1.871  -12.705 1.00 46.76  ? 2163 HOH A O   1 
HETATM 1217 O O   . HOH C 3 .   ? 18.793  6.909   0.863   0.61 20.86  ? 2164 HOH A O   1 
HETATM 1218 O O   . HOH C 3 .   ? 10.184  4.448   1.165   1.00 14.51  ? 2165 HOH A O   1 
HETATM 1219 O O   . HOH C 3 .   ? 0.397   12.846  -3.669  1.00 36.62  ? 2166 HOH A O   1 
HETATM 1220 O O   . HOH C 3 .   ? -2.234  14.662  1.767   1.00 43.95  ? 2167 HOH A O   1 
HETATM 1221 O O   . HOH C 3 .   ? -17.726 17.530  12.234  1.00 15.32  ? 2168 HOH A O   1 
HETATM 1222 O O   . HOH C 3 .   ? 8.609   -14.895 -7.005  0.61 31.89  ? 2169 HOH A O   1 
HETATM 1223 O O   . HOH C 3 .   ? 6.722   -11.981 -17.102 1.00 35.13  ? 2170 HOH A O   1 
HETATM 1224 O O   . HOH C 3 .   ? -10.271 16.535  0.127   1.00 30.60  ? 2171 HOH A O   1 
HETATM 1225 O O   . HOH C 3 .   ? 13.682  6.826   -10.693 1.00 21.28  ? 2172 HOH A O   1 
HETATM 1226 O O   . HOH C 3 .   ? 3.643   1.482   -16.747 1.00 37.49  ? 2173 HOH A O   1 
HETATM 1227 O O   . HOH C 3 .   ? 9.571   1.670   7.799   1.00 26.68  ? 2174 HOH A O   1 
HETATM 1228 O O   . HOH C 3 .   ? 16.542  2.698   2.917   1.00 25.97  ? 2175 HOH A O   1 
HETATM 1229 O O   . HOH C 3 .   ? 7.399   9.251   -9.942  1.00 25.29  ? 2176 HOH A O   1 
HETATM 1230 O O   . HOH C 3 .   ? -16.371 18.386  14.554  1.00 31.21  ? 2177 HOH A O   1 
HETATM 1231 O O   . HOH C 3 .   ? -14.024 -3.146  -10.942 1.00 42.58  ? 2178 HOH A O   1 
HETATM 1232 O O   . HOH C 3 .   ? 6.279   6.100   0.932   1.00 20.59  ? 2179 HOH A O   1 
HETATM 1233 O O   . HOH C 3 .   ? 5.479   8.183   4.889   1.00 33.05  ? 2180 HOH A O   1 
HETATM 1234 O O   . HOH C 3 .   ? -11.743 -4.881  -12.022 1.00 34.16  ? 2181 HOH A O   1 
HETATM 1235 O O   . HOH C 3 .   ? -5.498  -4.409  -16.552 0.61 16.74  ? 2182 HOH A O   1 
HETATM 1236 O O   . HOH C 3 .   ? -0.740  -10.969 -14.743 1.00 28.99  ? 2183 HOH A O   1 
HETATM 1237 O O   . HOH C 3 .   ? -4.800  -8.942  -11.415 1.00 29.02  ? 2184 HOH A O   1 
HETATM 1238 O O   . HOH C 3 .   ? -10.284 13.099  -5.955  1.00 38.07  ? 2185 HOH A O   1 
HETATM 1239 O O   . HOH C 3 .   ? -2.034  7.630   7.193   1.00 25.23  ? 2186 HOH A O   1 
HETATM 1240 O O   . HOH C 3 .   ? 7.787   4.516   4.929   0.61 12.21  ? 2187 HOH A O   1 
HETATM 1241 O O   . HOH C 3 .   ? -8.509  5.955   -6.068  1.00 27.07  ? 2188 HOH A O   1 
HETATM 1242 O O   . HOH C 3 .   ? 1.654   -14.962 0.856   0.61 30.65  ? 2189 HOH A O   1 
HETATM 1243 O O   . HOH C 3 .   ? 9.976   8.479   -9.856  1.00 30.16  ? 2190 HOH A O   1 
HETATM 1244 O O   . HOH C 3 .   ? 3.714   -11.981 -9.169  0.61 22.71  ? 2191 HOH A O   1 
HETATM 1245 O O   . HOH C 3 .   ? -11.249 2.720   -9.858  1.00 37.10  ? 2192 HOH A O   1 
HETATM 1246 O O   . HOH C 3 .   ? -3.436  4.298   12.531  1.00 45.62  ? 2193 HOH A O   1 
HETATM 1247 O O   . HOH C 3 .   ? -17.350 -2.225  2.081   1.00 19.27  ? 2194 HOH A O   1 
HETATM 1248 O O   . HOH C 3 .   ? 18.835  -4.486  -9.083  0.61 35.05  ? 2195 HOH A O   1 
HETATM 1249 O O   . HOH C 3 .   ? -2.228  11.825  2.279   1.00 17.59  ? 2196 HOH A O   1 
HETATM 1250 O O   . HOH C 3 .   ? 5.565   -0.128  8.956   1.00 25.21  ? 2197 HOH A O   1 
HETATM 1251 O O   . HOH C 3 .   ? 10.311  5.203   -1.525  1.00 13.52  ? 2198 HOH A O   1 
HETATM 1252 O O   . HOH C 3 .   ? -8.939  7.185   13.899  1.00 23.19  ? 2199 HOH A O   1 
HETATM 1253 O O   . HOH C 3 .   ? -18.818 1.701   -0.046  1.00 22.97  ? 2200 HOH A O   1 
HETATM 1254 O O   . HOH C 3 .   ? -6.406  -5.904  -14.678 0.61 22.76  ? 2201 HOH A O   1 
HETATM 1255 O O   . HOH C 3 .   ? 12.149  9.239   -3.468  1.00 34.33  ? 2202 HOH A O   1 
HETATM 1256 O O   . HOH C 3 .   ? 15.823  8.470   -6.998  1.00 34.55  ? 2203 HOH A O   1 
HETATM 1257 O O   . HOH C 3 .   ? 1.305   10.726  8.338   1.00 53.43  ? 2204 HOH A O   1 
HETATM 1258 O O   . HOH C 3 .   ? -12.698 13.794  16.501  1.00 36.14  ? 2205 HOH A O   1 
HETATM 1259 O O   . HOH C 3 .   ? 0.831   13.723  -5.699  1.00 31.12  ? 2206 HOH A O   1 
HETATM 1260 O O   . HOH C 3 .   ? -17.910 -3.453  -7.506  1.00 47.09  ? 2207 HOH A O   1 
HETATM 1261 O O   . HOH C 3 .   ? -6.585  10.203  12.539  1.00 45.70  ? 2208 HOH A O   1 
HETATM 1262 O O   . HOH C 3 .   ? -1.196  -12.461 6.226   0.61 30.63  ? 2209 HOH A O   1 
HETATM 1263 O O   . HOH C 3 .   ? -18.074 -2.281  5.364   0.50 12.18  ? 2210 HOH A O   1 
HETATM 1264 O O   . HOH C 3 .   ? 0.657   -9.513  7.262   1.00 35.76  ? 2211 HOH A O   1 
HETATM 1265 O O   . HOH C 3 .   ? 4.342   11.152  -3.514  1.00 28.83  ? 2212 HOH A O   1 
HETATM 1266 O O   . HOH C 3 .   ? -8.904  15.278  -4.159  1.00 32.78  ? 2213 HOH A O   1 
HETATM 1267 O O   . HOH C 3 .   ? -9.249  15.151  15.088  1.00 31.93  ? 2214 HOH A O   1 
HETATM 1268 O O   . HOH C 3 .   ? 5.278   -12.534 3.105   1.00 32.21  ? 2215 HOH A O   1 
HETATM 1269 O O   . HOH C 3 .   ? 10.126  9.706   -5.280  1.00 34.44  ? 2216 HOH A O   1 
HETATM 1270 O O   . HOH C 3 .   ? -8.942  9.312   12.248  1.00 23.49  ? 2217 HOH A O   1 
HETATM 1271 O O   . HOH C 3 .   ? 2.835   -16.804 -0.415  0.61 45.28  ? 2218 HOH A O   1 
# 
